data_7PBE
#
_entry.id   7PBE
#
_cell.length_a   229.240
_cell.length_b   46.450
_cell.length_c   184.720
_cell.angle_alpha   90.000
_cell.angle_beta   96.750
_cell.angle_gamma   90.000
#
_symmetry.space_group_name_H-M   'C 1 2 1'
#
loop_
_entity.id
_entity.type
_entity.pdbx_description
1 polymer 'MHC class I antigen'
2 polymer Beta-2-microglobulin
3 polymer 'Spike protein S1'
4 polymer 'Human T-cell Receptor YLQ36, alpha chain'
5 polymer 'Human T-cell Receptor YLQ36, beta chain'
6 non-polymer DI(HYDROXYETHYL)ETHER
7 non-polymer 'SULFATE ION'
#
loop_
_entity_poly.entity_id
_entity_poly.type
_entity_poly.pdbx_seq_one_letter_code
_entity_poly.pdbx_strand_id
1 'polypeptide(L)'
;GSHSMRYFFTSVSRPGRGEPRFIAVGYVDDTQFVRFDSDAASQRMEPRAPWIEQEGPEYWDGETRKVKAHSQTHRVDLGT
LRGYYNQSEAGSHTVQRMYGCDVGSDWRFLRGYHQYAYDGKDYIALKEDLRSWTAADMAAQTTKHKWEAAHVAEQLRAYL
EGTCVEWLRRYLENGKETLQRTDAPKTHMTHHAVSDHEATLRCWALSFYPAEITLTWQRDGEDQTQDTELVETRPAGDGT
FQKWAAVVVPSGQEQRYTCHVQHEGLPKPLTLRWEP
;
A,F
2 'polypeptide(L)'
;MIQRTPKIQVYSRHPAENGKSNFLNCYVSGFHPSDIEVDLLKNGERIEKVEHSDLSFSKDWSFYLLYYTEFTPTEKDEYA
CRVNHVTLSQPKIVKWDRDM
;
B,G
3 'polypeptide(L)' YLQPRTFLL C,H
4 'polypeptide(L)'
;RKEVEQDPGPFNVPEGATVAFNCTYSNSASQSFFWYRQDCRLEPKLIMSVYSSGNEDGRFTAQLNRASQYISLLIRDSKL
SDSATYLCVVNINTDKLIFGTGTRLQVFPNIQNPDPAVYQLRDSKSSDKSVCLFTDFDSQTNVSQSKDSDVYITDKCVLD
MRSMDFKSNSAVAWSNKSDFACANAFNNSIIPEDTFFPSPESS
;
D,I
5 'polypeptide(L)'
;DTGVSQDPRHKITKRGQNVTFRCDPISEHNRLYWYRQTLGQGPEFLTYFQNEAQLEKSRLLSDRFSAERPKGSFSTLEIQ
RTEQGDSAMYLCASSSANSGELFFGEGSRLTVLEDLKNVFPPEVAVFEPSEAEISHTQKATLVCLATGFYPDHVELSWWV
NGKEVHSGVCTDPQPLKEQPALNDSRYALSSRLRVSATFWQDPRNHFRCQVQFYGLSENDEWTQDRAKPVTQIVSAEAWG
RAD
;
E,J
#
loop_
_chem_comp.id
_chem_comp.type
_chem_comp.name
_chem_comp.formula
PEG non-polymer DI(HYDROXYETHYL)ETHER 'C4 H10 O3'
SO4 non-polymer 'SULFATE ION' 'O4 S -2'
#
# COMPACT_ATOMS: atom_id res chain seq x y z
N GLY A 1 34.53 67.23 -35.09
CA GLY A 1 33.05 67.11 -35.14
C GLY A 1 32.54 66.10 -34.13
N SER A 2 33.22 64.96 -34.04
CA SER A 2 33.01 63.94 -32.98
C SER A 2 33.52 64.48 -31.64
N HIS A 3 33.01 63.92 -30.54
CA HIS A 3 33.39 64.28 -29.15
C HIS A 3 33.39 63.01 -28.30
N SER A 4 33.69 63.13 -27.00
CA SER A 4 33.79 62.00 -26.05
C SER A 4 33.72 62.51 -24.60
N MET A 5 32.88 61.88 -23.77
CA MET A 5 33.06 61.80 -22.29
C MET A 5 33.78 60.49 -21.96
N ARG A 6 34.71 60.53 -21.02
CA ARG A 6 35.42 59.32 -20.51
C ARG A 6 35.94 59.56 -19.10
N TYR A 7 35.65 58.63 -18.19
CA TYR A 7 36.22 58.57 -16.83
C TYR A 7 37.29 57.48 -16.79
N PHE A 8 38.44 57.79 -16.21
CA PHE A 8 39.59 56.87 -16.04
C PHE A 8 39.80 56.62 -14.53
N PHE A 9 39.90 55.35 -14.14
CA PHE A 9 39.98 54.91 -12.74
C PHE A 9 41.25 54.09 -12.53
N THR A 10 41.96 54.36 -11.44
CA THR A 10 43.25 53.74 -11.09
C THR A 10 43.23 53.35 -9.62
N SER A 11 43.16 52.05 -9.33
CA SER A 11 43.22 51.50 -7.95
C SER A 11 44.52 50.71 -7.80
N VAL A 12 45.29 51.03 -6.74
CA VAL A 12 46.59 50.38 -6.40
C VAL A 12 46.51 49.88 -4.97
N SER A 13 46.71 48.58 -4.76
CA SER A 13 46.76 47.93 -3.42
C SER A 13 48.07 48.30 -2.72
N ARG A 14 48.05 48.38 -1.40
CA ARG A 14 49.20 48.75 -0.56
C ARG A 14 49.36 47.72 0.56
N PRO A 15 50.31 46.78 0.42
CA PRO A 15 50.38 45.63 1.32
C PRO A 15 50.34 45.99 2.80
N GLY A 16 49.60 45.19 3.60
CA GLY A 16 49.63 45.21 5.07
C GLY A 16 48.64 46.19 5.66
N ARG A 17 47.35 45.99 5.37
CA ARG A 17 46.20 46.66 6.03
C ARG A 17 46.01 48.09 5.49
N GLY A 18 46.97 48.60 4.70
CA GLY A 18 46.88 49.92 4.03
C GLY A 18 45.68 49.97 3.09
N GLU A 19 44.82 51.00 3.21
CA GLU A 19 43.77 51.31 2.21
C GLU A 19 44.45 51.67 0.89
N PRO A 20 43.92 51.22 -0.26
CA PRO A 20 44.56 51.44 -1.55
C PRO A 20 44.48 52.90 -2.02
N ARG A 21 45.43 53.33 -2.85
CA ARG A 21 45.35 54.56 -3.66
C ARG A 21 44.19 54.40 -4.64
N PHE A 22 43.34 55.42 -4.75
CA PHE A 22 42.26 55.50 -5.77
C PHE A 22 42.24 56.89 -6.40
N ILE A 23 42.46 56.94 -7.70
CA ILE A 23 42.44 58.18 -8.52
C ILE A 23 41.39 58.02 -9.60
N ALA A 24 40.46 58.97 -9.67
CA ALA A 24 39.45 59.11 -10.75
C ALA A 24 39.62 60.48 -11.42
N VAL A 25 39.63 60.50 -12.74
CA VAL A 25 39.68 61.74 -13.56
C VAL A 25 38.62 61.63 -14.66
N GLY A 26 37.88 62.71 -14.89
CA GLY A 26 36.88 62.81 -15.96
C GLY A 26 37.35 63.74 -17.05
N TYR A 27 37.41 63.22 -18.28
CA TYR A 27 37.75 63.98 -19.50
C TYR A 27 36.47 64.18 -20.34
N VAL A 28 36.29 65.39 -20.89
CA VAL A 28 35.44 65.67 -22.08
C VAL A 28 36.37 65.97 -23.26
N ASP A 29 36.37 65.13 -24.28
CA ASP A 29 37.39 65.10 -25.35
C ASP A 29 38.77 64.90 -24.70
N ASP A 30 39.61 65.93 -24.74
CA ASP A 30 41.04 65.89 -24.32
C ASP A 30 41.25 66.84 -23.14
N THR A 31 40.17 67.20 -22.44
CA THR A 31 40.14 68.27 -21.42
C THR A 31 39.59 67.69 -20.11
N GLN A 32 40.47 67.42 -19.14
CA GLN A 32 40.10 66.94 -17.77
C GLN A 32 39.24 68.02 -17.10
N PHE A 33 38.15 67.61 -16.42
CA PHE A 33 37.14 68.55 -15.84
C PHE A 33 36.82 68.19 -14.38
N VAL A 34 37.03 66.95 -13.98
CA VAL A 34 36.87 66.50 -12.57
C VAL A 34 38.04 65.60 -12.19
N ARG A 35 38.33 65.47 -10.89
CA ARG A 35 39.19 64.41 -10.31
C ARG A 35 38.69 64.07 -8.91
N PHE A 36 38.77 62.77 -8.54
CA PHE A 36 38.85 62.29 -7.14
C PHE A 36 40.24 61.70 -6.90
N ASP A 37 40.75 61.83 -5.68
CA ASP A 37 42.06 61.28 -5.28
C ASP A 37 42.03 60.96 -3.79
N SER A 38 42.02 59.67 -3.45
CA SER A 38 42.03 59.16 -2.05
C SER A 38 43.10 59.90 -1.23
N ASP A 39 44.24 60.22 -1.85
CA ASP A 39 45.41 60.88 -1.18
C ASP A 39 45.01 62.29 -0.73
N ALA A 40 44.59 63.14 -1.66
CA ALA A 40 44.16 64.54 -1.41
C ALA A 40 43.15 64.60 -0.24
N ALA A 41 43.01 65.77 0.38
CA ALA A 41 42.42 65.96 1.74
C ALA A 41 41.05 66.66 1.64
N SER A 42 40.48 66.78 0.44
CA SER A 42 39.07 67.22 0.19
C SER A 42 38.13 66.03 0.42
N GLN A 43 38.41 64.89 -0.26
CA GLN A 43 37.56 63.66 -0.26
C GLN A 43 36.21 63.97 -0.93
N ARG A 44 36.19 64.95 -1.82
CA ARG A 44 35.05 65.25 -2.73
C ARG A 44 35.55 65.18 -4.17
N MET A 45 34.65 65.05 -5.13
CA MET A 45 34.93 65.32 -6.55
C MET A 45 35.29 66.80 -6.69
N GLU A 46 36.48 67.09 -7.21
CA GLU A 46 37.01 68.47 -7.39
C GLU A 46 36.90 68.86 -8.87
N PRO A 47 36.50 70.11 -9.17
CA PRO A 47 36.49 70.60 -10.55
C PRO A 47 37.89 70.98 -11.05
N ARG A 48 38.22 70.61 -12.30
CA ARG A 48 39.57 70.79 -12.90
C ARG A 48 39.49 71.51 -14.26
N ALA A 49 38.28 71.74 -14.76
CA ALA A 49 37.99 72.81 -15.74
C ALA A 49 37.46 74.03 -14.99
N PRO A 50 37.35 75.20 -15.64
CA PRO A 50 36.70 76.36 -15.04
C PRO A 50 35.21 76.48 -15.41
N TRP A 51 34.74 75.65 -16.34
CA TRP A 51 33.36 75.72 -16.91
C TRP A 51 32.43 74.76 -16.16
N ILE A 52 33.01 73.78 -15.45
CA ILE A 52 32.26 72.78 -14.63
C ILE A 52 32.07 73.32 -13.21
N GLU A 53 32.68 74.46 -12.89
CA GLU A 53 32.68 75.06 -11.53
C GLU A 53 31.32 75.69 -11.26
N GLN A 54 30.55 75.99 -12.31
CA GLN A 54 29.26 76.70 -12.20
C GLN A 54 28.18 75.73 -11.68
N GLU A 55 28.40 74.43 -11.79
CA GLU A 55 27.47 73.35 -11.30
C GLU A 55 27.28 73.52 -9.78
N GLY A 56 26.04 73.36 -9.31
CA GLY A 56 25.61 73.74 -7.94
C GLY A 56 25.93 72.64 -6.93
N PRO A 57 25.78 72.93 -5.61
CA PRO A 57 26.18 71.98 -4.56
C PRO A 57 25.54 70.60 -4.75
N GLU A 58 24.39 70.56 -5.45
CA GLU A 58 23.64 69.32 -5.77
C GLU A 58 24.55 68.37 -6.57
N TYR A 59 24.94 68.78 -7.78
CA TYR A 59 25.79 67.99 -8.73
C TYR A 59 27.01 67.43 -7.99
N TRP A 60 27.64 68.26 -7.16
CA TRP A 60 28.95 67.98 -6.51
C TRP A 60 28.76 66.93 -5.43
N ASP A 61 27.90 67.20 -4.45
CA ASP A 61 27.37 66.18 -3.50
C ASP A 61 27.03 64.90 -4.29
N GLY A 62 26.39 65.05 -5.45
CA GLY A 62 25.97 63.94 -6.32
C GLY A 62 27.16 63.10 -6.76
N GLU A 63 28.04 63.68 -7.56
CA GLU A 63 29.25 63.00 -8.11
C GLU A 63 30.04 62.38 -6.96
N THR A 64 30.21 63.10 -5.86
CA THR A 64 30.99 62.67 -4.68
C THR A 64 30.45 61.32 -4.18
N ARG A 65 29.13 61.19 -4.03
CA ARG A 65 28.47 59.95 -3.54
C ARG A 65 28.84 58.78 -4.47
N LYS A 66 28.82 59.03 -5.78
CA LYS A 66 29.08 58.01 -6.82
C LYS A 66 30.55 57.61 -6.79
N VAL A 67 31.46 58.58 -6.68
CA VAL A 67 32.93 58.35 -6.74
C VAL A 67 33.35 57.60 -5.47
N LYS A 68 32.70 57.89 -4.34
CA LYS A 68 32.92 57.17 -3.06
C LYS A 68 32.39 55.74 -3.17
N ALA A 69 31.30 55.55 -3.92
CA ALA A 69 30.74 54.23 -4.23
C ALA A 69 31.70 53.46 -5.15
N HIS A 70 32.22 54.13 -6.18
CA HIS A 70 33.19 53.58 -7.17
C HIS A 70 34.46 53.13 -6.44
N SER A 71 34.97 53.96 -5.53
CA SER A 71 36.21 53.75 -4.76
C SER A 71 36.13 52.44 -4.00
N GLN A 72 35.10 52.30 -3.18
CA GLN A 72 34.84 51.13 -2.31
C GLN A 72 34.65 49.88 -3.18
N THR A 73 34.03 50.03 -4.35
CA THR A 73 33.78 48.91 -5.30
C THR A 73 35.13 48.38 -5.79
N HIS A 74 36.11 49.25 -6.00
CA HIS A 74 37.45 48.89 -6.55
C HIS A 74 38.34 48.34 -5.43
N ARG A 75 38.21 48.85 -4.21
CA ARG A 75 38.88 48.27 -3.02
C ARG A 75 38.54 46.79 -2.95
N VAL A 76 37.29 46.44 -3.26
CA VAL A 76 36.74 45.05 -3.22
C VAL A 76 37.27 44.28 -4.42
N ASP A 77 37.21 44.89 -5.62
CA ASP A 77 37.66 44.29 -6.90
C ASP A 77 39.10 43.79 -6.74
N LEU A 78 39.93 44.54 -6.02
CA LEU A 78 41.34 44.20 -5.75
C LEU A 78 41.39 42.88 -4.99
N GLY A 79 40.74 42.82 -3.82
CA GLY A 79 40.63 41.61 -2.99
C GLY A 79 40.22 40.41 -3.82
N THR A 80 39.33 40.62 -4.78
CA THR A 80 38.68 39.57 -5.59
C THR A 80 39.70 39.01 -6.59
N LEU A 81 40.44 39.88 -7.28
CA LEU A 81 41.41 39.47 -8.32
C LEU A 81 42.61 38.78 -7.64
N ARG A 82 43.02 39.25 -6.46
CA ARG A 82 44.05 38.60 -5.62
C ARG A 82 43.63 37.15 -5.36
N GLY A 83 42.33 36.95 -5.12
CA GLY A 83 41.71 35.63 -4.92
C GLY A 83 41.73 34.80 -6.20
N TYR A 84 41.29 35.37 -7.33
CA TYR A 84 41.07 34.65 -8.61
C TYR A 84 42.40 34.09 -9.09
N TYR A 85 43.50 34.85 -8.91
CA TYR A 85 44.85 34.53 -9.47
C TYR A 85 45.70 33.80 -8.42
N ASN A 86 45.22 33.76 -7.17
CA ASN A 86 45.92 33.10 -6.03
C ASN A 86 47.22 33.86 -5.72
N GLN A 87 47.24 35.17 -5.97
CA GLN A 87 48.36 36.08 -5.60
C GLN A 87 48.31 36.32 -4.08
N SER A 88 49.39 36.90 -3.53
CA SER A 88 49.71 36.91 -2.07
C SER A 88 49.42 38.29 -1.47
N GLU A 89 49.54 38.40 -0.14
CA GLU A 89 49.12 39.59 0.65
C GLU A 89 50.15 40.71 0.48
N ALA A 90 51.35 40.37 -0.02
CA ALA A 90 52.61 41.15 0.14
C ALA A 90 52.91 41.96 -1.13
N GLY A 91 52.25 41.65 -2.24
CA GLY A 91 52.37 42.41 -3.51
C GLY A 91 51.35 43.53 -3.60
N SER A 92 51.75 44.67 -4.18
CA SER A 92 50.84 45.73 -4.71
C SER A 92 50.38 45.36 -6.12
N HIS A 93 49.08 45.49 -6.39
CA HIS A 93 48.46 45.22 -7.73
C HIS A 93 47.56 46.41 -8.14
N THR A 94 47.31 46.51 -9.45
CA THR A 94 46.74 47.70 -10.09
C THR A 94 45.54 47.29 -10.93
N VAL A 95 44.35 47.78 -10.58
CA VAL A 95 43.13 47.73 -11.44
C VAL A 95 42.95 49.09 -12.10
N GLN A 96 42.92 49.11 -13.42
CA GLN A 96 42.54 50.28 -14.23
C GLN A 96 41.20 50.01 -14.86
N ARG A 97 40.31 51.01 -14.85
CA ARG A 97 38.96 50.94 -15.45
C ARG A 97 38.70 52.22 -16.22
N MET A 98 38.34 52.09 -17.49
CA MET A 98 37.83 53.21 -18.33
C MET A 98 36.43 52.83 -18.84
N TYR A 99 35.46 53.75 -18.69
CA TYR A 99 34.18 53.73 -19.44
C TYR A 99 33.81 55.14 -19.87
N GLY A 100 32.87 55.23 -20.81
CA GLY A 100 32.42 56.50 -21.43
C GLY A 100 31.80 56.27 -22.80
N CYS A 101 31.22 57.33 -23.37
CA CYS A 101 30.52 57.32 -24.67
C CYS A 101 31.34 58.06 -25.72
N ASP A 102 31.02 57.87 -26.99
CA ASP A 102 31.42 58.74 -28.13
C ASP A 102 30.15 59.25 -28.81
N VAL A 103 30.14 60.50 -29.25
CA VAL A 103 29.09 61.08 -30.13
C VAL A 103 29.72 61.51 -31.46
N GLY A 104 28.90 61.78 -32.47
CA GLY A 104 29.35 62.12 -33.82
C GLY A 104 29.24 63.61 -34.07
N SER A 105 29.58 64.06 -35.28
CA SER A 105 29.17 65.36 -35.82
C SER A 105 27.74 65.67 -35.37
N ASP A 106 26.94 64.62 -35.17
CA ASP A 106 25.49 64.67 -34.83
C ASP A 106 25.34 65.16 -33.38
N TRP A 107 26.16 64.65 -32.46
CA TRP A 107 25.97 64.72 -30.97
C TRP A 107 24.96 63.66 -30.53
N ARG A 108 24.10 63.22 -31.45
CA ARG A 108 23.22 62.03 -31.29
C ARG A 108 23.82 60.86 -32.08
N PHE A 109 24.92 60.30 -31.56
CA PHE A 109 25.60 59.07 -32.06
C PHE A 109 25.76 58.13 -30.86
N LEU A 110 26.41 57.00 -31.07
CA LEU A 110 26.89 56.13 -29.98
C LEU A 110 28.12 55.34 -30.46
N ARG A 111 29.20 55.39 -29.66
CA ARG A 111 30.09 54.24 -29.37
C ARG A 111 30.30 54.19 -27.85
N GLY A 112 30.01 53.03 -27.24
CA GLY A 112 30.09 52.84 -25.78
C GLY A 112 31.33 52.05 -25.38
N TYR A 113 31.96 52.43 -24.26
CA TYR A 113 33.16 51.78 -23.69
C TYR A 113 32.93 51.45 -22.22
N HIS A 114 33.39 50.28 -21.78
CA HIS A 114 33.52 49.90 -20.33
C HIS A 114 34.41 48.67 -20.21
N GLN A 115 35.70 48.88 -19.85
CA GLN A 115 36.76 47.84 -19.86
C GLN A 115 37.62 47.97 -18.61
N TYR A 116 38.40 46.94 -18.34
CA TYR A 116 39.27 46.83 -17.14
C TYR A 116 40.67 46.37 -17.58
N ALA A 117 41.65 46.57 -16.70
CA ALA A 117 43.00 45.96 -16.79
C ALA A 117 43.54 45.72 -15.37
N TYR A 118 44.02 44.50 -15.11
CA TYR A 118 44.68 44.09 -13.85
C TYR A 118 46.18 43.94 -14.10
N ASP A 119 46.98 44.73 -13.41
CA ASP A 119 48.46 44.63 -13.43
C ASP A 119 48.97 44.79 -14.88
N GLY A 120 48.34 45.70 -15.65
CA GLY A 120 48.87 46.23 -16.92
C GLY A 120 48.30 45.50 -18.14
N LYS A 121 47.91 44.23 -17.96
CA LYS A 121 47.19 43.42 -18.99
C LYS A 121 45.70 43.79 -18.98
N ASP A 122 45.03 43.66 -20.14
CA ASP A 122 43.54 43.67 -20.25
C ASP A 122 42.98 42.50 -19.43
N TYR A 123 41.79 42.69 -18.86
CA TYR A 123 41.08 41.68 -18.04
C TYR A 123 39.74 41.32 -18.70
N ILE A 124 38.74 42.20 -18.56
CA ILE A 124 37.42 42.11 -19.26
C ILE A 124 37.10 43.45 -19.93
N ALA A 125 36.38 43.42 -21.04
CA ALA A 125 35.98 44.61 -21.81
C ALA A 125 34.66 44.34 -22.55
N LEU A 126 33.72 45.28 -22.49
CA LEU A 126 32.46 45.24 -23.26
C LEU A 126 32.77 45.45 -24.74
N LYS A 127 32.37 44.51 -25.59
CA LYS A 127 32.57 44.58 -27.05
C LYS A 127 31.79 45.76 -27.62
N GLU A 128 31.94 46.04 -28.92
CA GLU A 128 31.31 47.20 -29.62
C GLU A 128 29.79 47.07 -29.54
N ASP A 129 29.25 45.84 -29.69
CA ASP A 129 27.79 45.57 -29.83
C ASP A 129 27.06 45.90 -28.52
N LEU A 130 27.75 45.83 -27.38
CA LEU A 130 27.28 46.31 -26.05
C LEU A 130 26.44 45.24 -25.35
N ARG A 131 26.39 44.02 -25.91
CA ARG A 131 25.63 42.87 -25.35
C ARG A 131 26.60 41.76 -24.94
N SER A 132 27.88 41.88 -25.33
CA SER A 132 28.89 40.80 -25.25
C SER A 132 30.14 41.29 -24.54
N TRP A 133 30.86 40.38 -23.89
CA TRP A 133 32.10 40.63 -23.13
C TRP A 133 33.25 39.87 -23.79
N THR A 134 34.45 40.42 -23.76
CA THR A 134 35.71 39.71 -24.13
C THR A 134 36.52 39.48 -22.85
N ALA A 135 36.84 38.21 -22.56
CA ALA A 135 37.44 37.75 -21.28
C ALA A 135 38.82 37.16 -21.55
N ALA A 136 39.86 37.89 -21.13
CA ALA A 136 41.28 37.55 -21.27
C ALA A 136 41.49 36.06 -20.90
N ASP A 137 41.56 35.80 -19.60
CA ASP A 137 41.97 34.49 -19.02
C ASP A 137 40.78 33.90 -18.25
N MET A 138 40.97 32.72 -17.65
CA MET A 138 39.96 32.02 -16.80
C MET A 138 39.43 32.97 -15.73
N ALA A 139 40.33 33.66 -15.01
CA ALA A 139 39.99 34.58 -13.91
C ALA A 139 38.94 35.58 -14.38
N ALA A 140 39.09 36.10 -15.61
CA ALA A 140 38.16 37.06 -16.25
C ALA A 140 36.90 36.31 -16.72
N GLN A 141 37.04 35.05 -17.12
CA GLN A 141 35.92 34.18 -17.54
C GLN A 141 34.94 34.03 -16.38
N THR A 142 35.43 34.07 -15.14
CA THR A 142 34.61 34.07 -13.90
C THR A 142 33.73 35.33 -13.89
N THR A 143 34.31 36.49 -14.16
CA THR A 143 33.61 37.81 -14.16
C THR A 143 32.61 37.86 -15.32
N LYS A 144 32.96 37.28 -16.46
CA LYS A 144 32.09 37.25 -17.67
C LYS A 144 30.79 36.55 -17.30
N HIS A 145 30.87 35.37 -16.68
CA HIS A 145 29.71 34.59 -16.15
C HIS A 145 28.86 35.48 -15.25
N LYS A 146 29.42 35.96 -14.16
CA LYS A 146 28.73 36.81 -13.14
C LYS A 146 27.92 37.91 -13.85
N TRP A 147 28.49 38.50 -14.90
CA TRP A 147 28.02 39.77 -15.56
C TRP A 147 27.06 39.47 -16.71
N GLU A 148 27.09 38.25 -17.23
CA GLU A 148 26.06 37.72 -18.15
C GLU A 148 24.83 37.35 -17.31
N ALA A 149 25.04 36.61 -16.22
CA ALA A 149 23.99 36.06 -15.33
C ALA A 149 23.26 37.20 -14.63
N ALA A 150 23.89 38.36 -14.51
CA ALA A 150 23.38 39.53 -13.76
C ALA A 150 22.81 40.57 -14.72
N HIS A 151 23.03 40.39 -16.03
CA HIS A 151 22.57 41.30 -17.12
C HIS A 151 23.24 42.66 -16.97
N VAL A 152 24.48 42.69 -16.50
CA VAL A 152 25.29 43.94 -16.31
C VAL A 152 25.33 44.71 -17.65
N ALA A 153 25.67 44.01 -18.74
CA ALA A 153 25.76 44.56 -20.11
C ALA A 153 24.58 45.52 -20.36
N GLU A 154 23.35 45.03 -20.22
CA GLU A 154 22.11 45.74 -20.59
C GLU A 154 21.93 46.95 -19.65
N GLN A 155 22.42 46.85 -18.41
CA GLN A 155 22.33 47.92 -17.39
C GLN A 155 23.25 49.07 -17.78
N LEU A 156 24.49 48.75 -18.18
CA LEU A 156 25.50 49.71 -18.73
C LEU A 156 24.83 50.60 -19.77
N ARG A 157 24.23 49.98 -20.79
CA ARG A 157 23.73 50.67 -22.01
C ARG A 157 22.86 51.85 -21.60
N ALA A 158 22.01 51.66 -20.59
CA ALA A 158 21.08 52.68 -20.06
C ALA A 158 21.85 53.95 -19.69
N TYR A 159 23.13 53.81 -19.32
CA TYR A 159 24.07 54.94 -19.03
C TYR A 159 24.83 55.32 -20.31
N LEU A 160 25.46 54.35 -20.97
CA LEU A 160 26.33 54.55 -22.17
C LEU A 160 25.52 55.22 -23.29
N GLU A 161 24.30 54.74 -23.54
CA GLU A 161 23.40 55.23 -24.63
C GLU A 161 22.60 56.43 -24.12
N GLY A 162 22.47 56.58 -22.80
CA GLY A 162 21.50 57.50 -22.17
C GLY A 162 22.20 58.70 -21.55
N THR A 163 22.42 58.67 -20.23
CA THR A 163 22.83 59.83 -19.39
C THR A 163 24.27 60.26 -19.77
N CYS A 164 25.14 59.31 -20.15
CA CYS A 164 26.49 59.59 -20.71
C CYS A 164 26.36 60.63 -21.83
N VAL A 165 25.66 60.28 -22.91
CA VAL A 165 25.41 61.18 -24.08
C VAL A 165 24.80 62.49 -23.56
N GLU A 166 23.70 62.39 -22.82
CA GLU A 166 22.92 63.58 -22.35
C GLU A 166 23.88 64.60 -21.70
N TRP A 167 24.76 64.12 -20.82
CA TRP A 167 25.65 64.99 -20.00
C TRP A 167 26.86 65.44 -20.83
N LEU A 168 27.39 64.57 -21.70
CA LEU A 168 28.38 64.94 -22.75
C LEU A 168 27.86 66.17 -23.49
N ARG A 169 26.69 66.04 -24.11
CA ARG A 169 25.96 67.14 -24.79
C ARG A 169 25.90 68.36 -23.85
N ARG A 170 25.41 68.18 -22.62
CA ARG A 170 25.18 69.27 -21.65
C ARG A 170 26.49 70.02 -21.43
N TYR A 171 27.62 69.31 -21.43
CA TYR A 171 28.98 69.84 -21.12
C TYR A 171 29.51 70.62 -22.31
N LEU A 172 29.36 70.08 -23.52
CA LEU A 172 29.82 70.70 -24.79
C LEU A 172 29.14 72.07 -24.98
N GLU A 173 27.92 72.23 -24.48
CA GLU A 173 27.14 73.51 -24.53
C GLU A 173 27.83 74.53 -23.62
N ASN A 174 28.02 74.18 -22.34
CA ASN A 174 28.50 75.10 -21.28
C ASN A 174 29.98 75.40 -21.52
N GLY A 175 30.75 74.37 -21.93
CA GLY A 175 32.18 74.49 -22.30
C GLY A 175 32.42 75.64 -23.25
N LYS A 176 31.51 75.86 -24.20
CA LYS A 176 31.51 77.01 -25.14
C LYS A 176 32.85 77.02 -25.91
N GLU A 177 33.63 78.10 -25.76
CA GLU A 177 34.83 78.40 -26.59
C GLU A 177 35.95 77.43 -26.21
N THR A 178 35.92 76.91 -24.98
CA THR A 178 36.92 75.96 -24.43
C THR A 178 36.85 74.63 -25.20
N LEU A 179 35.70 73.95 -25.14
CA LEU A 179 35.55 72.51 -25.50
C LEU A 179 35.34 72.35 -27.01
N GLN A 180 34.80 73.38 -27.69
CA GLN A 180 34.32 73.30 -29.10
C GLN A 180 35.24 74.10 -30.04
N ARG A 181 36.30 74.71 -29.50
CA ARG A 181 37.37 75.38 -30.30
C ARG A 181 38.19 74.33 -31.05
N THR A 182 38.84 74.73 -32.15
CA THR A 182 39.77 73.88 -32.93
C THR A 182 41.01 74.71 -33.28
N ASP A 183 41.86 74.97 -32.27
CA ASP A 183 43.12 75.76 -32.39
C ASP A 183 44.05 75.08 -33.41
N ALA A 184 44.52 75.83 -34.40
CA ALA A 184 45.29 75.33 -35.56
C ALA A 184 46.76 75.20 -35.16
N PRO A 185 47.51 74.22 -35.73
CA PRO A 185 48.94 74.12 -35.51
C PRO A 185 49.73 75.25 -36.20
N LYS A 186 50.50 76.01 -35.42
CA LYS A 186 51.65 76.82 -35.90
C LYS A 186 52.82 75.88 -36.18
N THR A 187 53.32 75.88 -37.43
CA THR A 187 54.30 74.89 -37.95
C THR A 187 55.52 75.62 -38.52
N HIS A 188 56.69 74.99 -38.42
CA HIS A 188 57.98 75.44 -39.02
C HIS A 188 58.93 74.24 -39.13
N MET A 189 60.22 74.50 -39.35
CA MET A 189 61.26 73.45 -39.55
C MET A 189 62.61 73.96 -39.02
N THR A 190 63.60 73.07 -38.92
CA THR A 190 64.94 73.34 -38.31
C THR A 190 66.03 72.71 -39.18
N HIS A 191 67.29 73.12 -38.95
CA HIS A 191 68.52 72.48 -39.49
C HIS A 191 69.68 72.68 -38.50
N HIS A 192 69.59 72.06 -37.31
CA HIS A 192 70.76 71.64 -36.48
C HIS A 192 71.31 70.33 -37.05
N ALA A 193 72.64 70.18 -37.08
CA ALA A 193 73.36 69.06 -37.72
C ALA A 193 74.74 68.91 -37.08
N VAL A 194 75.14 67.66 -36.81
CA VAL A 194 76.42 67.31 -36.09
C VAL A 194 77.34 66.54 -37.06
N SER A 195 77.13 66.68 -38.38
CA SER A 195 77.94 66.04 -39.43
C SER A 195 78.13 67.00 -40.61
N ASP A 196 78.98 66.62 -41.57
CA ASP A 196 79.30 67.43 -42.78
C ASP A 196 78.49 66.90 -43.96
N HIS A 197 78.48 65.57 -44.16
CA HIS A 197 77.76 64.88 -45.26
C HIS A 197 76.48 64.22 -44.73
N GLU A 198 75.90 64.80 -43.66
CA GLU A 198 74.52 64.48 -43.18
C GLU A 198 73.83 65.78 -42.74
N ALA A 199 72.54 65.70 -42.39
CA ALA A 199 71.71 66.86 -41.96
C ALA A 199 70.39 66.35 -41.36
N THR A 200 69.90 67.02 -40.32
CA THR A 200 68.68 66.67 -39.56
C THR A 200 67.57 67.67 -39.89
N LEU A 201 66.35 67.18 -40.16
CA LEU A 201 65.15 68.01 -40.49
C LEU A 201 64.05 67.69 -39.49
N ARG A 202 63.53 68.72 -38.79
CA ARG A 202 62.43 68.60 -37.80
C ARG A 202 61.21 69.38 -38.28
N CYS A 203 60.08 68.70 -38.49
CA CYS A 203 58.76 69.29 -38.86
C CYS A 203 57.95 69.56 -37.59
N TRP A 204 58.03 70.79 -37.06
CA TRP A 204 57.41 71.21 -35.78
C TRP A 204 55.91 71.44 -35.96
N ALA A 205 55.14 71.27 -34.89
CA ALA A 205 53.70 71.62 -34.80
C ALA A 205 53.34 71.92 -33.35
N LEU A 206 53.03 73.18 -33.04
CA LEU A 206 52.76 73.66 -31.66
C LEU A 206 51.37 74.33 -31.60
N SER A 207 50.79 74.37 -30.39
CA SER A 207 49.65 75.25 -30.01
C SER A 207 48.38 74.79 -30.74
N PHE A 208 48.18 73.49 -30.91
CA PHE A 208 47.03 72.91 -31.65
C PHE A 208 46.11 72.14 -30.70
N TYR A 209 44.80 72.16 -31.00
CA TYR A 209 43.71 71.43 -30.30
C TYR A 209 42.64 71.06 -31.33
N PRO A 210 42.03 69.85 -31.23
CA PRO A 210 42.37 68.88 -30.19
C PRO A 210 43.71 68.16 -30.47
N ALA A 211 44.03 67.16 -29.65
CA ALA A 211 45.36 66.50 -29.59
C ALA A 211 45.65 65.79 -30.93
N GLU A 212 44.68 65.06 -31.46
CA GLU A 212 44.87 64.17 -32.65
C GLU A 212 45.45 64.99 -33.81
N ILE A 213 46.34 64.39 -34.60
CA ILE A 213 47.18 65.09 -35.62
C ILE A 213 48.01 64.05 -36.39
N THR A 214 48.36 64.37 -37.63
CA THR A 214 49.06 63.46 -38.57
C THR A 214 50.25 64.20 -39.21
N LEU A 215 51.47 63.74 -38.94
CA LEU A 215 52.74 64.34 -39.44
C LEU A 215 53.45 63.32 -40.34
N THR A 216 52.88 63.05 -41.52
CA THR A 216 53.49 62.23 -42.59
C THR A 216 54.81 62.87 -43.03
N TRP A 217 55.69 62.09 -43.65
CA TRP A 217 56.97 62.56 -44.23
C TRP A 217 57.29 61.75 -45.49
N GLN A 218 57.21 62.39 -46.66
CA GLN A 218 57.33 61.74 -47.99
C GLN A 218 58.65 62.14 -48.64
N ARG A 219 59.37 61.17 -49.22
CA ARG A 219 60.50 61.40 -50.17
C ARG A 219 59.93 61.42 -51.59
N ASP A 220 59.83 62.61 -52.20
CA ASP A 220 59.43 62.80 -53.62
C ASP A 220 58.04 62.16 -53.85
N GLY A 221 57.14 62.28 -52.87
CA GLY A 221 55.73 61.84 -52.96
C GLY A 221 55.58 60.36 -52.64
N GLU A 222 56.39 59.84 -51.72
CA GLU A 222 56.30 58.44 -51.19
C GLU A 222 56.67 58.43 -49.71
N ASP A 223 55.69 58.16 -48.83
CA ASP A 223 55.83 58.17 -47.35
C ASP A 223 57.07 57.37 -46.95
N GLN A 224 57.77 57.82 -45.89
CA GLN A 224 59.01 57.19 -45.36
C GLN A 224 58.88 57.00 -43.85
N THR A 225 58.92 55.74 -43.38
CA THR A 225 58.97 55.34 -41.95
C THR A 225 60.42 55.32 -41.47
N GLN A 226 61.36 55.09 -42.39
CA GLN A 226 62.80 54.84 -42.10
C GLN A 226 63.48 56.16 -41.73
N ASP A 227 64.10 56.22 -40.54
CA ASP A 227 64.87 57.38 -40.04
C ASP A 227 63.92 58.41 -39.41
N THR A 228 62.60 58.22 -39.62
CA THR A 228 61.53 59.17 -39.20
C THR A 228 61.34 59.09 -37.67
N GLU A 229 62.11 59.89 -36.93
CA GLU A 229 62.00 60.03 -35.45
C GLU A 229 60.73 60.83 -35.12
N LEU A 230 59.70 60.14 -34.64
CA LEU A 230 58.39 60.72 -34.24
C LEU A 230 58.19 60.55 -32.73
N VAL A 231 57.92 61.64 -32.01
CA VAL A 231 57.63 61.64 -30.55
C VAL A 231 56.12 61.66 -30.34
N GLU A 232 55.64 60.94 -29.31
CA GLU A 232 54.28 61.08 -28.74
C GLU A 232 53.89 62.56 -28.79
N THR A 233 52.66 62.86 -29.21
CA THR A 233 52.03 64.18 -29.04
C THR A 233 52.04 64.53 -27.55
N ARG A 234 52.56 65.70 -27.19
CA ARG A 234 52.77 66.11 -25.79
C ARG A 234 51.93 67.36 -25.50
N PRO A 235 51.44 67.52 -24.26
CA PRO A 235 50.75 68.72 -23.86
C PRO A 235 51.72 69.87 -23.57
N ALA A 236 51.45 71.06 -24.13
CA ALA A 236 52.15 72.32 -23.81
C ALA A 236 51.72 72.81 -22.42
N GLY A 237 50.58 72.30 -21.91
CA GLY A 237 50.14 72.48 -20.50
C GLY A 237 49.23 73.70 -20.35
N ASP A 238 49.05 74.48 -21.43
CA ASP A 238 48.20 75.69 -21.46
C ASP A 238 46.80 75.30 -21.97
N GLY A 239 46.65 74.07 -22.48
CA GLY A 239 45.41 73.56 -23.11
C GLY A 239 45.67 73.00 -24.50
N THR A 240 46.65 73.56 -25.22
CA THR A 240 47.09 73.07 -26.56
C THR A 240 48.07 71.91 -26.38
N PHE A 241 48.54 71.34 -27.49
CA PHE A 241 49.43 70.15 -27.55
C PHE A 241 50.50 70.35 -28.62
N GLN A 242 51.64 69.68 -28.46
CA GLN A 242 52.84 69.81 -29.33
C GLN A 242 53.22 68.42 -29.89
N LYS A 243 53.75 68.41 -31.11
CA LYS A 243 54.26 67.20 -31.79
C LYS A 243 55.25 67.64 -32.86
N TRP A 244 56.45 67.06 -32.86
CA TRP A 244 57.44 67.24 -33.96
C TRP A 244 57.81 65.88 -34.55
N ALA A 245 58.22 65.88 -35.82
CA ALA A 245 58.64 64.69 -36.60
C ALA A 245 59.97 64.98 -37.29
N ALA A 246 61.03 64.29 -36.88
CA ALA A 246 62.41 64.45 -37.39
C ALA A 246 62.65 63.44 -38.52
N VAL A 247 63.54 63.80 -39.46
CA VAL A 247 64.13 62.87 -40.46
C VAL A 247 65.59 63.27 -40.70
N VAL A 248 66.51 62.32 -40.57
CA VAL A 248 67.95 62.47 -40.97
C VAL A 248 68.05 62.31 -42.49
N VAL A 249 68.73 63.24 -43.16
CA VAL A 249 68.96 63.25 -44.64
C VAL A 249 70.45 63.45 -44.91
N PRO A 250 70.98 62.95 -46.06
CA PRO A 250 72.32 63.33 -46.51
C PRO A 250 72.40 64.81 -46.90
N SER A 251 73.59 65.41 -46.82
CA SER A 251 73.86 66.84 -47.13
C SER A 251 73.54 67.13 -48.60
N GLY A 252 72.81 68.22 -48.87
CA GLY A 252 72.49 68.69 -50.22
C GLY A 252 71.38 67.87 -50.86
N GLN A 253 70.56 67.20 -50.05
CA GLN A 253 69.45 66.31 -50.51
C GLN A 253 68.13 66.74 -49.85
N GLU A 254 68.12 67.90 -49.19
CA GLU A 254 66.96 68.39 -48.36
C GLU A 254 65.98 69.16 -49.26
N GLN A 255 66.30 69.29 -50.55
CA GLN A 255 65.43 69.93 -51.58
C GLN A 255 64.33 68.94 -52.01
N ARG A 256 64.48 67.66 -51.65
CA ARG A 256 63.59 66.54 -52.07
C ARG A 256 62.43 66.39 -51.07
N TYR A 257 62.73 66.51 -49.77
CA TYR A 257 61.88 66.05 -48.64
C TYR A 257 60.83 67.12 -48.31
N THR A 258 59.57 66.71 -48.20
CA THR A 258 58.39 67.58 -47.94
C THR A 258 57.58 67.00 -46.77
N CYS A 259 57.07 67.87 -45.90
CA CYS A 259 56.22 67.51 -44.73
C CYS A 259 54.73 67.57 -45.14
N HIS A 260 53.85 66.99 -44.31
CA HIS A 260 52.39 66.88 -44.56
C HIS A 260 51.64 66.96 -43.21
N VAL A 261 51.09 68.13 -42.89
CA VAL A 261 50.37 68.42 -41.61
C VAL A 261 48.86 68.34 -41.87
N GLN A 262 48.24 67.21 -41.53
CA GLN A 262 46.77 67.06 -41.38
C GLN A 262 46.37 67.39 -39.94
N HIS A 263 45.32 68.19 -39.76
CA HIS A 263 44.67 68.45 -38.45
C HIS A 263 43.21 68.78 -38.67
N GLU A 264 42.36 68.49 -37.67
CA GLU A 264 40.89 68.68 -37.71
C GLU A 264 40.60 70.14 -38.03
N GLY A 265 41.30 71.07 -37.39
CA GLY A 265 41.08 72.53 -37.50
C GLY A 265 41.93 73.15 -38.60
N LEU A 266 42.08 72.46 -39.74
CA LEU A 266 42.72 72.99 -40.97
C LEU A 266 41.73 72.93 -42.14
N PRO A 267 41.77 73.92 -43.06
CA PRO A 267 40.89 73.90 -44.23
C PRO A 267 41.31 72.80 -45.23
N LYS A 268 42.62 72.67 -45.48
CA LYS A 268 43.22 71.58 -46.31
C LYS A 268 44.58 71.19 -45.73
N PRO A 269 45.09 69.96 -46.01
CA PRO A 269 46.41 69.56 -45.55
C PRO A 269 47.53 70.51 -45.99
N LEU A 270 48.44 70.87 -45.07
CA LEU A 270 49.48 71.91 -45.28
C LEU A 270 50.81 71.23 -45.65
N THR A 271 51.13 71.17 -46.95
CA THR A 271 52.44 70.70 -47.48
C THR A 271 53.51 71.77 -47.18
N LEU A 272 54.70 71.33 -46.77
CA LEU A 272 55.77 72.21 -46.22
C LEU A 272 57.12 71.85 -46.85
N ARG A 273 58.08 72.78 -46.79
CA ARG A 273 59.45 72.66 -47.38
C ARG A 273 60.43 73.49 -46.53
N TRP A 274 61.70 73.07 -46.50
CA TRP A 274 62.84 73.82 -45.90
C TRP A 274 63.11 75.07 -46.76
N GLU A 275 63.55 76.17 -46.12
CA GLU A 275 63.72 77.49 -46.78
C GLU A 275 65.06 78.10 -46.36
N PRO A 276 65.93 78.50 -47.32
CA PRO A 276 67.24 79.09 -46.99
C PRO A 276 67.15 80.36 -46.12
N MET B 1 53.19 39.88 -13.52
CA MET B 1 52.97 41.35 -13.69
C MET B 1 53.40 41.76 -15.11
N ILE B 2 53.12 43.00 -15.50
CA ILE B 2 53.85 43.72 -16.56
C ILE B 2 54.52 44.95 -15.93
N GLN B 3 55.80 45.15 -16.21
CA GLN B 3 56.55 46.38 -15.87
C GLN B 3 56.97 47.06 -17.17
N ARG B 4 56.86 48.38 -17.22
CA ARG B 4 57.22 49.22 -18.40
C ARG B 4 57.98 50.46 -17.92
N THR B 5 59.05 50.81 -18.64
CA THR B 5 59.98 51.90 -18.29
C THR B 5 59.38 53.21 -18.75
N PRO B 6 59.50 54.30 -17.94
CA PRO B 6 58.98 55.61 -18.33
C PRO B 6 59.63 56.11 -19.63
N LYS B 7 58.81 56.67 -20.51
CA LYS B 7 59.25 57.50 -21.66
C LYS B 7 59.09 58.99 -21.27
N ILE B 8 60.22 59.71 -21.21
CA ILE B 8 60.34 61.13 -20.77
C ILE B 8 60.48 62.02 -22.00
N GLN B 9 59.78 63.15 -22.03
CA GLN B 9 60.10 64.33 -22.86
C GLN B 9 60.19 65.56 -21.94
N VAL B 10 61.30 66.28 -21.99
CA VAL B 10 61.46 67.61 -21.32
C VAL B 10 61.46 68.69 -22.41
N TYR B 11 60.73 69.77 -22.18
CA TYR B 11 60.44 70.81 -23.20
C TYR B 11 59.85 72.04 -22.52
N SER B 12 59.70 73.12 -23.29
CA SER B 12 59.08 74.40 -22.86
C SER B 12 57.69 74.53 -23.49
N ARG B 13 56.76 75.18 -22.77
CA ARG B 13 55.34 75.37 -23.17
C ARG B 13 55.28 76.19 -24.47
N HIS B 14 55.94 77.35 -24.50
CA HIS B 14 56.11 78.22 -25.69
C HIS B 14 57.54 78.06 -26.21
N PRO B 15 57.88 78.61 -27.40
CA PRO B 15 59.27 78.71 -27.84
C PRO B 15 60.09 79.56 -26.85
N ALA B 16 61.24 79.05 -26.43
CA ALA B 16 62.04 79.62 -25.33
C ALA B 16 62.91 80.78 -25.86
N GLU B 17 62.60 82.00 -25.40
CA GLU B 17 63.47 83.20 -25.58
C GLU B 17 64.17 83.52 -24.26
N ASN B 18 65.51 83.58 -24.27
CA ASN B 18 66.37 83.95 -23.12
C ASN B 18 65.72 85.11 -22.36
N GLY B 19 65.51 84.94 -21.05
CA GLY B 19 65.15 86.02 -20.11
C GLY B 19 63.68 86.39 -20.19
N LYS B 20 62.86 85.53 -20.80
CA LYS B 20 61.38 85.70 -20.95
C LYS B 20 60.66 84.49 -20.30
N SER B 21 59.69 84.78 -19.43
CA SER B 21 58.99 83.79 -18.58
C SER B 21 58.33 82.71 -19.46
N ASN B 22 58.60 81.44 -19.15
CA ASN B 22 58.01 80.26 -19.83
C ASN B 22 57.67 79.21 -18.77
N PHE B 23 57.08 78.08 -19.19
CA PHE B 23 56.81 76.88 -18.36
C PHE B 23 57.67 75.73 -18.86
N LEU B 24 58.50 75.16 -17.98
CA LEU B 24 59.35 73.96 -18.25
C LEU B 24 58.53 72.70 -17.99
N ASN B 25 58.38 71.84 -18.99
CA ASN B 25 57.50 70.65 -18.97
C ASN B 25 58.36 69.39 -18.91
N CYS B 26 58.01 68.46 -18.04
CA CYS B 26 58.43 67.03 -18.09
C CYS B 26 57.20 66.12 -18.15
N TYR B 27 57.05 65.42 -19.27
CA TYR B 27 55.88 64.54 -19.59
C TYR B 27 56.34 63.09 -19.64
N VAL B 28 56.22 62.38 -18.53
CA VAL B 28 56.49 60.91 -18.42
C VAL B 28 55.24 60.14 -18.83
N SER B 29 55.40 59.05 -19.56
CA SER B 29 54.31 58.31 -20.22
C SER B 29 54.73 56.86 -20.48
N GLY B 30 53.77 55.94 -20.49
CA GLY B 30 53.97 54.55 -20.93
C GLY B 30 54.61 53.69 -19.85
N PHE B 31 54.63 54.18 -18.63
CA PHE B 31 55.24 53.46 -17.48
C PHE B 31 54.17 52.62 -16.79
N HIS B 32 54.64 51.62 -16.05
CA HIS B 32 53.82 50.69 -15.25
C HIS B 32 54.75 49.88 -14.37
N PRO B 33 54.57 49.88 -13.04
CA PRO B 33 53.38 50.43 -12.38
C PRO B 33 53.31 51.97 -12.38
N SER B 34 52.39 52.51 -11.56
CA SER B 34 52.00 53.94 -11.53
C SER B 34 52.94 54.71 -10.62
N ASP B 35 53.61 54.01 -9.70
CA ASP B 35 54.57 54.61 -8.75
C ASP B 35 55.74 55.14 -9.56
N ILE B 36 56.01 56.44 -9.43
CA ILE B 36 57.02 57.17 -10.24
C ILE B 36 57.43 58.43 -9.47
N GLU B 37 58.69 58.80 -9.54
CA GLU B 37 59.25 60.02 -8.89
C GLU B 37 59.81 60.93 -9.97
N VAL B 38 59.36 62.18 -10.02
CA VAL B 38 59.81 63.15 -11.05
C VAL B 38 60.23 64.44 -10.38
N ASP B 39 61.54 64.74 -10.44
CA ASP B 39 62.13 66.02 -9.98
C ASP B 39 62.45 66.88 -11.21
N LEU B 40 62.16 68.18 -11.13
CA LEU B 40 62.62 69.19 -12.10
C LEU B 40 63.86 69.89 -11.54
N LEU B 41 64.94 69.95 -12.32
CA LEU B 41 66.28 70.39 -11.88
C LEU B 41 66.68 71.68 -12.60
N LYS B 42 67.27 72.62 -11.85
CA LYS B 42 68.01 73.80 -12.38
C LYS B 42 69.49 73.67 -11.95
N ASN B 43 70.38 73.40 -12.91
CA ASN B 43 71.83 73.26 -12.68
C ASN B 43 72.07 72.17 -11.64
N GLY B 44 71.29 71.09 -11.69
CA GLY B 44 71.56 69.83 -10.96
C GLY B 44 70.99 69.84 -9.55
N GLU B 45 70.55 71.01 -9.06
CA GLU B 45 69.75 71.15 -7.81
C GLU B 45 68.27 70.92 -8.14
N ARG B 46 67.44 70.78 -7.11
CA ARG B 46 65.99 70.50 -7.23
C ARG B 46 65.23 71.84 -7.24
N ILE B 47 64.36 72.04 -8.23
CA ILE B 47 63.32 73.12 -8.25
C ILE B 47 62.19 72.71 -7.32
N GLU B 48 61.82 73.57 -6.37
CA GLU B 48 60.96 73.22 -5.19
C GLU B 48 59.49 73.24 -5.62
N LYS B 49 59.01 74.37 -6.17
CA LYS B 49 57.59 74.58 -6.57
C LYS B 49 57.35 73.93 -7.94
N VAL B 50 56.87 72.69 -7.95
CA VAL B 50 56.61 71.89 -9.18
C VAL B 50 55.24 71.22 -9.05
N GLU B 51 54.42 71.30 -10.10
CA GLU B 51 53.02 70.82 -10.13
C GLU B 51 52.89 69.73 -11.18
N HIS B 52 51.99 68.78 -10.97
CA HIS B 52 51.76 67.61 -11.85
C HIS B 52 50.27 67.43 -12.09
N SER B 53 49.90 67.05 -13.31
CA SER B 53 48.55 66.56 -13.68
C SER B 53 48.20 65.37 -12.78
N ASP B 54 46.90 65.11 -12.58
CA ASP B 54 46.37 63.88 -11.92
C ASP B 54 46.66 62.68 -12.83
N LEU B 55 47.04 61.56 -12.25
CA LEU B 55 47.39 60.33 -13.02
C LEU B 55 46.22 59.98 -13.95
N SER B 56 46.51 59.76 -15.23
CA SER B 56 45.60 59.12 -16.21
C SER B 56 46.36 58.03 -16.98
N PHE B 57 45.71 57.39 -17.94
CA PHE B 57 46.32 56.41 -18.87
C PHE B 57 45.75 56.62 -20.28
N SER B 58 46.30 55.87 -21.24
CA SER B 58 46.06 56.01 -22.70
C SER B 58 44.88 55.12 -23.14
N LYS B 59 44.91 54.59 -24.38
CA LYS B 59 44.00 53.51 -24.82
C LYS B 59 44.57 52.17 -24.35
N ASP B 60 45.82 51.89 -24.70
CA ASP B 60 46.71 51.01 -23.91
C ASP B 60 46.48 51.34 -22.43
N TRP B 61 46.85 50.43 -21.52
CA TRP B 61 46.76 50.62 -20.05
C TRP B 61 48.13 51.03 -19.49
N SER B 62 48.68 52.14 -19.96
CA SER B 62 49.96 52.74 -19.51
C SER B 62 49.76 54.22 -19.18
N PHE B 63 50.39 54.68 -18.11
CA PHE B 63 50.08 55.97 -17.42
C PHE B 63 50.85 57.11 -18.10
N TYR B 64 50.42 58.35 -17.87
CA TYR B 64 51.11 59.59 -18.30
C TYR B 64 50.85 60.71 -17.27
N LEU B 65 51.92 61.28 -16.74
CA LEU B 65 51.88 62.51 -15.92
C LEU B 65 52.61 63.63 -16.67
N LEU B 66 52.21 64.88 -16.43
CA LEU B 66 53.00 66.09 -16.82
C LEU B 66 53.41 66.82 -15.56
N TYR B 67 54.68 66.73 -15.19
CA TYR B 67 55.34 67.63 -14.22
C TYR B 67 55.77 68.92 -14.95
N TYR B 68 55.55 70.08 -14.33
CA TYR B 68 55.78 71.41 -14.94
C TYR B 68 56.01 72.46 -13.84
N THR B 69 56.63 73.59 -14.21
CA THR B 69 57.04 74.70 -13.31
C THR B 69 57.20 76.00 -14.10
N GLU B 70 56.89 77.14 -13.46
CA GLU B 70 57.44 78.48 -13.78
C GLU B 70 58.95 78.36 -13.92
N PHE B 71 59.53 78.95 -14.97
CA PHE B 71 61.00 79.12 -15.14
C PHE B 71 61.27 80.21 -16.21
N THR B 72 62.46 80.81 -16.14
CA THR B 72 62.92 81.88 -17.06
C THR B 72 64.24 81.46 -17.67
N PRO B 73 64.25 80.89 -18.89
CA PRO B 73 65.42 80.25 -19.45
C PRO B 73 66.52 81.27 -19.81
N THR B 74 67.78 80.89 -19.60
CA THR B 74 68.97 81.75 -19.86
C THR B 74 69.94 80.99 -20.77
N GLU B 75 70.95 81.68 -21.29
CA GLU B 75 72.05 81.09 -22.10
C GLU B 75 72.82 80.10 -21.22
N LYS B 76 73.04 80.45 -19.96
CA LYS B 76 74.03 79.81 -19.04
C LYS B 76 73.37 78.63 -18.30
N ASP B 77 72.16 78.83 -17.75
CA ASP B 77 71.49 77.88 -16.81
C ASP B 77 71.20 76.57 -17.54
N GLU B 78 71.16 75.46 -16.80
CA GLU B 78 70.86 74.10 -17.34
C GLU B 78 69.65 73.53 -16.60
N TYR B 79 68.65 73.06 -17.34
CA TYR B 79 67.34 72.56 -16.81
C TYR B 79 67.16 71.09 -17.23
N ALA B 80 66.82 70.22 -16.28
CA ALA B 80 66.75 68.76 -16.48
C ALA B 80 65.50 68.18 -15.82
N CYS B 81 65.15 66.96 -16.19
CA CYS B 81 64.11 66.13 -15.55
C CYS B 81 64.74 64.84 -15.04
N ARG B 82 64.61 64.54 -13.74
CA ARG B 82 65.14 63.32 -13.11
C ARG B 82 63.98 62.40 -12.69
N VAL B 83 63.74 61.33 -13.47
CA VAL B 83 62.65 60.35 -13.27
C VAL B 83 63.21 59.08 -12.63
N ASN B 84 62.62 58.63 -11.53
CA ASN B 84 62.93 57.33 -10.88
C ASN B 84 61.70 56.40 -10.98
N HIS B 85 61.96 55.14 -11.31
CA HIS B 85 60.94 54.08 -11.48
C HIS B 85 61.58 52.73 -11.18
N VAL B 86 60.78 51.76 -10.74
CA VAL B 86 61.23 50.41 -10.30
C VAL B 86 61.89 49.69 -11.49
N THR B 87 61.72 50.22 -12.70
CA THR B 87 62.21 49.62 -13.98
C THR B 87 63.61 50.14 -14.31
N LEU B 88 64.16 51.03 -13.48
CA LEU B 88 65.46 51.72 -13.73
C LEU B 88 66.47 51.31 -12.64
N SER B 89 67.55 50.64 -13.05
CA SER B 89 68.78 50.41 -12.24
C SER B 89 69.09 51.66 -11.41
N GLN B 90 69.02 52.83 -12.03
CA GLN B 90 69.36 54.15 -11.43
C GLN B 90 68.39 55.19 -11.96
N PRO B 91 68.14 56.29 -11.21
CA PRO B 91 67.29 57.38 -11.70
C PRO B 91 67.80 57.92 -13.03
N LYS B 92 66.88 58.35 -13.90
CA LYS B 92 67.17 58.74 -15.30
C LYS B 92 67.04 60.26 -15.45
N ILE B 93 68.14 60.93 -15.80
CA ILE B 93 68.22 62.42 -15.90
C ILE B 93 68.25 62.82 -17.37
N VAL B 94 67.19 63.46 -17.85
CA VAL B 94 67.02 63.95 -19.25
C VAL B 94 67.17 65.48 -19.24
N LYS B 95 68.12 66.01 -20.01
CA LYS B 95 68.42 67.47 -20.13
C LYS B 95 67.40 68.11 -21.06
N TRP B 96 67.02 69.36 -20.79
CA TRP B 96 66.22 70.20 -21.74
C TRP B 96 67.14 70.66 -22.88
N ASP B 97 66.66 70.54 -24.12
CA ASP B 97 67.39 70.93 -25.35
C ASP B 97 66.47 71.77 -26.22
N ARG B 98 66.37 73.07 -25.91
CA ARG B 98 65.49 74.03 -26.62
C ARG B 98 65.73 73.93 -28.14
N ASP B 99 67.00 73.90 -28.54
CA ASP B 99 67.48 74.21 -29.92
C ASP B 99 66.78 73.27 -30.91
N MET B 100 66.39 72.08 -30.46
CA MET B 100 65.73 71.01 -31.25
C MET B 100 64.75 71.66 -32.25
N TYR C 1 29.26 63.32 -15.50
CA TYR C 1 28.25 62.62 -14.67
C TYR C 1 28.61 61.14 -14.61
N LEU C 2 29.16 60.69 -13.49
CA LEU C 2 29.56 59.28 -13.23
C LEU C 2 28.37 58.35 -13.44
N GLN C 3 28.62 57.10 -13.82
CA GLN C 3 27.60 56.01 -13.82
C GLN C 3 27.02 55.85 -12.41
N PRO C 4 25.68 55.86 -12.25
CA PRO C 4 25.07 55.67 -10.92
C PRO C 4 25.27 54.27 -10.33
N ARG C 5 25.23 53.22 -11.16
CA ARG C 5 25.40 51.80 -10.75
C ARG C 5 26.88 51.43 -10.81
N THR C 6 27.40 50.76 -9.77
CA THR C 6 28.73 50.11 -9.74
C THR C 6 28.55 48.60 -9.75
N PHE C 7 29.55 47.86 -10.21
CA PHE C 7 29.52 46.38 -10.36
C PHE C 7 30.82 45.78 -9.83
N LEU C 8 30.74 44.57 -9.28
CA LEU C 8 31.89 43.81 -8.78
C LEU C 8 32.38 42.82 -9.84
N LEU C 9 33.71 42.60 -9.90
CA LEU C 9 34.39 41.62 -10.78
C LEU C 9 34.11 40.19 -10.26
N GLU D 3 10.54 59.72 -6.06
CA GLU D 3 9.25 59.36 -6.71
C GLU D 3 9.48 58.20 -7.68
N VAL D 4 8.95 57.03 -7.33
CA VAL D 4 8.45 56.00 -8.27
C VAL D 4 6.93 55.97 -8.15
N GLU D 5 6.21 56.30 -9.24
CA GLU D 5 4.73 56.43 -9.26
C GLU D 5 4.12 55.20 -9.96
N GLN D 6 3.01 54.68 -9.41
CA GLN D 6 2.26 53.53 -9.99
C GLN D 6 0.77 53.60 -9.58
N ASP D 7 -0.13 53.32 -10.54
CA ASP D 7 -1.60 53.24 -10.31
C ASP D 7 -1.86 53.26 -8.81
N PRO D 8 -2.50 54.31 -8.28
CA PRO D 8 -2.94 54.31 -6.88
C PRO D 8 -4.10 53.33 -6.66
N GLY D 9 -5.19 53.49 -7.41
CA GLY D 9 -6.45 52.75 -7.23
C GLY D 9 -6.21 51.25 -7.10
N PRO D 10 -6.85 50.57 -6.10
CA PRO D 10 -6.83 49.12 -6.03
C PRO D 10 -7.54 48.46 -7.23
N PHE D 11 -6.97 47.37 -7.75
CA PHE D 11 -7.57 46.51 -8.81
C PHE D 11 -8.28 45.32 -8.16
N ASN D 12 -9.60 45.41 -7.99
CA ASN D 12 -10.47 44.25 -7.69
C ASN D 12 -11.02 43.71 -9.01
N VAL D 13 -10.64 42.48 -9.37
CA VAL D 13 -11.09 41.80 -10.61
C VAL D 13 -11.53 40.38 -10.29
N PRO D 14 -12.41 39.78 -11.10
CA PRO D 14 -12.67 38.34 -11.05
C PRO D 14 -11.56 37.55 -11.75
N GLU D 15 -11.47 36.25 -11.47
CA GLU D 15 -10.53 35.30 -12.12
C GLU D 15 -10.76 35.31 -13.62
N GLY D 16 -9.80 34.79 -14.39
CA GLY D 16 -9.81 34.83 -15.87
C GLY D 16 -9.38 36.19 -16.41
N ALA D 17 -9.62 37.27 -15.65
CA ALA D 17 -9.41 38.68 -16.05
C ALA D 17 -7.94 38.91 -16.42
N THR D 18 -7.66 40.02 -17.09
CA THR D 18 -6.29 40.48 -17.46
C THR D 18 -6.05 41.88 -16.88
N VAL D 19 -5.07 42.02 -16.01
CA VAL D 19 -4.77 43.30 -15.30
C VAL D 19 -3.38 43.81 -15.74
N ALA D 20 -3.26 45.12 -15.96
CA ALA D 20 -2.04 45.80 -16.41
C ALA D 20 -1.66 46.87 -15.38
N PHE D 21 -0.45 46.78 -14.82
CA PHE D 21 0.14 47.79 -13.89
C PHE D 21 1.05 48.73 -14.68
N ASN D 22 0.92 50.02 -14.44
CA ASN D 22 1.80 51.08 -15.02
C ASN D 22 2.71 51.62 -13.91
N CYS D 23 3.97 51.87 -14.22
CA CYS D 23 4.96 52.52 -13.33
C CYS D 23 5.85 53.45 -14.14
N THR D 24 6.26 54.57 -13.56
CA THR D 24 7.16 55.58 -14.19
C THR D 24 8.15 56.10 -13.15
N TYR D 25 9.38 56.38 -13.58
CA TYR D 25 10.48 56.90 -12.73
C TYR D 25 10.91 58.27 -13.26
N SER D 26 11.32 59.17 -12.37
CA SER D 26 11.55 60.62 -12.65
C SER D 26 12.90 60.82 -13.34
N ASN D 27 14.00 60.34 -12.73
CA ASN D 27 15.38 60.49 -13.26
C ASN D 27 15.57 59.56 -14.45
N SER D 28 16.16 60.05 -15.53
CA SER D 28 16.64 59.25 -16.68
C SER D 28 17.82 58.39 -16.24
N ALA D 29 18.45 58.74 -15.12
CA ALA D 29 19.72 58.15 -14.60
C ALA D 29 19.55 56.66 -14.36
N SER D 30 18.52 56.29 -13.60
CA SER D 30 18.11 54.88 -13.31
C SER D 30 18.49 53.97 -14.48
N GLN D 31 19.06 52.79 -14.19
CA GLN D 31 19.54 51.79 -15.21
C GLN D 31 19.06 50.38 -14.82
N SER D 32 18.43 50.24 -13.65
CA SER D 32 18.01 48.96 -13.05
C SER D 32 16.54 49.05 -12.66
N PHE D 33 15.71 48.10 -13.14
CA PHE D 33 14.22 48.16 -13.03
C PHE D 33 13.67 46.79 -12.64
N PHE D 34 12.71 46.76 -11.72
CA PHE D 34 12.23 45.54 -11.02
C PHE D 34 10.73 45.59 -10.79
N TRP D 35 10.08 44.42 -10.83
CA TRP D 35 8.74 44.16 -10.23
C TRP D 35 8.89 43.26 -9.00
N TYR D 36 8.43 43.73 -7.84
CA TYR D 36 8.28 42.94 -6.60
C TYR D 36 6.81 42.74 -6.30
N ARG D 37 6.49 41.64 -5.63
CA ARG D 37 5.12 41.21 -5.26
C ARG D 37 5.09 40.94 -3.77
N GLN D 38 4.07 41.43 -3.06
CA GLN D 38 4.02 41.42 -1.59
C GLN D 38 2.63 40.98 -1.11
N ASP D 39 2.56 39.81 -0.48
CA ASP D 39 1.39 39.31 0.29
C ASP D 39 1.19 40.20 1.51
N CYS D 40 -0.06 40.30 1.99
CA CYS D 40 -0.55 41.40 2.86
C CYS D 40 0.34 41.51 4.12
N ARG D 41 0.46 40.43 4.88
CA ARG D 41 1.15 40.43 6.20
C ARG D 41 2.49 39.68 6.05
N LEU D 42 3.25 39.97 4.99
CA LEU D 42 4.56 39.31 4.67
C LEU D 42 5.50 40.30 3.94
N GLU D 43 6.66 39.82 3.49
CA GLU D 43 7.77 40.65 2.95
C GLU D 43 7.64 40.74 1.42
N PRO D 44 8.36 41.67 0.75
CA PRO D 44 8.35 41.75 -0.71
C PRO D 44 9.28 40.72 -1.36
N LYS D 45 8.81 40.07 -2.42
CA LYS D 45 9.60 39.06 -3.20
C LYS D 45 9.72 39.54 -4.64
N LEU D 46 10.86 39.24 -5.28
CA LEU D 46 11.14 39.53 -6.70
C LEU D 46 10.18 38.75 -7.57
N ILE D 47 9.38 39.44 -8.39
CA ILE D 47 8.66 38.85 -9.54
C ILE D 47 9.64 38.71 -10.71
N MET D 48 10.31 39.81 -11.06
CA MET D 48 10.79 40.06 -12.42
C MET D 48 11.78 41.24 -12.41
N SER D 49 12.99 41.02 -12.91
CA SER D 49 13.86 42.08 -13.48
C SER D 49 13.30 42.50 -14.83
N VAL D 50 13.29 43.79 -15.11
CA VAL D 50 12.63 44.40 -16.30
C VAL D 50 13.72 44.88 -17.25
N TYR D 51 13.89 44.20 -18.39
CA TYR D 51 14.75 44.64 -19.53
C TYR D 51 13.87 44.92 -20.76
N SER D 52 14.47 45.51 -21.79
CA SER D 52 13.77 46.07 -22.98
C SER D 52 13.08 44.94 -23.76
N SER D 53 13.81 43.84 -24.02
CA SER D 53 13.28 42.62 -24.67
C SER D 53 12.06 42.12 -23.88
N GLY D 54 10.95 41.90 -24.57
CA GLY D 54 9.66 41.46 -23.96
C GLY D 54 9.85 40.27 -23.02
N ASN D 55 9.98 40.54 -21.71
CA ASN D 55 10.11 39.52 -20.63
C ASN D 55 8.78 38.75 -20.51
N GLU D 56 8.73 37.52 -21.02
CA GLU D 56 7.50 36.67 -21.06
C GLU D 56 7.65 35.48 -20.09
N ASP D 57 7.19 35.63 -18.84
CA ASP D 57 6.95 34.54 -17.87
C ASP D 57 5.68 33.78 -18.30
N GLY D 58 5.15 32.92 -17.42
CA GLY D 58 3.86 32.21 -17.64
C GLY D 58 2.76 33.18 -18.04
N ARG D 59 2.01 33.68 -17.06
CA ARG D 59 0.88 34.62 -17.26
C ARG D 59 1.39 36.07 -17.21
N PHE D 60 2.67 36.27 -16.85
CA PHE D 60 3.29 37.60 -16.58
C PHE D 60 4.14 38.04 -17.77
N THR D 61 3.97 39.29 -18.24
CA THR D 61 4.86 39.97 -19.22
C THR D 61 5.01 41.45 -18.85
N ALA D 62 6.26 41.95 -18.82
CA ALA D 62 6.61 43.36 -18.53
C ALA D 62 7.51 43.91 -19.63
N GLN D 63 7.34 45.19 -19.98
CA GLN D 63 8.27 45.93 -20.88
C GLN D 63 8.79 47.20 -20.19
N LEU D 64 9.88 47.75 -20.72
CA LEU D 64 10.52 48.99 -20.25
C LEU D 64 10.61 49.98 -21.42
N ASN D 65 10.09 51.19 -21.24
CA ASN D 65 10.16 52.29 -22.23
C ASN D 65 11.05 53.40 -21.68
N ARG D 66 12.37 53.20 -21.74
CA ARG D 66 13.41 54.17 -21.31
C ARG D 66 13.07 55.56 -21.85
N ALA D 67 12.68 55.64 -23.13
CA ALA D 67 12.31 56.91 -23.81
C ALA D 67 11.36 57.71 -22.92
N SER D 68 10.21 57.12 -22.58
CA SER D 68 9.13 57.75 -21.78
C SER D 68 9.28 57.37 -20.30
N GLN D 69 10.42 56.74 -19.95
CA GLN D 69 10.82 56.39 -18.56
C GLN D 69 9.62 55.74 -17.86
N TYR D 70 9.15 54.62 -18.41
CA TYR D 70 7.87 53.95 -18.06
C TYR D 70 8.07 52.44 -18.16
N ILE D 71 7.66 51.71 -17.14
CA ILE D 71 7.68 50.21 -17.12
C ILE D 71 6.29 49.72 -16.72
N SER D 72 5.89 48.57 -17.24
CA SER D 72 4.51 48.03 -17.15
C SER D 72 4.55 46.57 -16.73
N LEU D 73 3.39 45.99 -16.42
CA LEU D 73 3.21 44.56 -16.09
C LEU D 73 1.81 44.12 -16.53
N LEU D 74 1.72 42.95 -17.17
CA LEU D 74 0.47 42.40 -17.75
C LEU D 74 0.30 40.96 -17.29
N ILE D 75 -0.59 40.73 -16.32
CA ILE D 75 -1.01 39.37 -15.86
C ILE D 75 -2.19 38.89 -16.73
N ARG D 76 -1.99 37.76 -17.42
CA ARG D 76 -2.80 37.31 -18.59
C ARG D 76 -4.08 36.65 -18.08
N ASP D 77 -3.97 35.47 -17.48
CA ASP D 77 -5.08 34.80 -16.76
C ASP D 77 -4.94 35.09 -15.27
N SER D 78 -5.78 35.98 -14.73
CA SER D 78 -5.84 36.31 -13.29
C SER D 78 -6.23 35.05 -12.50
N LYS D 79 -5.46 34.74 -11.45
CA LYS D 79 -5.68 33.57 -10.55
C LYS D 79 -5.82 34.08 -9.13
N LEU D 80 -6.65 33.42 -8.31
CA LEU D 80 -6.92 33.83 -6.90
C LEU D 80 -5.58 34.12 -6.18
N SER D 81 -4.51 33.41 -6.55
CA SER D 81 -3.20 33.38 -5.86
C SER D 81 -2.33 34.57 -6.29
N ASP D 82 -2.73 35.30 -7.33
CA ASP D 82 -2.05 36.54 -7.83
C ASP D 82 -2.39 37.71 -6.91
N SER D 83 -3.16 37.47 -5.83
CA SER D 83 -3.66 38.50 -4.89
C SER D 83 -2.54 38.97 -3.97
N ALA D 84 -2.08 40.21 -4.17
CA ALA D 84 -0.93 40.83 -3.48
C ALA D 84 -0.69 42.23 -4.04
N THR D 85 0.09 43.05 -3.35
CA THR D 85 0.51 44.41 -3.82
C THR D 85 1.76 44.27 -4.69
N TYR D 86 1.69 44.78 -5.93
CA TYR D 86 2.76 44.66 -6.96
C TYR D 86 3.58 45.95 -6.97
N LEU D 87 4.88 45.84 -6.67
CA LEU D 87 5.78 46.96 -6.29
C LEU D 87 6.82 47.18 -7.39
N CYS D 88 6.87 48.42 -7.90
CA CYS D 88 7.83 48.89 -8.93
C CYS D 88 9.08 49.45 -8.24
N VAL D 89 10.28 49.04 -8.66
CA VAL D 89 11.56 49.42 -7.99
C VAL D 89 12.62 49.76 -9.05
N VAL D 90 13.28 50.92 -8.90
CA VAL D 90 14.44 51.36 -9.72
C VAL D 90 15.50 51.96 -8.79
N ASN D 91 16.77 51.90 -9.20
CA ASN D 91 17.89 52.65 -8.56
C ASN D 91 17.65 54.15 -8.75
N ILE D 92 18.17 54.97 -7.83
CA ILE D 92 17.97 56.45 -7.81
C ILE D 92 19.31 57.15 -7.53
N ASN D 93 19.99 57.62 -8.59
CA ASN D 93 21.19 58.52 -8.55
C ASN D 93 22.46 57.72 -8.21
N THR D 94 22.30 56.66 -7.38
CA THR D 94 23.40 55.79 -6.90
C THR D 94 22.99 54.32 -7.13
N ASP D 95 23.69 53.39 -6.49
CA ASP D 95 23.35 51.94 -6.46
C ASP D 95 21.98 51.76 -5.78
N LYS D 96 21.59 52.72 -4.94
CA LYS D 96 20.48 52.56 -3.95
C LYS D 96 19.18 52.28 -4.70
N LEU D 97 18.32 51.42 -4.12
CA LEU D 97 17.09 50.90 -4.77
C LEU D 97 15.85 51.40 -4.00
N ILE D 98 14.87 51.92 -4.73
CA ILE D 98 13.75 52.73 -4.18
C ILE D 98 12.42 52.16 -4.68
N PHE D 99 11.55 51.76 -3.75
CA PHE D 99 10.23 51.17 -4.04
C PHE D 99 9.22 52.28 -4.31
N GLY D 100 8.39 52.11 -5.34
CA GLY D 100 7.08 52.78 -5.47
C GLY D 100 6.14 52.40 -4.32
N THR D 101 4.99 53.06 -4.23
CA THR D 101 4.04 52.94 -3.07
C THR D 101 3.28 51.62 -3.15
N GLY D 102 3.26 50.99 -4.32
CA GLY D 102 2.62 49.67 -4.55
C GLY D 102 1.25 49.82 -5.16
N THR D 103 0.82 48.82 -5.94
CA THR D 103 -0.52 48.70 -6.55
C THR D 103 -1.17 47.39 -6.07
N ARG D 104 -2.21 47.48 -5.22
CA ARG D 104 -2.88 46.33 -4.59
C ARG D 104 -3.76 45.61 -5.62
N LEU D 105 -3.71 44.28 -5.64
CA LEU D 105 -4.57 43.41 -6.50
C LEU D 105 -5.31 42.40 -5.61
N GLN D 106 -6.65 42.41 -5.68
CA GLN D 106 -7.54 41.34 -5.14
C GLN D 106 -8.24 40.65 -6.31
N VAL D 107 -8.06 39.33 -6.44
CA VAL D 107 -8.72 38.50 -7.48
C VAL D 107 -9.87 37.74 -6.82
N PHE D 108 -11.11 38.20 -7.04
CA PHE D 108 -12.38 37.50 -6.66
C PHE D 108 -12.44 36.15 -7.36
N PRO D 109 -13.22 35.17 -6.82
CA PRO D 109 -13.58 33.98 -7.57
C PRO D 109 -14.93 34.13 -8.30
N ASN D 110 -15.17 33.28 -9.30
CA ASN D 110 -16.38 33.30 -10.17
C ASN D 110 -17.36 32.23 -9.68
N ILE D 111 -18.34 32.63 -8.86
CA ILE D 111 -19.36 31.73 -8.22
C ILE D 111 -20.42 31.40 -9.28
N GLN D 112 -20.34 30.21 -9.89
CA GLN D 112 -21.17 29.78 -11.05
C GLN D 112 -22.57 29.38 -10.57
N ASN D 113 -22.66 28.75 -9.38
CA ASN D 113 -23.93 28.23 -8.80
C ASN D 113 -24.15 28.85 -7.43
N PRO D 114 -24.20 30.20 -7.32
CA PRO D 114 -24.38 30.85 -6.03
C PRO D 114 -25.56 30.26 -5.26
N ASP D 115 -25.39 30.11 -3.95
CA ASP D 115 -26.39 29.52 -3.02
C ASP D 115 -26.42 30.36 -1.74
N PRO D 116 -26.70 31.68 -1.86
CA PRO D 116 -26.54 32.60 -0.73
C PRO D 116 -27.37 32.16 0.48
N ALA D 117 -26.79 32.24 1.67
CA ALA D 117 -27.33 31.65 2.92
C ALA D 117 -26.83 32.44 4.13
N VAL D 118 -27.52 32.31 5.27
CA VAL D 118 -27.09 32.88 6.60
C VAL D 118 -27.45 31.86 7.69
N TYR D 119 -26.53 30.95 8.00
CA TYR D 119 -26.68 29.91 9.04
C TYR D 119 -26.23 30.46 10.39
N GLN D 120 -26.77 29.92 11.49
CA GLN D 120 -26.33 30.22 12.88
C GLN D 120 -25.52 29.03 13.42
N LEU D 121 -24.42 29.32 14.11
CA LEU D 121 -23.52 28.31 14.75
C LEU D 121 -23.45 28.60 16.25
N ARG D 122 -23.09 27.60 17.06
CA ARG D 122 -23.05 27.70 18.54
C ARG D 122 -21.68 27.23 19.06
N ASP D 123 -21.19 27.88 20.13
CA ASP D 123 -19.81 27.73 20.64
C ASP D 123 -19.65 26.34 21.28
N SER D 124 -18.51 25.69 21.05
CA SER D 124 -18.19 24.31 21.52
C SER D 124 -18.24 24.25 23.05
N LYS D 125 -17.84 25.33 23.73
CA LYS D 125 -17.93 25.50 25.19
C LYS D 125 -19.16 26.34 25.54
N SER D 126 -20.29 25.68 25.85
CA SER D 126 -21.43 26.21 26.67
C SER D 126 -22.01 27.49 26.03
N SER D 127 -21.89 27.62 24.70
CA SER D 127 -22.41 28.75 23.88
C SER D 127 -21.95 30.10 24.48
N ASP D 128 -20.62 30.29 24.56
CA ASP D 128 -19.96 31.51 25.11
C ASP D 128 -20.45 32.76 24.37
N LYS D 129 -20.80 32.63 23.09
CA LYS D 129 -21.42 33.71 22.25
C LYS D 129 -22.42 33.08 21.28
N SER D 130 -22.79 33.79 20.21
CA SER D 130 -23.54 33.25 19.05
C SER D 130 -23.18 34.03 17.79
N VAL D 131 -22.85 33.31 16.72
CA VAL D 131 -22.21 33.82 15.48
C VAL D 131 -23.04 33.34 14.28
N CYS D 132 -23.06 34.12 13.19
CA CYS D 132 -23.79 33.81 11.93
C CYS D 132 -22.81 33.82 10.75
N LEU D 133 -22.97 32.89 9.80
CA LEU D 133 -22.08 32.71 8.60
C LEU D 133 -22.89 32.98 7.32
N PHE D 134 -22.57 34.06 6.61
CA PHE D 134 -23.15 34.41 5.29
C PHE D 134 -22.19 33.94 4.19
N THR D 135 -22.60 32.93 3.41
CA THR D 135 -21.70 32.08 2.58
C THR D 135 -22.32 31.82 1.21
N ASP D 136 -21.53 31.30 0.27
CA ASP D 136 -21.97 30.72 -1.02
C ASP D 136 -22.68 31.80 -1.86
N PHE D 137 -22.26 33.06 -1.74
CA PHE D 137 -22.87 34.22 -2.46
C PHE D 137 -21.94 34.66 -3.59
N ASP D 138 -22.42 35.58 -4.43
CA ASP D 138 -21.78 35.96 -5.72
C ASP D 138 -20.83 37.14 -5.47
N SER D 139 -19.69 37.14 -6.13
CA SER D 139 -18.51 37.99 -5.82
C SER D 139 -18.93 39.46 -5.69
N GLN D 140 -19.84 39.90 -6.55
CA GLN D 140 -20.20 41.34 -6.73
C GLN D 140 -20.89 41.87 -5.47
N THR D 141 -21.37 40.98 -4.59
CA THR D 141 -22.14 41.31 -3.37
C THR D 141 -21.20 41.91 -2.31
N ASN D 142 -21.39 43.21 -2.00
CA ASN D 142 -20.58 43.96 -1.01
C ASN D 142 -21.30 43.90 0.35
N VAL D 143 -20.52 43.83 1.44
CA VAL D 143 -21.03 43.67 2.84
C VAL D 143 -20.60 44.90 3.66
N SER D 144 -21.56 45.62 4.23
CA SER D 144 -21.38 46.69 5.25
C SER D 144 -22.00 46.25 6.58
N GLN D 145 -21.71 46.98 7.66
CA GLN D 145 -22.00 46.56 9.07
C GLN D 145 -22.38 47.78 9.91
N SER D 146 -23.32 47.60 10.87
CA SER D 146 -23.65 48.57 11.94
C SER D 146 -23.20 48.01 13.29
N LYS D 147 -22.44 48.80 14.06
CA LYS D 147 -21.85 48.39 15.38
C LYS D 147 -22.42 49.25 16.51
N ASP D 148 -23.65 49.77 16.36
CA ASP D 148 -24.32 50.68 17.33
C ASP D 148 -25.07 49.84 18.39
N SER D 149 -25.11 48.51 18.21
CA SER D 149 -25.46 47.51 19.25
C SER D 149 -24.20 46.82 19.79
N ASP D 150 -23.07 47.00 19.10
CA ASP D 150 -21.80 46.25 19.30
C ASP D 150 -21.86 44.95 18.48
N VAL D 151 -22.23 45.07 17.20
CA VAL D 151 -22.29 43.95 16.21
C VAL D 151 -21.14 44.10 15.20
N TYR D 152 -20.12 43.25 15.32
CA TYR D 152 -18.90 43.25 14.46
C TYR D 152 -19.13 42.34 13.25
N ILE D 153 -18.67 42.77 12.08
CA ILE D 153 -18.80 42.02 10.79
C ILE D 153 -17.46 42.05 10.06
N THR D 154 -17.13 40.96 9.36
CA THR D 154 -15.89 40.81 8.54
C THR D 154 -16.26 40.76 7.07
N ASP D 155 -15.50 41.45 6.23
CA ASP D 155 -15.77 41.59 4.77
C ASP D 155 -15.59 40.23 4.11
N LYS D 156 -15.81 40.20 2.79
CA LYS D 156 -15.64 39.00 1.93
C LYS D 156 -14.36 38.26 2.33
N CYS D 157 -14.34 36.95 2.12
CA CYS D 157 -13.17 36.07 2.36
C CYS D 157 -13.33 34.77 1.55
N VAL D 158 -12.43 34.53 0.60
CA VAL D 158 -12.53 33.43 -0.40
C VAL D 158 -11.87 32.18 0.18
N LEU D 159 -12.39 31.01 -0.18
CA LEU D 159 -12.14 29.71 0.49
C LEU D 159 -12.13 28.61 -0.60
N ASP D 160 -10.97 28.05 -0.90
CA ASP D 160 -10.76 27.17 -2.08
C ASP D 160 -10.50 25.73 -1.61
N MET D 161 -11.52 24.88 -1.67
CA MET D 161 -11.43 23.41 -1.42
C MET D 161 -10.70 22.74 -2.60
N ARG D 162 -9.37 22.85 -2.64
CA ARG D 162 -8.50 22.41 -3.77
C ARG D 162 -8.91 21.01 -4.21
N SER D 163 -9.14 20.11 -3.25
CA SER D 163 -9.42 18.66 -3.46
C SER D 163 -10.59 18.49 -4.45
N MET D 164 -11.64 19.29 -4.30
CA MET D 164 -12.95 19.10 -4.98
C MET D 164 -13.25 20.29 -5.92
N ASP D 165 -12.34 21.26 -6.01
CA ASP D 165 -12.36 22.35 -7.04
C ASP D 165 -13.43 23.40 -6.69
N PHE D 166 -14.02 23.31 -5.49
CA PHE D 166 -15.05 24.25 -4.97
C PHE D 166 -14.35 25.46 -4.34
N LYS D 167 -14.69 26.67 -4.80
CA LYS D 167 -14.33 27.96 -4.13
C LYS D 167 -15.62 28.65 -3.68
N SER D 168 -15.59 29.30 -2.52
CA SER D 168 -16.77 29.93 -1.87
C SER D 168 -16.35 31.18 -1.10
N ASN D 169 -16.96 32.31 -1.42
CA ASN D 169 -16.98 33.51 -0.55
C ASN D 169 -17.58 33.14 0.80
N SER D 170 -17.51 34.05 1.77
CA SER D 170 -18.07 33.89 3.13
C SER D 170 -17.80 35.16 3.92
N ALA D 171 -18.69 35.49 4.84
CA ALA D 171 -18.57 36.60 5.80
C ALA D 171 -19.09 36.16 7.17
N VAL D 172 -18.47 36.66 8.24
CA VAL D 172 -18.82 36.32 9.64
C VAL D 172 -19.39 37.59 10.30
N ALA D 173 -20.36 37.42 11.20
CA ALA D 173 -20.91 38.48 12.09
C ALA D 173 -21.17 37.87 13.46
N TRP D 174 -21.09 38.66 14.53
CA TRP D 174 -21.35 38.19 15.91
C TRP D 174 -21.70 39.36 16.84
N SER D 175 -22.24 39.03 18.01
CA SER D 175 -22.63 39.96 19.10
C SER D 175 -22.16 39.40 20.45
N ASN D 176 -21.77 40.28 21.38
CA ASN D 176 -21.28 39.93 22.74
C ASN D 176 -22.49 39.68 23.66
N LYS D 177 -23.49 40.56 23.58
CA LYS D 177 -24.66 40.62 24.49
C LYS D 177 -25.56 39.40 24.27
N SER D 178 -26.49 39.13 25.20
CA SER D 178 -27.44 37.99 25.20
C SER D 178 -28.35 38.05 23.96
N ASP D 179 -28.67 39.25 23.48
CA ASP D 179 -29.58 39.50 22.32
C ASP D 179 -28.81 39.27 21.01
N PHE D 180 -29.52 38.87 19.95
CA PHE D 180 -28.95 38.57 18.60
C PHE D 180 -29.97 38.95 17.52
N ALA D 181 -29.57 38.87 16.25
CA ALA D 181 -30.40 39.20 15.07
C ALA D 181 -29.74 38.64 13.81
N CYS D 182 -29.95 37.34 13.55
CA CYS D 182 -29.13 36.52 12.62
C CYS D 182 -29.61 36.70 11.17
N ALA D 183 -30.90 36.98 10.97
CA ALA D 183 -31.52 37.33 9.66
C ALA D 183 -31.66 38.85 9.54
N ASN D 184 -30.87 39.60 10.32
CA ASN D 184 -30.89 41.08 10.40
C ASN D 184 -29.45 41.62 10.44
N ALA D 185 -28.45 40.74 10.29
CA ALA D 185 -27.01 41.07 10.35
C ALA D 185 -26.58 41.76 9.05
N PHE D 186 -26.95 41.19 7.89
CA PHE D 186 -26.58 41.65 6.54
C PHE D 186 -27.76 42.41 5.90
N ASN D 187 -28.68 42.90 6.73
CA ASN D 187 -29.79 43.82 6.35
C ASN D 187 -29.19 45.16 5.87
N ASN D 188 -27.96 45.46 6.29
CA ASN D 188 -27.25 46.74 6.01
C ASN D 188 -26.49 46.63 4.68
N SER D 189 -26.34 45.41 4.16
CA SER D 189 -25.65 45.10 2.87
C SER D 189 -26.69 44.77 1.79
N ILE D 190 -26.24 44.62 0.54
CA ILE D 190 -27.10 44.35 -0.66
C ILE D 190 -27.12 42.83 -0.91
N ILE D 191 -27.99 42.13 -0.17
CA ILE D 191 -28.18 40.64 -0.20
C ILE D 191 -28.64 40.23 -1.60
N PRO D 192 -28.22 39.03 -2.09
CA PRO D 192 -28.88 38.38 -3.23
C PRO D 192 -30.38 38.13 -2.92
N GLU D 193 -31.24 38.28 -3.93
CA GLU D 193 -32.73 38.23 -3.80
C GLU D 193 -33.14 36.86 -3.20
N ASP D 194 -32.44 35.79 -3.58
CA ASP D 194 -32.74 34.40 -3.16
C ASP D 194 -31.69 33.92 -2.14
N THR D 195 -31.56 34.66 -1.04
CA THR D 195 -30.71 34.31 0.14
C THR D 195 -31.54 33.46 1.11
N PHE D 196 -30.97 32.34 1.59
CA PHE D 196 -31.69 31.30 2.36
C PHE D 196 -31.41 31.47 3.84
N PHE D 197 -32.40 31.96 4.59
CA PHE D 197 -32.43 31.99 6.08
C PHE D 197 -33.28 30.82 6.59
N PRO D 198 -32.68 29.62 6.80
CA PRO D 198 -33.46 28.42 7.11
C PRO D 198 -34.11 28.47 8.50
N SER D 199 -35.26 27.79 8.66
CA SER D 199 -36.07 27.71 9.90
C SER D 199 -35.16 27.34 11.08
N PRO D 200 -34.98 28.24 12.07
CA PRO D 200 -33.89 28.11 13.05
C PRO D 200 -33.87 26.77 13.80
N GLU D 201 -32.67 26.28 14.13
CA GLU D 201 -32.45 25.09 14.99
C GLU D 201 -32.08 25.55 16.41
N THR E 2 18.72 29.12 3.43
CA THR E 2 19.64 29.96 2.59
C THR E 2 19.43 31.44 2.89
N GLY E 3 18.17 31.88 3.04
CA GLY E 3 17.74 33.28 2.85
C GLY E 3 18.13 34.17 4.01
N VAL E 4 17.72 35.44 3.95
CA VAL E 4 17.93 36.44 5.03
C VAL E 4 17.07 36.07 6.23
N SER E 5 17.58 36.27 7.44
CA SER E 5 16.96 35.85 8.72
C SER E 5 17.07 36.98 9.76
N GLN E 6 15.93 37.46 10.28
CA GLN E 6 15.84 38.61 11.21
C GLN E 6 15.32 38.15 12.58
N ASP E 7 15.80 38.80 13.64
CA ASP E 7 15.46 38.52 15.07
C ASP E 7 15.43 39.86 15.82
N PRO E 8 14.37 40.17 16.60
CA PRO E 8 13.16 39.37 16.67
C PRO E 8 12.17 39.72 15.54
N ARG E 9 11.13 38.92 15.39
CA ARG E 9 10.12 39.06 14.30
C ARG E 9 9.11 40.14 14.69
N HIS E 10 8.74 40.19 15.97
CA HIS E 10 7.95 41.28 16.60
C HIS E 10 8.67 41.73 17.89
N LYS E 11 8.63 43.03 18.20
CA LYS E 11 9.00 43.57 19.54
C LYS E 11 8.04 44.70 19.91
N ILE E 12 7.33 44.55 21.03
CA ILE E 12 6.56 45.65 21.69
C ILE E 12 7.51 46.35 22.68
N THR E 13 7.56 47.67 22.62
CA THR E 13 8.49 48.54 23.38
C THR E 13 7.71 49.72 23.95
N LYS E 14 8.11 50.20 25.13
CA LYS E 14 7.52 51.40 25.80
C LYS E 14 8.21 52.66 25.26
N ARG E 15 7.42 53.71 25.00
CA ARG E 15 7.89 55.01 24.47
C ARG E 15 9.11 55.47 25.27
N GLY E 16 10.26 55.59 24.61
CA GLY E 16 11.50 56.16 25.17
C GLY E 16 12.53 55.10 25.52
N GLN E 17 12.19 53.82 25.29
CA GLN E 17 13.15 52.68 25.39
C GLN E 17 13.82 52.47 24.04
N ASN E 18 15.07 52.00 24.02
CA ASN E 18 15.83 51.67 22.80
C ASN E 18 15.53 50.21 22.41
N VAL E 19 15.52 49.90 21.11
CA VAL E 19 15.42 48.51 20.56
C VAL E 19 16.58 48.27 19.58
N THR E 20 16.86 47.00 19.29
CA THR E 20 18.01 46.54 18.46
C THR E 20 17.61 45.33 17.62
N PHE E 21 17.45 45.53 16.32
CA PHE E 21 17.08 44.48 15.35
C PHE E 21 18.34 43.87 14.72
N ARG E 22 18.42 42.54 14.71
CA ARG E 22 19.54 41.75 14.16
C ARG E 22 19.11 41.15 12.81
N CYS E 23 20.05 41.00 11.87
CA CYS E 23 19.83 40.47 10.50
C CYS E 23 21.04 39.64 10.07
N ASP E 24 20.81 38.39 9.66
CA ASP E 24 21.87 37.46 9.19
C ASP E 24 21.59 37.05 7.75
N PRO E 25 22.26 37.70 6.77
CA PRO E 25 21.85 37.62 5.38
C PRO E 25 22.39 36.37 4.67
N ILE E 26 22.22 36.33 3.35
CA ILE E 26 22.87 35.36 2.43
C ILE E 26 24.34 35.79 2.25
N SER E 27 25.27 34.87 2.53
CA SER E 27 26.73 35.13 2.56
C SER E 27 27.16 35.86 1.30
N GLU E 28 26.85 35.28 0.13
CA GLU E 28 27.54 35.54 -1.16
C GLU E 28 27.25 36.98 -1.61
N HIS E 29 26.05 37.49 -1.32
CA HIS E 29 25.61 38.88 -1.65
C HIS E 29 26.39 39.87 -0.78
N ASN E 30 27.00 40.88 -1.42
CA ASN E 30 27.94 41.84 -0.79
C ASN E 30 27.15 42.93 -0.09
N ARG E 31 26.11 43.44 -0.75
CA ARG E 31 25.30 44.59 -0.28
C ARG E 31 24.25 44.09 0.69
N LEU E 32 23.89 44.91 1.67
CA LEU E 32 22.79 44.65 2.61
C LEU E 32 22.01 45.94 2.87
N TYR E 33 20.69 45.87 2.72
CA TYR E 33 19.77 47.04 2.73
C TYR E 33 18.89 46.97 3.96
N TRP E 34 18.71 48.11 4.64
CA TRP E 34 17.66 48.35 5.65
C TRP E 34 16.58 49.22 5.04
N TYR E 35 15.36 48.68 4.89
CA TYR E 35 14.12 49.44 4.58
C TYR E 35 13.20 49.44 5.80
N ARG E 36 12.19 50.29 5.75
CA ARG E 36 11.15 50.44 6.80
C ARG E 36 9.80 50.69 6.12
N GLN E 37 8.77 49.95 6.53
CA GLN E 37 7.41 50.01 5.95
C GLN E 37 6.43 50.35 7.09
N THR E 38 5.65 51.43 6.93
CA THR E 38 4.43 51.69 7.73
C THR E 38 3.22 51.26 6.91
N LEU E 39 2.20 50.69 7.56
CA LEU E 39 1.01 50.08 6.92
C LEU E 39 0.46 51.05 5.87
N GLY E 40 0.44 50.65 4.59
CA GLY E 40 -0.27 51.35 3.49
C GLY E 40 0.70 52.00 2.51
N GLN E 41 1.88 52.41 2.97
CA GLN E 41 2.96 53.01 2.15
C GLN E 41 3.92 51.91 1.69
N GLY E 42 4.74 52.20 0.68
CA GLY E 42 5.81 51.30 0.19
C GLY E 42 7.07 51.40 1.04
N PRO E 43 8.03 50.47 0.87
CA PRO E 43 9.22 50.42 1.72
C PRO E 43 10.10 51.67 1.55
N GLU E 44 10.39 52.37 2.66
CA GLU E 44 11.31 53.54 2.69
C GLU E 44 12.74 53.07 2.93
N PHE E 45 13.69 53.49 2.07
CA PHE E 45 15.14 53.21 2.20
C PHE E 45 15.67 53.88 3.47
N LEU E 46 16.51 53.17 4.23
CA LEU E 46 17.17 53.66 5.47
C LEU E 46 18.68 53.81 5.25
N THR E 47 19.32 52.78 4.71
CA THR E 47 20.80 52.69 4.52
C THR E 47 21.13 51.38 3.80
N TYR E 48 22.18 51.38 2.98
CA TYR E 48 22.75 50.14 2.37
C TYR E 48 24.25 50.08 2.65
N PHE E 49 24.76 48.87 2.84
CA PHE E 49 26.20 48.54 2.96
C PHE E 49 26.66 47.83 1.69
N GLN E 50 27.94 47.91 1.40
CA GLN E 50 28.72 46.92 0.63
C GLN E 50 29.87 46.43 1.52
N ASN E 51 29.89 45.14 1.82
CA ASN E 51 30.77 44.55 2.86
C ASN E 51 30.66 45.44 4.12
N GLU E 52 31.77 45.77 4.76
CA GLU E 52 31.75 46.45 6.09
C GLU E 52 31.36 47.92 5.89
N ALA E 53 31.43 48.42 4.65
CA ALA E 53 31.29 49.85 4.29
C ALA E 53 29.83 50.23 4.17
N GLN E 54 29.47 51.42 4.66
CA GLN E 54 28.07 51.93 4.78
C GLN E 54 27.92 53.15 3.87
N LEU E 55 27.59 52.93 2.61
CA LEU E 55 27.83 53.88 1.50
C LEU E 55 26.85 55.06 1.60
N GLU E 56 25.62 54.81 2.02
CA GLU E 56 24.50 55.80 1.94
C GLU E 56 23.52 55.55 3.10
N LYS E 57 22.94 56.63 3.62
CA LYS E 57 21.79 56.58 4.57
C LYS E 57 20.90 57.80 4.30
N SER E 58 19.59 57.65 4.52
CA SER E 58 18.54 58.59 4.04
C SER E 58 18.38 59.73 5.04
N ARG E 59 17.73 60.82 4.62
CA ARG E 59 17.29 61.92 5.52
C ARG E 59 16.43 61.34 6.64
N LEU E 60 15.55 60.39 6.30
CA LEU E 60 14.46 59.85 7.17
C LEU E 60 15.04 59.23 8.45
N LEU E 61 16.22 58.61 8.34
CA LEU E 61 16.96 58.01 9.49
C LEU E 61 17.53 59.15 10.36
N SER E 62 16.96 59.34 11.55
CA SER E 62 17.21 60.50 12.45
C SER E 62 18.65 60.47 12.98
N ASP E 63 18.88 61.08 14.16
CA ASP E 63 20.05 60.85 15.04
C ASP E 63 19.90 59.50 15.75
N ARG E 64 18.68 59.17 16.16
CA ARG E 64 18.35 58.07 17.11
C ARG E 64 18.68 56.73 16.48
N PHE E 65 18.43 56.61 15.17
CA PHE E 65 18.63 55.38 14.37
C PHE E 65 20.11 55.28 13.98
N SER E 66 20.71 54.12 14.21
CA SER E 66 22.08 53.76 13.75
C SER E 66 22.14 52.25 13.43
N ALA E 67 22.89 51.88 12.40
CA ALA E 67 23.06 50.48 11.94
C ALA E 67 24.53 50.21 11.61
N GLU E 68 25.10 49.16 12.22
CA GLU E 68 26.47 48.67 11.95
C GLU E 68 26.38 47.40 11.11
N ARG E 69 27.45 47.08 10.38
CA ARG E 69 27.74 45.75 9.83
C ARG E 69 29.23 45.49 9.95
N PRO E 70 29.72 45.13 11.16
CA PRO E 70 31.14 45.25 11.49
C PRO E 70 32.07 44.41 10.61
N LYS E 71 31.68 43.19 10.30
CA LYS E 71 32.26 42.38 9.20
C LYS E 71 31.34 42.46 8.00
N GLY E 72 31.69 41.78 6.91
CA GLY E 72 30.90 41.77 5.67
C GLY E 72 29.54 41.10 5.85
N SER E 73 29.26 40.55 7.05
CA SER E 73 28.23 39.53 7.30
C SER E 73 27.00 40.18 7.95
N PHE E 74 26.73 39.83 9.21
CA PHE E 74 25.51 40.20 9.96
C PHE E 74 25.51 41.72 10.22
N SER E 75 24.33 42.34 10.13
CA SER E 75 24.08 43.76 10.46
C SER E 75 23.08 43.86 11.62
N THR E 76 23.18 44.94 12.39
CA THR E 76 22.20 45.35 13.40
C THR E 76 21.69 46.75 13.04
N LEU E 77 20.38 46.97 13.13
CA LEU E 77 19.75 48.30 13.30
C LEU E 77 19.55 48.57 14.79
N GLU E 78 19.69 49.82 15.21
CA GLU E 78 19.53 50.26 16.63
C GLU E 78 18.74 51.56 16.66
N ILE E 79 17.49 51.51 17.13
CA ILE E 79 16.64 52.71 17.37
C ILE E 79 16.77 53.10 18.84
N GLN E 80 17.00 54.38 19.12
CA GLN E 80 17.20 54.93 20.48
C GLN E 80 15.92 55.69 20.88
N ARG E 81 15.73 55.92 22.19
CA ARG E 81 14.60 56.69 22.76
C ARG E 81 13.38 56.60 21.82
N THR E 82 12.71 55.45 21.80
CA THR E 82 11.65 55.10 20.81
C THR E 82 10.43 55.99 21.00
N GLU E 83 9.83 56.42 19.89
CA GLU E 83 8.56 57.18 19.84
C GLU E 83 7.53 56.35 19.07
N GLN E 84 6.24 56.70 19.19
CA GLN E 84 5.11 55.98 18.56
C GLN E 84 5.29 55.98 17.03
N GLY E 85 5.83 57.07 16.48
CA GLY E 85 6.00 57.28 15.03
C GLY E 85 6.99 56.28 14.43
N ASP E 86 7.88 55.72 15.24
CA ASP E 86 8.93 54.75 14.81
C ASP E 86 8.28 53.42 14.44
N SER E 87 7.07 53.16 14.97
CA SER E 87 6.32 51.89 14.82
C SER E 87 6.18 51.55 13.34
N ALA E 88 6.76 50.43 12.91
CA ALA E 88 6.82 50.00 11.50
C ALA E 88 7.42 48.60 11.40
N MET E 89 7.24 47.95 10.25
CA MET E 89 8.02 46.77 9.82
C MET E 89 9.39 47.25 9.39
N TYR E 90 10.43 46.72 10.00
CA TYR E 90 11.84 47.05 9.68
C TYR E 90 12.43 45.88 8.90
N LEU E 91 12.57 46.07 7.58
CA LEU E 91 12.89 45.01 6.59
C LEU E 91 14.39 44.99 6.33
N CYS E 92 15.02 43.81 6.42
CA CYS E 92 16.44 43.57 6.05
C CYS E 92 16.50 42.79 4.74
N ALA E 93 17.34 43.23 3.81
CA ALA E 93 17.50 42.60 2.47
C ALA E 93 18.98 42.55 2.13
N SER E 94 19.48 41.37 1.76
CA SER E 94 20.77 41.19 1.07
C SER E 94 20.54 41.27 -0.44
N SER E 95 21.54 41.72 -1.18
CA SER E 95 21.40 42.18 -2.58
C SER E 95 22.69 41.90 -3.37
N SER E 96 22.54 41.33 -4.56
CA SER E 96 23.57 41.31 -5.63
C SER E 96 23.96 42.74 -5.98
N ALA E 97 25.24 42.98 -6.24
CA ALA E 97 25.80 44.26 -6.73
C ALA E 97 25.65 44.33 -8.26
N ASN E 98 25.70 43.18 -8.95
CA ASN E 98 25.74 43.11 -10.43
C ASN E 98 24.29 43.20 -11.00
N SER E 99 23.36 42.38 -10.51
CA SER E 99 21.90 42.70 -10.51
C SER E 99 21.59 43.57 -9.29
N GLY E 100 20.37 44.07 -9.19
CA GLY E 100 19.93 44.88 -8.04
C GLY E 100 18.89 44.15 -7.24
N GLU E 101 18.95 42.83 -7.25
CA GLU E 101 17.92 41.96 -6.66
C GLU E 101 18.02 42.05 -5.13
N LEU E 102 16.93 42.42 -4.48
CA LEU E 102 16.76 42.40 -3.02
C LEU E 102 16.16 41.05 -2.62
N PHE E 103 16.69 40.43 -1.57
CA PHE E 103 16.21 39.16 -0.99
C PHE E 103 15.89 39.37 0.49
N PHE E 104 14.61 39.59 0.79
CA PHE E 104 14.13 40.14 2.07
C PHE E 104 14.03 39.00 3.09
N GLY E 105 14.30 39.32 4.35
CA GLY E 105 13.83 38.56 5.51
C GLY E 105 12.36 38.80 5.75
N GLU E 106 11.81 38.17 6.79
CA GLU E 106 10.37 38.27 7.16
C GLU E 106 10.16 39.48 8.06
N GLY E 107 11.19 40.33 8.21
CA GLY E 107 11.08 41.66 8.81
C GLY E 107 10.96 41.59 10.33
N SER E 108 11.13 42.73 10.99
CA SER E 108 10.89 42.92 12.44
C SER E 108 9.79 43.98 12.63
N ARG E 109 8.62 43.57 13.12
CA ARG E 109 7.49 44.48 13.49
C ARG E 109 7.80 45.12 14.85
N LEU E 110 8.07 46.42 14.87
CA LEU E 110 8.19 47.23 16.11
C LEU E 110 6.90 48.02 16.30
N THR E 111 6.16 47.70 17.35
CA THR E 111 5.00 48.48 17.86
C THR E 111 5.44 49.21 19.14
N VAL E 112 5.39 50.55 19.15
CA VAL E 112 5.79 51.41 20.29
C VAL E 112 4.53 52.03 20.91
N LEU E 113 4.33 51.85 22.21
CA LEU E 113 3.13 52.33 22.96
C LEU E 113 3.60 53.19 24.14
N GLU E 114 2.73 54.11 24.61
CA GLU E 114 3.01 55.05 25.72
C GLU E 114 3.03 54.27 27.05
N ASP E 115 2.31 53.15 27.12
CA ASP E 115 2.43 52.14 28.22
C ASP E 115 1.83 50.81 27.75
N LEU E 116 2.02 49.76 28.55
CA LEU E 116 1.82 48.35 28.15
C LEU E 116 0.45 47.83 28.65
N LYS E 117 -0.20 48.60 29.55
CA LYS E 117 -1.52 48.25 30.16
C LYS E 117 -2.47 47.78 29.06
N ASN E 118 -2.35 48.35 27.86
CA ASN E 118 -3.32 48.20 26.75
C ASN E 118 -3.13 46.82 26.08
N VAL E 119 -1.99 46.15 26.30
CA VAL E 119 -1.60 44.88 25.61
C VAL E 119 -2.39 43.72 26.24
N PHE E 120 -3.28 43.09 25.45
CA PHE E 120 -4.08 41.90 25.85
C PHE E 120 -3.84 40.77 24.85
N PRO E 121 -3.78 39.50 25.29
CA PRO E 121 -3.73 38.36 24.37
C PRO E 121 -5.12 38.10 23.80
N PRO E 122 -5.24 37.16 22.82
CA PRO E 122 -6.54 36.82 22.26
C PRO E 122 -7.31 35.80 23.13
N GLU E 123 -8.64 35.94 23.17
CA GLU E 123 -9.59 34.83 23.42
C GLU E 123 -9.91 34.16 22.09
N VAL E 124 -9.75 32.83 22.00
CA VAL E 124 -9.97 32.01 20.78
C VAL E 124 -11.14 31.07 21.03
N ALA E 125 -12.16 31.15 20.17
CA ALA E 125 -13.36 30.30 20.20
C ALA E 125 -13.54 29.64 18.83
N VAL E 126 -13.74 28.33 18.81
CA VAL E 126 -14.26 27.57 17.62
C VAL E 126 -15.78 27.46 17.77
N PHE E 127 -16.50 27.58 16.64
CA PHE E 127 -17.98 27.45 16.55
C PHE E 127 -18.32 26.37 15.53
N GLU E 128 -18.99 25.31 15.99
CA GLU E 128 -19.27 24.08 15.20
C GLU E 128 -20.19 24.43 14.03
N PRO E 129 -20.19 23.65 12.94
CA PRO E 129 -21.08 23.88 11.81
C PRO E 129 -22.56 23.83 12.21
N SER E 130 -23.42 24.42 11.37
CA SER E 130 -24.90 24.41 11.50
C SER E 130 -25.46 23.19 10.76
N GLU E 131 -26.48 22.54 11.34
CA GLU E 131 -27.21 21.42 10.69
C GLU E 131 -27.95 21.97 9.46
N ALA E 132 -28.53 23.16 9.59
CA ALA E 132 -29.06 23.97 8.47
C ALA E 132 -28.08 23.95 7.29
N GLU E 133 -26.81 24.30 7.53
CA GLU E 133 -25.74 24.38 6.51
C GLU E 133 -25.54 22.99 5.87
N ILE E 134 -25.67 21.93 6.67
CA ILE E 134 -25.36 20.53 6.27
C ILE E 134 -26.55 19.94 5.49
N SER E 135 -27.79 20.32 5.86
CA SER E 135 -29.06 19.82 5.25
C SER E 135 -29.31 20.52 3.90
N HIS E 136 -28.54 21.57 3.59
CA HIS E 136 -28.63 22.36 2.34
C HIS E 136 -27.49 21.98 1.40
N THR E 137 -26.26 21.91 1.93
CA THR E 137 -24.99 21.99 1.16
C THR E 137 -24.25 20.65 1.19
N GLN E 138 -24.52 19.83 2.22
CA GLN E 138 -23.64 18.71 2.65
C GLN E 138 -22.18 19.22 2.68
N LYS E 139 -21.97 20.43 3.19
CA LYS E 139 -20.66 20.97 3.61
C LYS E 139 -20.82 21.65 4.98
N ALA E 140 -19.76 21.63 5.78
CA ALA E 140 -19.73 22.09 7.19
C ALA E 140 -18.60 23.10 7.38
N THR E 141 -18.96 24.35 7.72
CA THR E 141 -18.02 25.46 8.01
C THR E 141 -17.88 25.61 9.53
N LEU E 142 -16.72 25.21 10.07
CA LEU E 142 -16.22 25.67 11.39
C LEU E 142 -15.85 27.15 11.27
N VAL E 143 -16.14 27.92 12.32
CA VAL E 143 -15.73 29.35 12.44
C VAL E 143 -14.85 29.50 13.68
N CYS E 144 -13.79 30.29 13.57
CA CYS E 144 -12.85 30.60 14.67
C CYS E 144 -12.78 32.11 14.88
N LEU E 145 -12.74 32.52 16.14
CA LEU E 145 -13.01 33.90 16.58
C LEU E 145 -12.03 34.29 17.69
N ALA E 146 -10.90 34.90 17.30
CA ALA E 146 -9.92 35.55 18.19
C ALA E 146 -10.38 36.99 18.45
N THR E 147 -10.73 37.29 19.71
CA THR E 147 -11.41 38.55 20.11
C THR E 147 -10.58 39.25 21.20
N GLY E 148 -10.61 40.59 21.20
CA GLY E 148 -10.04 41.45 22.24
C GLY E 148 -8.56 41.14 22.49
N PHE E 149 -7.71 41.47 21.52
CA PHE E 149 -6.23 41.43 21.64
C PHE E 149 -5.64 42.75 21.14
N TYR E 150 -4.48 43.14 21.69
CA TYR E 150 -3.70 44.36 21.36
C TYR E 150 -2.21 44.05 21.53
N PRO E 151 -1.35 44.34 20.51
CA PRO E 151 -1.77 45.00 19.29
C PRO E 151 -2.16 43.99 18.20
N ASP E 152 -2.39 44.48 16.98
CA ASP E 152 -3.30 43.85 15.98
C ASP E 152 -2.61 42.64 15.32
N HIS E 153 -1.30 42.44 15.53
CA HIS E 153 -0.51 41.37 14.87
C HIS E 153 -0.59 40.07 15.69
N VAL E 154 -1.41 39.14 15.21
CA VAL E 154 -1.45 37.70 15.61
C VAL E 154 -1.31 36.86 14.33
N GLU E 155 -1.11 35.55 14.49
CA GLU E 155 -1.05 34.57 13.37
C GLU E 155 -1.97 33.39 13.69
N LEU E 156 -3.04 33.22 12.91
CA LEU E 156 -4.10 32.19 13.14
C LEU E 156 -3.96 31.08 12.10
N SER E 157 -3.99 29.84 12.55
CA SER E 157 -3.84 28.63 11.70
C SER E 157 -4.89 27.57 12.10
N TRP E 158 -5.24 26.69 11.15
CA TRP E 158 -6.17 25.55 11.35
C TRP E 158 -5.37 24.25 11.38
N TRP E 159 -5.58 23.45 12.41
CA TRP E 159 -4.86 22.16 12.62
C TRP E 159 -5.88 21.03 12.69
N VAL E 160 -5.97 20.23 11.62
CA VAL E 160 -6.83 19.01 11.51
C VAL E 160 -5.96 17.78 11.82
N ASN E 161 -6.27 17.08 12.91
CA ASN E 161 -5.54 15.86 13.36
C ASN E 161 -4.05 16.20 13.50
N GLY E 162 -3.74 17.32 14.16
CA GLY E 162 -2.37 17.76 14.47
C GLY E 162 -1.54 17.97 13.20
N LYS E 163 -2.18 18.34 12.09
CA LYS E 163 -1.52 18.75 10.83
C LYS E 163 -2.17 20.04 10.31
N GLU E 164 -1.44 21.15 10.33
CA GLU E 164 -1.87 22.43 9.71
C GLU E 164 -2.26 22.16 8.26
N VAL E 165 -3.42 22.68 7.84
CA VAL E 165 -3.89 22.63 6.44
C VAL E 165 -4.46 24.02 6.08
N HIS E 166 -4.39 24.40 4.79
CA HIS E 166 -4.85 25.70 4.24
C HIS E 166 -6.02 25.48 3.28
N SER E 167 -6.04 24.33 2.59
CA SER E 167 -7.16 23.91 1.72
C SER E 167 -8.48 24.07 2.48
N GLY E 168 -9.37 24.91 1.98
CA GLY E 168 -10.72 25.13 2.56
C GLY E 168 -10.68 26.02 3.80
N VAL E 169 -9.64 26.82 3.95
CA VAL E 169 -9.52 27.86 5.01
C VAL E 169 -9.68 29.22 4.37
N CYS E 170 -10.32 30.16 5.09
CA CYS E 170 -10.23 31.62 4.86
C CYS E 170 -10.05 32.34 6.20
N THR E 171 -9.03 33.21 6.28
CA THR E 171 -8.83 34.18 7.40
C THR E 171 -8.99 35.60 6.84
N ASP E 172 -9.56 36.50 7.66
CA ASP E 172 -9.68 37.95 7.36
C ASP E 172 -8.30 38.50 7.01
N PRO E 173 -8.10 39.04 5.80
CA PRO E 173 -6.81 39.56 5.38
C PRO E 173 -6.13 40.38 6.49
N GLN E 174 -6.92 41.19 7.22
CA GLN E 174 -6.44 42.09 8.31
C GLN E 174 -7.44 42.03 9.46
N PRO E 175 -6.98 42.06 10.73
CA PRO E 175 -7.88 42.07 11.89
C PRO E 175 -8.82 43.30 11.94
N LEU E 176 -9.69 43.35 12.95
CA LEU E 176 -10.93 44.19 12.99
C LEU E 176 -11.00 44.94 14.32
N LYS E 177 -10.97 46.28 14.27
CA LYS E 177 -11.23 47.18 15.43
C LYS E 177 -12.61 46.85 16.02
N GLU E 178 -12.67 46.65 17.34
CA GLU E 178 -13.94 46.35 18.08
C GLU E 178 -14.71 47.65 18.30
N GLN E 179 -14.03 48.72 18.75
CA GLN E 179 -14.61 50.08 18.96
C GLN E 179 -13.97 51.06 17.97
N PRO E 180 -14.46 51.12 16.71
CA PRO E 180 -13.79 51.90 15.67
C PRO E 180 -13.49 53.34 16.09
N ALA E 181 -14.30 53.89 17.00
CA ALA E 181 -14.22 55.29 17.49
C ALA E 181 -13.05 55.43 18.48
N LEU E 182 -12.74 54.36 19.22
CA LEU E 182 -11.72 54.35 20.32
C LEU E 182 -10.31 54.21 19.73
N ASN E 183 -9.35 54.98 20.25
CA ASN E 183 -7.89 54.88 19.93
C ASN E 183 -7.33 53.57 20.52
N ASP E 184 -7.72 53.26 21.76
CA ASP E 184 -7.22 52.12 22.55
C ASP E 184 -7.82 50.81 22.01
N SER E 185 -8.83 50.92 21.15
CA SER E 185 -9.62 49.78 20.61
C SER E 185 -8.73 48.56 20.39
N ARG E 186 -9.06 47.44 21.03
CA ARG E 186 -8.49 46.11 20.72
C ARG E 186 -9.04 45.64 19.36
N TYR E 187 -8.43 44.61 18.78
CA TYR E 187 -8.72 44.10 17.42
C TYR E 187 -9.21 42.65 17.51
N ALA E 188 -9.98 42.21 16.53
CA ALA E 188 -10.66 40.89 16.49
C ALA E 188 -10.53 40.29 15.08
N LEU E 189 -10.47 38.96 15.00
CA LEU E 189 -10.12 38.22 13.77
C LEU E 189 -10.99 36.95 13.68
N SER E 190 -11.61 36.72 12.52
CA SER E 190 -12.44 35.52 12.20
C SER E 190 -11.74 34.68 11.15
N SER E 191 -11.88 33.36 11.23
CA SER E 191 -11.40 32.40 10.21
C SER E 191 -12.45 31.33 9.98
N ARG E 192 -12.32 30.61 8.86
CA ARG E 192 -13.30 29.60 8.40
C ARG E 192 -12.54 28.40 7.83
N LEU E 193 -12.79 27.20 8.38
CA LEU E 193 -12.44 25.91 7.75
C LEU E 193 -13.74 25.23 7.30
N ARG E 194 -13.88 25.00 5.99
CA ARG E 194 -15.03 24.31 5.37
C ARG E 194 -14.56 22.92 4.89
N VAL E 195 -15.30 21.89 5.29
CA VAL E 195 -15.01 20.47 4.99
C VAL E 195 -16.32 19.76 4.65
N SER E 196 -16.24 18.62 3.96
CA SER E 196 -17.38 17.73 3.64
C SER E 196 -18.13 17.39 4.93
N ALA E 197 -19.46 17.44 4.91
CA ALA E 197 -20.32 17.11 6.06
C ALA E 197 -19.96 15.70 6.58
N THR E 198 -19.57 14.80 5.67
CA THR E 198 -19.07 13.43 5.97
C THR E 198 -17.86 13.52 6.92
N PHE E 199 -16.98 14.51 6.70
CA PHE E 199 -15.70 14.70 7.45
C PHE E 199 -15.99 15.22 8.86
N TRP E 200 -16.91 16.18 8.98
CA TRP E 200 -17.39 16.72 10.27
C TRP E 200 -18.15 15.62 11.03
N GLN E 201 -18.75 14.68 10.29
CA GLN E 201 -19.56 13.56 10.86
C GLN E 201 -18.68 12.31 11.02
N ASP E 202 -17.39 12.52 11.29
CA ASP E 202 -16.46 11.50 11.86
C ASP E 202 -16.05 11.95 13.26
N PRO E 203 -16.45 11.23 14.32
CA PRO E 203 -16.20 11.68 15.67
C PRO E 203 -14.71 11.54 16.04
N ARG E 204 -13.97 10.75 15.26
CA ARG E 204 -12.50 10.52 15.45
C ARG E 204 -11.73 11.49 14.54
N ASN E 205 -12.26 12.69 14.37
CA ASN E 205 -11.62 13.81 13.62
C ASN E 205 -11.48 15.00 14.54
N HIS E 206 -10.26 15.55 14.63
CA HIS E 206 -9.87 16.59 15.62
C HIS E 206 -9.57 17.89 14.88
N PHE E 207 -10.24 18.96 15.28
CA PHE E 207 -10.03 20.34 14.74
C PHE E 207 -9.55 21.24 15.87
N ARG E 208 -8.41 21.88 15.67
CA ARG E 208 -7.90 22.97 16.53
C ARG E 208 -7.69 24.22 15.68
N CYS E 209 -8.26 25.34 16.11
CA CYS E 209 -7.89 26.71 15.67
C CYS E 209 -6.91 27.31 16.67
N GLN E 210 -5.78 27.82 16.17
CA GLN E 210 -4.55 28.14 16.95
C GLN E 210 -4.06 29.52 16.55
N VAL E 211 -3.98 30.44 17.53
CA VAL E 211 -3.59 31.87 17.31
C VAL E 211 -2.29 32.14 18.08
N GLN E 212 -1.18 32.28 17.36
CA GLN E 212 0.09 32.83 17.88
C GLN E 212 -0.07 34.33 18.09
N PHE E 213 -0.16 34.77 19.34
CA PHE E 213 -0.07 36.19 19.76
C PHE E 213 1.39 36.59 19.84
N TYR E 214 1.68 37.83 19.49
CA TYR E 214 3.03 38.45 19.64
C TYR E 214 2.92 39.64 20.59
N GLY E 215 3.30 39.42 21.86
CA GLY E 215 3.03 40.33 22.99
C GLY E 215 4.31 40.88 23.61
N LEU E 216 4.48 40.68 24.92
CA LEU E 216 5.66 41.13 25.70
C LEU E 216 6.65 39.97 25.87
N SER E 217 7.86 40.26 26.32
CA SER E 217 8.96 39.28 26.55
C SER E 217 9.00 38.85 28.02
N GLU E 218 9.96 38.00 28.38
CA GLU E 218 10.32 37.63 29.78
C GLU E 218 10.67 38.91 30.55
N ASN E 219 11.60 39.71 30.02
CA ASN E 219 12.27 40.84 30.74
C ASN E 219 11.42 42.11 30.61
N ASP E 220 10.12 41.96 30.30
CA ASP E 220 9.15 43.09 30.20
C ASP E 220 8.49 43.30 31.58
N GLU E 221 8.32 44.55 31.99
CA GLU E 221 7.95 44.97 33.37
C GLU E 221 6.42 44.94 33.52
N TRP E 222 5.91 44.32 34.60
CA TRP E 222 4.47 44.03 34.82
C TRP E 222 4.21 43.73 36.29
N THR E 223 3.43 44.60 36.96
CA THR E 223 2.84 44.36 38.31
C THR E 223 1.35 44.76 38.29
N GLN E 224 0.58 44.14 37.40
CA GLN E 224 -0.90 44.36 37.23
C GLN E 224 -1.63 43.04 37.52
N ASP E 225 -2.87 43.14 38.03
CA ASP E 225 -3.57 42.02 38.73
C ASP E 225 -3.71 40.81 37.80
N ARG E 226 -4.01 41.05 36.52
CA ARG E 226 -4.21 39.98 35.49
C ARG E 226 -2.86 39.40 35.07
N ALA E 227 -2.88 38.32 34.27
CA ALA E 227 -1.69 37.57 33.79
C ALA E 227 -0.85 38.47 32.87
N LYS E 228 0.47 38.25 32.84
CA LYS E 228 1.42 38.98 31.96
C LYS E 228 1.11 38.66 30.50
N PRO E 229 0.79 39.69 29.66
CA PRO E 229 0.38 39.44 28.27
C PRO E 229 1.59 39.15 27.36
N VAL E 230 2.24 38.00 27.56
CA VAL E 230 3.47 37.58 26.84
C VAL E 230 3.08 36.88 25.54
N THR E 231 4.00 36.85 24.57
CA THR E 231 3.89 36.05 23.32
C THR E 231 3.47 34.62 23.69
N GLN E 232 2.28 34.21 23.22
CA GLN E 232 1.64 32.92 23.59
C GLN E 232 0.89 32.36 22.38
N ILE E 233 0.68 31.04 22.35
CA ILE E 233 -0.30 30.35 21.46
C ILE E 233 -1.60 30.15 22.23
N VAL E 234 -2.68 30.80 21.80
CA VAL E 234 -4.07 30.58 22.30
C VAL E 234 -4.82 29.73 21.27
N SER E 235 -5.29 28.55 21.70
CA SER E 235 -5.96 27.55 20.84
C SER E 235 -7.43 27.41 21.25
N ALA E 236 -8.23 26.79 20.40
CA ALA E 236 -9.62 26.36 20.68
C ALA E 236 -9.90 25.06 19.94
N GLU E 237 -10.61 24.14 20.57
CA GLU E 237 -10.72 22.72 20.18
C GLU E 237 -12.17 22.41 19.81
N ALA E 238 -12.35 21.42 18.93
CA ALA E 238 -13.64 20.95 18.41
C ALA E 238 -13.45 19.57 17.78
N TRP E 239 -14.44 18.69 17.98
CA TRP E 239 -14.42 17.27 17.56
C TRP E 239 -15.59 17.02 16.60
N GLY E 240 -15.46 16.04 15.70
CA GLY E 240 -16.54 15.59 14.81
C GLY E 240 -17.75 15.08 15.58
N ARG E 241 -18.92 15.05 14.94
CA ARG E 241 -20.18 14.46 15.50
C ARG E 241 -21.17 14.21 14.37
N ALA E 242 -21.87 13.06 14.43
CA ALA E 242 -22.81 12.57 13.38
C ALA E 242 -24.22 13.09 13.69
N ASP E 243 -24.40 13.76 14.83
CA ASP E 243 -25.69 14.36 15.27
C ASP E 243 -25.65 15.87 15.04
N GLY F 1 -27.76 -81.99 21.41
CA GLY F 1 -28.67 -81.71 20.26
C GLY F 1 -28.22 -80.49 19.48
N SER F 2 -28.54 -80.46 18.19
CA SER F 2 -28.35 -79.29 17.29
C SER F 2 -29.32 -78.18 17.69
N HIS F 3 -29.01 -76.95 17.30
CA HIS F 3 -29.83 -75.74 17.54
C HIS F 3 -29.74 -74.84 16.30
N SER F 4 -30.44 -73.70 16.33
CA SER F 4 -30.52 -72.71 15.21
C SER F 4 -31.00 -71.36 15.72
N MET F 5 -30.30 -70.29 15.34
CA MET F 5 -30.86 -68.92 15.21
C MET F 5 -31.24 -68.70 13.74
N ARG F 6 -32.39 -68.06 13.50
CA ARG F 6 -32.85 -67.68 12.14
C ARG F 6 -33.80 -66.50 12.24
N TYR F 7 -33.54 -65.48 11.43
CA TYR F 7 -34.44 -64.33 11.18
C TYR F 7 -35.13 -64.52 9.83
N PHE F 8 -36.44 -64.30 9.80
CA PHE F 8 -37.30 -64.37 8.60
C PHE F 8 -37.83 -62.97 8.29
N PHE F 9 -37.69 -62.54 7.04
CA PHE F 9 -38.05 -61.16 6.58
C PHE F 9 -39.03 -61.25 5.42
N THR F 10 -40.08 -60.43 5.47
CA THR F 10 -41.18 -60.39 4.49
C THR F 10 -41.46 -58.94 4.13
N SER F 11 -41.12 -58.53 2.91
CA SER F 11 -41.46 -57.19 2.35
C SER F 11 -42.48 -57.33 1.22
N VAL F 12 -43.58 -56.58 1.32
CA VAL F 12 -44.72 -56.60 0.35
C VAL F 12 -44.97 -55.17 -0.12
N SER F 13 -44.85 -54.93 -1.43
CA SER F 13 -45.10 -53.62 -2.08
C SER F 13 -46.59 -53.33 -2.10
N ARG F 14 -46.98 -52.07 -1.98
CA ARG F 14 -48.39 -51.63 -1.91
C ARG F 14 -48.61 -50.52 -2.91
N PRO F 15 -49.17 -50.82 -4.09
CA PRO F 15 -49.16 -49.89 -5.22
C PRO F 15 -49.68 -48.48 -4.87
N GLY F 16 -49.03 -47.45 -5.43
CA GLY F 16 -49.54 -46.07 -5.45
C GLY F 16 -49.04 -45.26 -4.26
N ARG F 17 -47.72 -45.15 -4.12
CA ARG F 17 -47.04 -44.23 -3.16
C ARG F 17 -47.06 -44.82 -1.75
N GLY F 18 -47.82 -45.90 -1.52
CA GLY F 18 -47.84 -46.63 -0.23
C GLY F 18 -46.46 -47.18 0.12
N GLU F 19 -45.97 -46.90 1.33
CA GLU F 19 -44.80 -47.58 1.94
C GLU F 19 -45.17 -49.05 2.14
N PRO F 20 -44.24 -49.99 1.87
CA PRO F 20 -44.57 -51.42 1.89
C PRO F 20 -44.74 -51.97 3.31
N ARG F 21 -45.50 -53.05 3.45
CA ARG F 21 -45.52 -53.89 4.67
C ARG F 21 -44.14 -54.49 4.85
N PHE F 22 -43.60 -54.44 6.06
CA PHE F 22 -42.35 -55.13 6.46
C PHE F 22 -42.55 -55.86 7.79
N ILE F 23 -42.39 -57.18 7.78
CA ILE F 23 -42.50 -58.07 8.96
C ILE F 23 -41.20 -58.83 9.14
N ALA F 24 -40.61 -58.75 10.32
CA ALA F 24 -39.36 -59.46 10.71
C ALA F 24 -39.60 -60.21 12.01
N VAL F 25 -39.22 -61.49 12.05
CA VAL F 25 -39.36 -62.36 13.24
C VAL F 25 -38.06 -63.12 13.44
N GLY F 26 -37.62 -63.23 14.68
CA GLY F 26 -36.41 -63.99 15.06
C GLY F 26 -36.78 -65.23 15.84
N TYR F 27 -36.36 -66.39 15.35
CA TYR F 27 -36.53 -67.71 16.01
C TYR F 27 -35.18 -68.19 16.55
N VAL F 28 -35.18 -68.73 17.76
CA VAL F 28 -34.14 -69.67 18.29
C VAL F 28 -34.75 -71.08 18.34
N ASP F 29 -34.22 -71.99 17.53
CA ASP F 29 -34.85 -73.30 17.23
C ASP F 29 -36.25 -73.05 16.65
N ASP F 30 -37.30 -73.38 17.41
CA ASP F 30 -38.72 -73.36 16.97
C ASP F 30 -39.50 -72.34 17.83
N THR F 31 -38.79 -71.41 18.47
CA THR F 31 -39.35 -70.49 19.49
C THR F 31 -39.04 -69.04 19.09
N GLN F 32 -40.05 -68.34 18.56
CA GLN F 32 -39.96 -66.88 18.19
C GLN F 32 -39.64 -66.07 19.44
N PHE F 33 -38.71 -65.09 19.35
CA PHE F 33 -38.19 -64.33 20.51
C PHE F 33 -38.22 -62.82 20.24
N VAL F 34 -38.18 -62.39 18.98
CA VAL F 34 -38.31 -60.96 18.58
C VAL F 34 -39.26 -60.86 17.39
N ARG F 35 -39.83 -59.66 17.17
CA ARG F 35 -40.53 -59.29 15.90
C ARG F 35 -40.40 -57.77 15.69
N PHE F 36 -40.26 -57.36 14.43
CA PHE F 36 -40.63 -56.01 13.93
C PHE F 36 -41.80 -56.14 12.96
N ASP F 37 -42.67 -55.13 12.94
CA ASP F 37 -43.84 -55.08 12.03
C ASP F 37 -44.17 -53.62 11.73
N SER F 38 -43.91 -53.17 10.50
CA SER F 38 -44.17 -51.79 10.03
C SER F 38 -45.58 -51.35 10.46
N ASP F 39 -46.56 -52.28 10.44
CA ASP F 39 -47.99 -52.02 10.75
C ASP F 39 -48.14 -51.59 12.22
N ALA F 40 -47.70 -52.45 13.15
CA ALA F 40 -47.73 -52.23 14.62
C ALA F 40 -47.18 -50.83 14.96
N ALA F 41 -47.55 -50.29 16.13
CA ALA F 41 -47.47 -48.84 16.47
C ALA F 41 -46.38 -48.58 17.51
N SER F 42 -45.55 -49.60 17.81
CA SER F 42 -44.31 -49.46 18.63
C SER F 42 -43.18 -48.90 17.76
N GLN F 43 -42.93 -49.52 16.60
CA GLN F 43 -41.83 -49.17 15.65
C GLN F 43 -40.47 -49.45 16.30
N ARG F 44 -40.45 -50.38 17.27
CA ARG F 44 -39.22 -50.95 17.86
C ARG F 44 -39.23 -52.45 17.65
N MET F 45 -38.08 -53.11 17.78
CA MET F 45 -38.00 -54.57 17.97
C MET F 45 -38.68 -54.92 19.29
N GLU F 46 -39.70 -55.77 19.24
CA GLU F 46 -40.49 -56.20 20.42
C GLU F 46 -40.05 -57.61 20.83
N PRO F 47 -39.94 -57.88 22.15
CA PRO F 47 -39.66 -59.23 22.63
C PRO F 47 -40.90 -60.12 22.61
N ARG F 48 -40.75 -61.38 22.17
CA ARG F 48 -41.88 -62.33 21.98
C ARG F 48 -41.62 -63.66 22.70
N ALA F 49 -40.43 -63.83 23.28
CA ALA F 49 -40.17 -64.75 24.39
C ALA F 49 -40.23 -63.96 25.70
N PRO F 50 -40.25 -64.64 26.86
CA PRO F 50 -40.13 -63.95 28.15
C PRO F 50 -38.68 -63.92 28.67
N TRP F 51 -37.77 -64.64 28.01
CA TRP F 51 -36.36 -64.83 28.46
C TRP F 51 -35.46 -63.80 27.77
N ILE F 52 -35.91 -63.21 26.67
CA ILE F 52 -35.19 -62.16 25.89
C ILE F 52 -35.54 -60.77 26.46
N GLU F 53 -36.51 -60.69 27.37
CA GLU F 53 -37.05 -59.41 27.92
C GLU F 53 -36.04 -58.80 28.88
N GLN F 54 -35.14 -59.63 29.42
CA GLN F 54 -34.16 -59.22 30.46
C GLN F 54 -33.05 -58.37 29.83
N GLU F 55 -32.85 -58.46 28.51
CA GLU F 55 -31.85 -57.66 27.74
C GLU F 55 -32.14 -56.17 27.94
N GLY F 56 -31.09 -55.36 28.10
CA GLY F 56 -31.16 -53.96 28.59
C GLY F 56 -31.48 -52.99 27.45
N PRO F 57 -31.77 -51.70 27.77
CA PRO F 57 -32.19 -50.73 26.76
C PRO F 57 -31.20 -50.64 25.59
N GLU F 58 -29.93 -50.98 25.84
CA GLU F 58 -28.83 -51.00 24.83
C GLU F 58 -29.22 -51.95 23.70
N TYR F 59 -29.34 -53.24 23.99
CA TYR F 59 -29.65 -54.33 23.01
C TYR F 59 -30.84 -53.92 22.14
N TRP F 60 -31.87 -53.35 22.77
CA TRP F 60 -33.19 -53.08 22.15
C TRP F 60 -33.07 -51.90 21.17
N ASP F 61 -32.63 -50.75 21.67
CA ASP F 61 -32.15 -49.61 20.83
C ASP F 61 -31.29 -50.17 19.70
N GLY F 62 -30.39 -51.11 20.01
CA GLY F 62 -29.45 -51.75 19.07
C GLY F 62 -30.20 -52.44 17.95
N GLU F 63 -30.93 -53.50 18.27
CA GLU F 63 -31.70 -54.31 17.29
C GLU F 63 -32.58 -53.38 16.46
N THR F 64 -33.26 -52.43 17.09
CA THR F 64 -34.21 -51.49 16.45
C THR F 64 -33.50 -50.77 15.30
N ARG F 65 -32.29 -50.26 15.53
CA ARG F 65 -31.48 -49.52 14.52
C ARG F 65 -31.26 -50.43 13.30
N LYS F 66 -30.93 -51.70 13.56
CA LYS F 66 -30.58 -52.68 12.51
C LYS F 66 -31.84 -53.06 11.73
N VAL F 67 -32.97 -53.26 12.42
CA VAL F 67 -34.24 -53.72 11.79
C VAL F 67 -34.79 -52.58 10.94
N LYS F 68 -34.60 -51.33 11.38
CA LYS F 68 -34.99 -50.11 10.62
C LYS F 68 -34.08 -49.98 9.39
N ALA F 69 -32.81 -50.37 9.51
CA ALA F 69 -31.84 -50.43 8.40
C ALA F 69 -32.25 -51.53 7.41
N HIS F 70 -32.62 -52.70 7.92
CA HIS F 70 -33.08 -53.89 7.14
C HIS F 70 -34.32 -53.51 6.35
N SER F 71 -35.27 -52.82 7.01
CA SER F 71 -36.58 -52.42 6.45
C SER F 71 -36.37 -51.58 5.20
N GLN F 72 -35.62 -50.48 5.34
CA GLN F 72 -35.32 -49.49 4.27
C GLN F 72 -34.57 -50.20 3.14
N THR F 73 -33.71 -51.15 3.46
CA THR F 73 -32.90 -51.90 2.48
C THR F 73 -33.83 -52.72 1.59
N HIS F 74 -34.91 -53.26 2.16
CA HIS F 74 -35.89 -54.14 1.46
C HIS F 74 -36.89 -53.30 0.68
N ARG F 75 -37.27 -52.13 1.19
CA ARG F 75 -38.08 -51.14 0.44
C ARG F 75 -37.39 -50.86 -0.90
N VAL F 76 -36.07 -50.78 -0.89
CA VAL F 76 -35.23 -50.47 -2.08
C VAL F 76 -35.12 -51.73 -2.94
N ASP F 77 -34.88 -52.89 -2.32
CA ASP F 77 -34.78 -54.21 -3.00
C ASP F 77 -36.01 -54.44 -3.87
N LEU F 78 -37.18 -54.02 -3.39
CA LEU F 78 -38.47 -54.12 -4.13
C LEU F 78 -38.35 -53.32 -5.43
N GLY F 79 -38.09 -52.02 -5.33
CA GLY F 79 -37.90 -51.11 -6.48
C GLY F 79 -36.92 -51.69 -7.49
N THR F 80 -35.90 -52.39 -7.01
CA THR F 80 -34.78 -52.92 -7.81
C THR F 80 -35.27 -54.10 -8.64
N LEU F 81 -35.99 -55.03 -8.02
CA LEU F 81 -36.51 -56.27 -8.68
C LEU F 81 -37.61 -55.88 -9.69
N ARG F 82 -38.43 -54.89 -9.35
CA ARG F 82 -39.44 -54.31 -10.27
C ARG F 82 -38.73 -53.81 -11.53
N GLY F 83 -37.55 -53.23 -11.36
CA GLY F 83 -36.68 -52.79 -12.46
C GLY F 83 -36.13 -53.95 -13.26
N TYR F 84 -35.57 -54.97 -12.59
CA TYR F 84 -34.83 -56.09 -13.22
C TYR F 84 -35.78 -56.87 -14.13
N TYR F 85 -37.03 -57.05 -13.69
CA TYR F 85 -38.05 -57.91 -14.36
C TYR F 85 -38.94 -57.07 -15.29
N ASN F 86 -38.82 -55.75 -15.22
CA ASN F 86 -39.60 -54.79 -16.05
C ASN F 86 -41.10 -54.89 -15.68
N GLN F 87 -41.38 -55.23 -14.42
CA GLN F 87 -42.75 -55.26 -13.85
C GLN F 87 -43.22 -53.81 -13.62
N SER F 88 -44.52 -53.63 -13.34
CA SER F 88 -45.25 -52.33 -13.42
C SER F 88 -45.50 -51.76 -12.01
N GLU F 89 -45.99 -50.53 -11.94
CA GLU F 89 -46.13 -49.73 -10.70
C GLU F 89 -47.35 -50.24 -9.90
N ALA F 90 -48.23 -51.01 -10.56
CA ALA F 90 -49.64 -51.24 -10.16
C ALA F 90 -49.81 -52.61 -9.48
N GLY F 91 -48.80 -53.48 -9.59
CA GLY F 91 -48.76 -54.80 -8.91
C GLY F 91 -48.11 -54.71 -7.54
N SER F 92 -48.61 -55.47 -6.56
CA SER F 92 -47.91 -55.81 -5.28
C SER F 92 -46.98 -57.02 -5.50
N HIS F 93 -45.74 -56.94 -5.02
CA HIS F 93 -44.72 -58.02 -5.10
C HIS F 93 -44.09 -58.26 -3.73
N THR F 94 -43.52 -59.45 -3.54
CA THR F 94 -43.09 -59.98 -2.22
C THR F 94 -41.63 -60.40 -2.31
N VAL F 95 -40.76 -59.75 -1.53
CA VAL F 95 -39.37 -60.23 -1.23
C VAL F 95 -39.39 -60.92 0.15
N GLN F 96 -38.96 -62.17 0.19
CA GLN F 96 -38.71 -62.94 1.42
C GLN F 96 -37.22 -63.16 1.57
N ARG F 97 -36.69 -62.97 2.77
CA ARG F 97 -35.26 -63.19 3.10
C ARG F 97 -35.16 -63.97 4.40
N MET F 98 -34.43 -65.08 4.40
CA MET F 98 -34.02 -65.83 5.60
C MET F 98 -32.49 -65.90 5.65
N TYR F 99 -31.88 -65.53 6.77
CA TYR F 99 -30.48 -65.88 7.13
C TYR F 99 -30.40 -66.31 8.59
N GLY F 100 -29.28 -66.93 8.95
CA GLY F 100 -29.03 -67.49 10.29
C GLY F 100 -28.00 -68.61 10.25
N CYS F 101 -27.62 -69.10 11.44
CA CYS F 101 -26.59 -70.13 11.64
C CYS F 101 -27.26 -71.43 12.12
N ASP F 102 -26.53 -72.55 12.03
CA ASP F 102 -26.80 -73.80 12.78
C ASP F 102 -25.58 -74.13 13.63
N VAL F 103 -25.81 -74.65 14.83
CA VAL F 103 -24.74 -75.23 15.71
C VAL F 103 -25.07 -76.71 15.96
N GLY F 104 -24.10 -77.47 16.46
CA GLY F 104 -24.23 -78.91 16.71
C GLY F 104 -24.50 -79.21 18.17
N SER F 105 -24.59 -80.49 18.53
CA SER F 105 -24.42 -80.97 19.93
C SER F 105 -23.33 -80.15 20.61
N ASP F 106 -22.35 -79.70 19.82
CA ASP F 106 -21.14 -78.96 20.27
C ASP F 106 -21.52 -77.56 20.76
N TRP F 107 -22.40 -76.87 20.01
CA TRP F 107 -22.65 -75.40 20.10
C TRP F 107 -21.55 -74.64 19.35
N ARG F 108 -20.38 -75.26 19.19
CA ARG F 108 -19.28 -74.79 18.32
C ARG F 108 -19.29 -75.64 17.03
N PHE F 109 -20.28 -75.39 16.17
CA PHE F 109 -20.42 -75.95 14.80
C PHE F 109 -20.64 -74.79 13.84
N LEU F 110 -20.87 -75.09 12.56
CA LEU F 110 -21.40 -74.12 11.58
C LEU F 110 -22.19 -74.87 10.49
N ARG F 111 -23.41 -74.40 10.22
CA ARG F 111 -24.00 -74.30 8.86
C ARG F 111 -24.62 -72.90 8.73
N GLY F 112 -24.21 -72.14 7.70
CA GLY F 112 -24.65 -70.76 7.47
C GLY F 112 -25.71 -70.67 6.37
N TYR F 113 -26.71 -69.81 6.55
CA TYR F 113 -27.81 -69.55 5.59
C TYR F 113 -27.93 -68.05 5.32
N HIS F 114 -28.16 -67.68 4.06
CA HIS F 114 -28.60 -66.31 3.66
C HIS F 114 -29.13 -66.37 2.22
N GLN F 115 -30.46 -66.40 2.07
CA GLN F 115 -31.16 -66.61 0.76
C GLN F 115 -32.34 -65.66 0.65
N TYR F 116 -32.89 -65.55 -0.55
CA TYR F 116 -34.00 -64.64 -0.91
C TYR F 116 -35.04 -65.40 -1.72
N ALA F 117 -36.24 -64.83 -1.84
CA ALA F 117 -37.27 -65.21 -2.80
C ALA F 117 -38.06 -63.97 -3.23
N TYR F 118 -38.31 -63.83 -4.53
CA TYR F 118 -39.17 -62.77 -5.13
C TYR F 118 -40.45 -63.41 -5.65
N ASP F 119 -41.60 -63.00 -5.10
CA ASP F 119 -42.94 -63.42 -5.59
C ASP F 119 -43.05 -64.96 -5.50
N GLY F 120 -42.46 -65.57 -4.46
CA GLY F 120 -42.73 -66.97 -4.05
C GLY F 120 -41.70 -67.94 -4.60
N LYS F 121 -41.04 -67.60 -5.71
CA LYS F 121 -39.88 -68.35 -6.29
C LYS F 121 -38.60 -67.95 -5.55
N ASP F 122 -37.62 -68.85 -5.53
CA ASP F 122 -36.21 -68.56 -5.13
C ASP F 122 -35.63 -67.50 -6.08
N TYR F 123 -34.74 -66.65 -5.56
CA TYR F 123 -34.04 -65.59 -6.32
C TYR F 123 -32.53 -65.84 -6.30
N ILE F 124 -31.88 -65.52 -5.18
CA ILE F 124 -30.44 -65.81 -4.91
C ILE F 124 -30.32 -66.47 -3.53
N ALA F 125 -29.31 -67.32 -3.35
CA ALA F 125 -29.04 -68.05 -2.10
C ALA F 125 -27.56 -68.37 -1.99
N LEU F 126 -26.97 -68.10 -0.81
CA LEU F 126 -25.58 -68.48 -0.47
C LEU F 126 -25.49 -70.00 -0.33
N LYS F 127 -24.62 -70.64 -1.11
CA LYS F 127 -24.42 -72.11 -1.09
C LYS F 127 -23.84 -72.51 0.28
N GLU F 128 -23.69 -73.81 0.50
CA GLU F 128 -23.23 -74.39 1.80
C GLU F 128 -21.81 -73.89 2.10
N ASP F 129 -20.95 -73.80 1.07
CA ASP F 129 -19.49 -73.52 1.19
C ASP F 129 -19.27 -72.07 1.70
N LEU F 130 -20.21 -71.17 1.42
CA LEU F 130 -20.29 -69.78 2.00
C LEU F 130 -19.43 -68.81 1.18
N ARG F 131 -18.90 -69.27 0.04
CA ARG F 131 -18.04 -68.46 -0.87
C ARG F 131 -18.74 -68.26 -2.22
N SER F 132 -19.85 -68.98 -2.44
CA SER F 132 -20.53 -69.11 -3.76
C SER F 132 -22.03 -68.79 -3.62
N TRP F 133 -22.63 -68.32 -4.71
CA TRP F 133 -24.06 -67.95 -4.82
C TRP F 133 -24.73 -68.85 -5.87
N THR F 134 -25.99 -69.19 -5.66
CA THR F 134 -26.85 -69.84 -6.69
C THR F 134 -27.90 -68.81 -7.15
N ALA F 135 -27.94 -68.52 -8.47
CA ALA F 135 -28.76 -67.46 -9.08
C ALA F 135 -29.83 -68.09 -9.99
N ALA F 136 -31.10 -68.00 -9.57
CA ALA F 136 -32.28 -68.49 -10.29
C ALA F 136 -32.20 -68.09 -11.76
N ASP F 137 -32.57 -66.84 -12.06
CA ASP F 137 -32.77 -66.31 -13.43
C ASP F 137 -31.74 -65.22 -13.69
N MET F 138 -31.77 -64.61 -14.89
CA MET F 138 -30.87 -63.52 -15.31
C MET F 138 -30.94 -62.37 -14.28
N ALA F 139 -32.15 -61.98 -13.87
CA ALA F 139 -32.39 -60.89 -12.90
C ALA F 139 -31.54 -61.12 -11.65
N ALA F 140 -31.47 -62.36 -11.18
CA ALA F 140 -30.66 -62.78 -10.01
C ALA F 140 -29.17 -62.83 -10.39
N GLN F 141 -28.86 -63.18 -11.64
CA GLN F 141 -27.48 -63.22 -12.19
C GLN F 141 -26.86 -61.82 -12.07
N THR F 142 -27.67 -60.77 -12.19
CA THR F 142 -27.25 -59.35 -11.97
C THR F 142 -26.77 -59.18 -10.52
N THR F 143 -27.53 -59.67 -9.55
CA THR F 143 -27.24 -59.56 -8.10
C THR F 143 -26.01 -60.40 -7.75
N LYS F 144 -25.85 -61.56 -8.41
CA LYS F 144 -24.71 -62.48 -8.18
C LYS F 144 -23.41 -61.73 -8.50
N HIS F 145 -23.35 -61.08 -9.67
CA HIS F 145 -22.23 -60.21 -10.11
C HIS F 145 -21.92 -59.17 -9.01
N LYS F 146 -22.89 -58.31 -8.72
CA LYS F 146 -22.77 -57.20 -7.74
C LYS F 146 -22.12 -57.73 -6.44
N TRP F 147 -22.51 -58.95 -6.01
CA TRP F 147 -22.23 -59.52 -4.66
C TRP F 147 -20.93 -60.33 -4.66
N GLU F 148 -20.47 -60.76 -5.84
CA GLU F 148 -19.12 -61.32 -6.04
C GLU F 148 -18.13 -60.14 -6.07
N ALA F 149 -18.44 -59.11 -6.87
CA ALA F 149 -17.59 -57.92 -7.12
C ALA F 149 -17.42 -57.11 -5.83
N ALA F 150 -18.35 -57.27 -4.88
CA ALA F 150 -18.42 -56.47 -3.64
C ALA F 150 -17.93 -57.31 -2.45
N HIS F 151 -17.67 -58.61 -2.67
CA HIS F 151 -17.16 -59.56 -1.65
C HIS F 151 -18.19 -59.74 -0.54
N VAL F 152 -19.47 -59.65 -0.86
CA VAL F 152 -20.60 -59.76 0.12
C VAL F 152 -20.47 -61.09 0.87
N ALA F 153 -20.29 -62.19 0.14
CA ALA F 153 -20.13 -63.56 0.66
C ALA F 153 -19.24 -63.54 1.91
N GLU F 154 -18.01 -63.04 1.77
CA GLU F 154 -16.96 -63.10 2.82
C GLU F 154 -17.37 -62.23 4.01
N GLN F 155 -18.15 -61.17 3.76
CA GLN F 155 -18.63 -60.23 4.80
C GLN F 155 -19.67 -60.94 5.66
N LEU F 156 -20.61 -61.65 5.03
CA LEU F 156 -21.64 -62.51 5.68
C LEU F 156 -20.97 -63.39 6.74
N ARG F 157 -19.96 -64.16 6.32
CA ARG F 157 -19.34 -65.24 7.15
C ARG F 157 -18.96 -64.67 8.52
N ALA F 158 -18.42 -63.45 8.55
CA ALA F 158 -18.01 -62.73 9.78
C ALA F 158 -19.17 -62.68 10.78
N TYR F 159 -20.42 -62.69 10.29
CA TYR F 159 -21.65 -62.75 11.10
C TYR F 159 -22.09 -64.21 11.28
N LEU F 160 -22.22 -64.95 10.17
CA LEU F 160 -22.72 -66.37 10.14
C LEU F 160 -21.85 -67.26 11.03
N GLU F 161 -20.52 -67.13 10.92
CA GLU F 161 -19.52 -67.95 11.64
C GLU F 161 -19.25 -67.32 13.02
N GLY F 162 -19.53 -66.03 13.17
CA GLY F 162 -19.11 -65.20 14.32
C GLY F 162 -20.25 -64.90 15.28
N THR F 163 -20.83 -63.70 15.16
CA THR F 163 -21.77 -63.11 16.15
C THR F 163 -23.09 -63.91 16.16
N CYS F 164 -23.51 -64.45 15.01
CA CYS F 164 -24.66 -65.39 14.91
C CYS F 164 -24.51 -66.51 15.96
N VAL F 165 -23.46 -67.31 15.82
CA VAL F 165 -23.14 -68.43 16.77
C VAL F 165 -23.08 -67.86 18.19
N GLU F 166 -22.27 -66.82 18.40
CA GLU F 166 -22.00 -66.24 19.74
C GLU F 166 -23.34 -65.95 20.44
N TRP F 167 -24.27 -65.33 19.74
CA TRP F 167 -25.57 -64.87 20.31
C TRP F 167 -26.54 -66.05 20.43
N LEU F 168 -26.54 -66.96 19.45
CA LEU F 168 -27.25 -68.27 19.55
C LEU F 168 -26.88 -68.93 20.87
N ARG F 169 -25.58 -69.19 21.08
CA ARG F 169 -25.01 -69.70 22.35
C ARG F 169 -25.55 -68.88 23.52
N ARG F 170 -25.40 -67.56 23.48
CA ARG F 170 -25.77 -66.64 24.58
C ARG F 170 -27.24 -66.84 24.94
N TYR F 171 -28.08 -67.10 23.94
CA TYR F 171 -29.56 -67.22 24.06
C TYR F 171 -29.92 -68.58 24.69
N LEU F 172 -29.29 -69.65 24.21
CA LEU F 172 -29.51 -71.04 24.69
C LEU F 172 -29.21 -71.13 26.19
N GLU F 173 -28.27 -70.33 26.68
CA GLU F 173 -27.88 -70.28 28.12
C GLU F 173 -29.02 -69.66 28.93
N ASN F 174 -29.46 -68.47 28.54
CA ASN F 174 -30.45 -67.65 29.28
C ASN F 174 -31.83 -68.32 29.17
N GLY F 175 -32.16 -68.83 27.98
CA GLY F 175 -33.40 -69.60 27.71
C GLY F 175 -33.64 -70.68 28.77
N LYS F 176 -32.58 -71.34 29.23
CA LYS F 176 -32.61 -72.35 30.33
C LYS F 176 -33.62 -73.45 29.99
N GLU F 177 -34.66 -73.61 30.81
CA GLU F 177 -35.61 -74.76 30.77
C GLU F 177 -36.51 -74.64 29.53
N THR F 178 -36.69 -73.42 29.03
CA THR F 178 -37.51 -73.09 27.82
C THR F 178 -36.85 -73.71 26.58
N LEU F 179 -35.63 -73.27 26.24
CA LEU F 179 -35.01 -73.45 24.90
C LEU F 179 -34.32 -74.82 24.80
N GLN F 180 -33.92 -75.41 25.94
CA GLN F 180 -33.04 -76.61 26.00
C GLN F 180 -33.83 -77.83 26.51
N ARG F 181 -35.14 -77.67 26.79
CA ARG F 181 -36.07 -78.79 27.14
C ARG F 181 -36.31 -79.65 25.89
N THR F 182 -36.68 -80.91 26.07
CA THR F 182 -37.13 -81.83 24.99
C THR F 182 -38.39 -82.56 25.46
N ASP F 183 -39.54 -81.87 25.48
CA ASP F 183 -40.86 -82.39 25.92
C ASP F 183 -41.24 -83.58 25.04
N ALA F 184 -41.60 -84.72 25.65
CA ALA F 184 -41.88 -86.01 24.98
C ALA F 184 -43.31 -86.01 24.47
N PRO F 185 -43.59 -86.71 23.34
CA PRO F 185 -44.95 -86.87 22.83
C PRO F 185 -45.80 -87.80 23.69
N LYS F 186 -46.92 -87.28 24.19
CA LYS F 186 -48.08 -88.09 24.69
C LYS F 186 -48.84 -88.65 23.47
N THR F 187 -48.97 -89.97 23.37
CA THR F 187 -49.47 -90.68 22.16
C THR F 187 -50.65 -91.59 22.54
N HIS F 188 -51.59 -91.79 21.61
CA HIS F 188 -52.72 -92.75 21.72
C HIS F 188 -53.25 -93.06 20.30
N MET F 189 -54.46 -93.63 20.19
CA MET F 189 -55.07 -94.05 18.90
C MET F 189 -56.60 -93.90 18.98
N THR F 190 -57.29 -94.04 17.85
CA THR F 190 -58.77 -93.86 17.70
C THR F 190 -59.35 -94.98 16.81
N HIS F 191 -60.68 -95.15 16.81
CA HIS F 191 -61.42 -96.18 16.03
C HIS F 191 -62.80 -95.65 15.62
N HIS F 192 -62.83 -94.75 14.63
CA HIS F 192 -64.04 -94.35 13.87
C HIS F 192 -64.35 -95.37 12.78
N ALA F 193 -65.63 -95.54 12.43
CA ALA F 193 -66.11 -96.37 11.30
C ALA F 193 -66.39 -95.48 10.08
N VAL F 194 -66.02 -95.94 8.88
CA VAL F 194 -66.37 -95.31 7.56
C VAL F 194 -67.43 -96.17 6.86
N SER F 195 -67.48 -97.47 7.16
CA SER F 195 -68.45 -98.45 6.62
C SER F 195 -68.78 -99.50 7.70
N ASP F 196 -69.27 -100.67 7.28
CA ASP F 196 -69.42 -101.89 8.14
C ASP F 196 -68.15 -102.73 8.00
N HIS F 197 -67.65 -102.91 6.77
CA HIS F 197 -66.44 -103.71 6.44
C HIS F 197 -65.25 -102.78 6.19
N GLU F 198 -65.21 -101.63 6.87
CA GLU F 198 -64.05 -100.68 6.88
C GLU F 198 -63.91 -100.07 8.28
N ALA F 199 -62.82 -99.30 8.50
CA ALA F 199 -62.51 -98.58 9.77
C ALA F 199 -61.27 -97.70 9.57
N THR F 200 -61.18 -96.59 10.32
CA THR F 200 -60.03 -95.62 10.32
C THR F 200 -59.24 -95.77 11.63
N LEU F 201 -57.91 -95.74 11.55
CA LEU F 201 -56.98 -95.75 12.71
C LEU F 201 -56.10 -94.50 12.68
N ARG F 202 -56.10 -93.72 13.77
CA ARG F 202 -55.32 -92.45 13.90
C ARG F 202 -54.28 -92.60 15.01
N CYS F 203 -53.01 -92.47 14.66
CA CYS F 203 -51.84 -92.49 15.60
C CYS F 203 -51.52 -91.06 16.05
N TRP F 204 -52.06 -90.65 17.19
CA TRP F 204 -51.96 -89.27 17.73
C TRP F 204 -50.58 -89.04 18.36
N ALA F 205 -50.11 -87.79 18.38
CA ALA F 205 -48.91 -87.32 19.11
C ALA F 205 -49.07 -85.85 19.46
N LEU F 206 -49.21 -85.54 20.76
CA LEU F 206 -49.47 -84.16 21.27
C LEU F 206 -48.38 -83.77 22.30
N SER F 207 -48.20 -82.46 22.50
CA SER F 207 -47.47 -81.85 23.65
C SER F 207 -45.97 -82.20 23.57
N PHE F 208 -45.39 -82.21 22.36
CA PHE F 208 -43.97 -82.57 22.12
C PHE F 208 -43.19 -81.35 21.61
N TYR F 209 -41.90 -81.29 21.99
CA TYR F 209 -40.91 -80.26 21.58
C TYR F 209 -39.53 -80.91 21.50
N PRO F 210 -38.69 -80.57 20.48
CA PRO F 210 -39.05 -79.60 19.46
C PRO F 210 -40.02 -80.18 18.42
N ALA F 211 -40.30 -79.41 17.36
CA ALA F 211 -41.36 -79.68 16.35
C ALA F 211 -41.07 -81.00 15.61
N GLU F 212 -39.83 -81.19 15.15
CA GLU F 212 -39.44 -82.32 14.26
C GLU F 212 -39.85 -83.65 14.91
N ILE F 213 -40.28 -84.62 14.09
CA ILE F 213 -40.94 -85.87 14.56
C ILE F 213 -41.23 -86.77 13.35
N THR F 214 -41.27 -88.09 13.56
CA THR F 214 -41.46 -89.12 12.51
C THR F 214 -42.56 -90.11 12.96
N LEU F 215 -43.66 -90.16 12.21
CA LEU F 215 -44.83 -91.05 12.47
C LEU F 215 -44.96 -92.05 11.30
N THR F 216 -44.03 -93.01 11.22
CA THR F 216 -44.09 -94.17 10.28
C THR F 216 -45.37 -94.98 10.55
N TRP F 217 -45.82 -95.75 9.57
CA TRP F 217 -46.98 -96.66 9.67
C TRP F 217 -46.73 -97.91 8.83
N GLN F 218 -46.51 -99.05 9.49
CA GLN F 218 -46.12 -100.34 8.84
C GLN F 218 -47.30 -101.31 8.88
N ARG F 219 -47.57 -101.97 7.75
CA ARG F 219 -48.47 -103.15 7.64
C ARG F 219 -47.63 -104.42 7.80
N ASP F 220 -47.72 -105.08 8.95
CA ASP F 220 -47.04 -106.36 9.26
C ASP F 220 -45.52 -106.21 9.03
N GLY F 221 -44.96 -105.05 9.41
CA GLY F 221 -43.51 -104.77 9.41
C GLY F 221 -43.02 -104.34 8.03
N GLU F 222 -43.86 -103.60 7.29
CA GLU F 222 -43.50 -102.97 5.97
C GLU F 222 -44.21 -101.62 5.85
N ASP F 223 -43.43 -100.53 5.87
CA ASP F 223 -43.92 -99.12 5.84
C ASP F 223 -44.95 -98.97 4.70
N GLN F 224 -45.99 -98.17 4.93
CA GLN F 224 -47.17 -98.04 4.03
C GLN F 224 -47.46 -96.56 3.78
N THR F 225 -47.37 -96.11 2.52
CA THR F 225 -47.78 -94.76 2.05
C THR F 225 -49.28 -94.76 1.71
N GLN F 226 -49.81 -95.94 1.34
CA GLN F 226 -51.19 -96.15 0.81
C GLN F 226 -52.22 -95.97 1.94
N ASP F 227 -53.15 -95.01 1.77
CA ASP F 227 -54.27 -94.73 2.70
C ASP F 227 -53.78 -93.87 3.88
N THR F 228 -52.45 -93.67 3.99
CA THR F 228 -51.79 -92.98 5.13
C THR F 228 -52.04 -91.47 5.03
N GLU F 229 -53.14 -90.99 5.61
CA GLU F 229 -53.47 -89.54 5.76
C GLU F 229 -52.58 -88.95 6.86
N LEU F 230 -51.55 -88.18 6.46
CA LEU F 230 -50.56 -87.53 7.37
C LEU F 230 -50.68 -86.00 7.22
N VAL F 231 -50.88 -85.28 8.32
CA VAL F 231 -51.05 -83.80 8.34
C VAL F 231 -49.73 -83.14 8.76
N GLU F 232 -49.42 -81.98 8.17
CA GLU F 232 -48.41 -81.01 8.70
C GLU F 232 -48.41 -81.05 10.23
N THR F 233 -47.23 -81.11 10.85
CA THR F 233 -47.07 -80.87 12.31
C THR F 233 -47.58 -79.46 12.62
N ARG F 234 -48.46 -79.34 13.61
CA ARG F 234 -49.14 -78.07 13.96
C ARG F 234 -48.75 -77.65 15.37
N PRO F 235 -48.66 -76.33 15.63
CA PRO F 235 -48.44 -75.81 16.97
C PRO F 235 -49.71 -75.84 17.80
N ALA F 236 -49.63 -76.37 19.02
CA ALA F 236 -50.71 -76.31 20.03
C ALA F 236 -50.81 -74.89 20.59
N GLY F 237 -49.75 -74.08 20.43
CA GLY F 237 -49.75 -72.64 20.73
C GLY F 237 -49.41 -72.34 22.18
N ASP F 238 -49.18 -73.39 22.98
CA ASP F 238 -48.71 -73.30 24.38
C ASP F 238 -47.18 -73.40 24.40
N GLY F 239 -46.56 -73.75 23.26
CA GLY F 239 -45.11 -73.95 23.12
C GLY F 239 -44.79 -75.32 22.52
N THR F 240 -45.61 -76.33 22.80
CA THR F 240 -45.51 -77.70 22.23
C THR F 240 -46.16 -77.73 20.83
N PHE F 241 -46.13 -78.89 20.18
CA PHE F 241 -46.61 -79.10 18.78
C PHE F 241 -47.35 -80.44 18.69
N GLN F 242 -48.26 -80.56 17.71
CA GLN F 242 -49.17 -81.73 17.53
C GLN F 242 -49.01 -82.27 16.11
N LYS F 243 -49.15 -83.60 15.97
CA LYS F 243 -49.11 -84.31 14.67
C LYS F 243 -49.84 -85.64 14.84
N TRP F 244 -50.78 -85.95 13.94
CA TRP F 244 -51.45 -87.28 13.86
C TRP F 244 -51.26 -87.88 12.47
N ALA F 245 -51.29 -89.22 12.38
CA ALA F 245 -51.17 -90.01 11.13
C ALA F 245 -52.29 -91.05 11.09
N ALA F 246 -53.21 -90.92 10.14
CA ALA F 246 -54.38 -91.82 9.94
C ALA F 246 -54.02 -92.90 8.94
N VAL F 247 -54.65 -94.08 9.07
CA VAL F 247 -54.55 -95.24 8.13
C VAL F 247 -55.89 -95.97 8.11
N VAL F 248 -56.50 -96.08 6.92
CA VAL F 248 -57.82 -96.76 6.70
C VAL F 248 -57.57 -98.26 6.60
N VAL F 249 -58.35 -99.06 7.35
CA VAL F 249 -58.18 -100.54 7.46
C VAL F 249 -59.53 -101.22 7.23
N PRO F 250 -59.54 -102.47 6.71
CA PRO F 250 -60.75 -103.30 6.72
C PRO F 250 -61.16 -103.72 8.14
N SER F 251 -62.45 -104.01 8.33
CA SER F 251 -63.05 -104.44 9.63
C SER F 251 -62.38 -105.72 10.12
N GLY F 252 -61.98 -105.75 11.40
CA GLY F 252 -61.40 -106.93 12.07
C GLY F 252 -59.97 -107.20 11.65
N GLN F 253 -59.26 -106.16 11.18
CA GLN F 253 -57.85 -106.25 10.69
C GLN F 253 -56.98 -105.21 11.43
N GLU F 254 -57.44 -104.75 12.60
CA GLU F 254 -56.78 -103.68 13.40
C GLU F 254 -55.64 -104.28 14.23
N GLN F 255 -55.56 -105.61 14.29
CA GLN F 255 -54.57 -106.37 15.10
C GLN F 255 -53.25 -106.46 14.33
N ARG F 256 -53.25 -106.07 13.05
CA ARG F 256 -52.11 -106.20 12.09
C ARG F 256 -51.23 -104.94 12.18
N TYR F 257 -51.85 -103.77 12.24
CA TYR F 257 -51.22 -102.45 11.96
C TYR F 257 -50.55 -101.91 13.22
N THR F 258 -49.30 -101.47 13.08
CA THR F 258 -48.44 -100.97 14.19
C THR F 258 -47.88 -99.59 13.81
N CYS F 259 -47.89 -98.67 14.77
CA CYS F 259 -47.35 -97.28 14.64
C CYS F 259 -45.89 -97.26 15.09
N HIS F 260 -45.16 -96.17 14.77
CA HIS F 260 -43.72 -95.98 15.06
C HIS F 260 -43.44 -94.49 15.31
N VAL F 261 -43.36 -94.09 16.58
CA VAL F 261 -43.13 -92.67 17.01
C VAL F 261 -41.65 -92.49 17.38
N GLN F 262 -40.86 -91.95 16.46
CA GLN F 262 -39.48 -91.46 16.71
C GLN F 262 -39.55 -89.98 17.05
N HIS F 263 -38.85 -89.56 18.12
CA HIS F 263 -38.70 -88.14 18.53
C HIS F 263 -37.37 -87.97 19.27
N GLU F 264 -36.81 -86.76 19.21
CA GLU F 264 -35.50 -86.40 19.82
C GLU F 264 -35.53 -86.73 21.32
N GLY F 265 -36.62 -86.39 22.00
CA GLY F 265 -36.77 -86.54 23.47
C GLY F 265 -37.37 -87.89 23.86
N LEU F 266 -36.98 -88.96 23.15
CA LEU F 266 -37.36 -90.38 23.48
C LEU F 266 -36.09 -91.20 23.66
N PRO F 267 -36.10 -92.21 24.57
CA PRO F 267 -34.94 -93.08 24.75
C PRO F 267 -34.73 -94.02 23.55
N LYS F 268 -35.82 -94.62 23.06
CA LYS F 268 -35.88 -95.42 21.81
C LYS F 268 -37.26 -95.22 21.16
N PRO F 269 -37.40 -95.48 19.84
CA PRO F 269 -38.70 -95.34 19.16
C PRO F 269 -39.81 -96.17 19.82
N LEU F 270 -41.00 -95.57 19.97
CA LEU F 270 -42.17 -96.16 20.69
C LEU F 270 -43.12 -96.82 19.68
N THR F 271 -43.03 -98.15 19.55
CA THR F 271 -43.97 -99.00 18.76
C THR F 271 -45.31 -99.07 19.49
N LEU F 272 -46.42 -99.00 18.75
CA LEU F 272 -47.82 -98.89 19.28
C LEU F 272 -48.72 -99.87 18.52
N ARG F 273 -49.91 -100.17 19.08
CA ARG F 273 -50.96 -101.01 18.44
C ARG F 273 -52.33 -100.68 19.05
N TRP F 274 -53.41 -100.92 18.30
CA TRP F 274 -54.82 -100.72 18.74
C TRP F 274 -55.07 -101.45 20.07
N GLU F 275 -54.47 -102.63 20.26
CA GLU F 275 -54.17 -103.23 21.60
C GLU F 275 -52.69 -103.61 21.64
N PRO F 276 -51.89 -102.99 22.56
CA PRO F 276 -50.43 -103.09 22.49
C PRO F 276 -49.91 -104.53 22.64
N MET G 1 -46.48 -63.36 -10.82
CA MET G 1 -46.43 -63.97 -9.45
C MET G 1 -46.70 -65.48 -9.57
N ILE G 2 -46.45 -66.22 -8.50
CA ILE G 2 -46.99 -67.60 -8.29
C ILE G 2 -47.87 -67.58 -7.03
N GLN G 3 -49.05 -68.20 -7.13
CA GLN G 3 -50.12 -68.10 -6.11
C GLN G 3 -50.40 -69.50 -5.57
N ARG G 4 -50.64 -69.61 -4.27
CA ARG G 4 -50.84 -70.90 -3.57
C ARG G 4 -52.02 -70.75 -2.59
N THR G 5 -52.89 -71.76 -2.53
CA THR G 5 -54.13 -71.75 -1.73
C THR G 5 -53.80 -72.13 -0.29
N PRO G 6 -54.40 -71.46 0.71
CA PRO G 6 -54.17 -71.79 2.11
C PRO G 6 -54.55 -73.25 2.43
N LYS G 7 -53.71 -73.91 3.21
CA LYS G 7 -54.02 -75.18 3.91
C LYS G 7 -54.39 -74.86 5.36
N ILE G 8 -55.63 -75.16 5.76
CA ILE G 8 -56.21 -74.87 7.11
C ILE G 8 -56.24 -76.15 7.92
N GLN G 9 -55.86 -76.07 9.20
CA GLN G 9 -56.24 -77.05 10.26
C GLN G 9 -56.88 -76.28 11.43
N VAL G 10 -58.09 -76.70 11.82
CA VAL G 10 -58.78 -76.20 13.05
C VAL G 10 -58.75 -77.31 14.09
N TYR G 11 -58.43 -76.98 15.33
CA TYR G 11 -58.15 -77.97 16.41
C TYR G 11 -58.12 -77.25 17.76
N SER G 12 -58.03 -78.03 18.84
CA SER G 12 -57.90 -77.52 20.24
C SER G 12 -56.47 -77.74 20.73
N ARG G 13 -55.99 -76.83 21.59
CA ARG G 13 -54.60 -76.83 22.15
C ARG G 13 -54.37 -78.10 22.96
N HIS G 14 -55.27 -78.41 23.91
CA HIS G 14 -55.30 -79.67 24.70
C HIS G 14 -56.42 -80.55 24.19
N PRO G 15 -56.52 -81.82 24.64
CA PRO G 15 -57.70 -82.65 24.38
C PRO G 15 -58.97 -82.00 24.95
N ALA G 16 -60.02 -81.91 24.13
CA ALA G 16 -61.25 -81.13 24.40
C ALA G 16 -62.18 -81.95 25.31
N GLU G 17 -62.38 -81.48 26.55
CA GLU G 17 -63.43 -81.96 27.47
C GLU G 17 -64.52 -80.89 27.57
N ASN G 18 -65.77 -81.27 27.28
CA ASN G 18 -66.98 -80.40 27.41
C ASN G 18 -66.89 -79.61 28.72
N GLY G 19 -67.00 -78.27 28.63
CA GLY G 19 -67.20 -77.36 29.78
C GLY G 19 -65.92 -77.08 30.54
N LYS G 20 -64.76 -77.39 29.93
CA LYS G 20 -63.41 -77.14 30.50
C LYS G 20 -62.60 -76.24 29.55
N SER G 21 -62.03 -75.16 30.08
CA SER G 21 -61.38 -74.06 29.32
C SER G 21 -60.25 -74.62 28.44
N ASN G 22 -60.27 -74.31 27.16
CA ASN G 22 -59.24 -74.72 26.16
C ASN G 22 -58.98 -73.54 25.23
N PHE G 23 -58.03 -73.70 24.31
CA PHE G 23 -57.71 -72.73 23.22
C PHE G 23 -58.08 -73.38 21.87
N LEU G 24 -58.94 -72.71 21.11
CA LEU G 24 -59.35 -73.11 19.75
C LEU G 24 -58.34 -72.56 18.73
N ASN G 25 -57.70 -73.43 17.95
CA ASN G 25 -56.58 -73.09 17.04
C ASN G 25 -57.06 -73.19 15.59
N CYS G 26 -56.76 -72.16 14.79
CA CYS G 26 -56.76 -72.22 13.32
C CYS G 26 -55.38 -71.89 12.77
N TYR G 27 -54.73 -72.85 12.12
CA TYR G 27 -53.33 -72.77 11.61
C TYR G 27 -53.36 -72.85 10.09
N VAL G 28 -53.37 -71.69 9.42
CA VAL G 28 -53.31 -71.56 7.92
C VAL G 28 -51.84 -71.54 7.50
N SER G 29 -51.51 -72.22 6.41
CA SER G 29 -50.10 -72.53 5.99
C SER G 29 -50.02 -72.80 4.48
N GLY G 30 -48.88 -72.51 3.87
CA GLY G 30 -48.56 -72.88 2.48
C GLY G 30 -49.22 -71.95 1.48
N PHE G 31 -49.71 -70.80 1.92
CA PHE G 31 -50.40 -69.82 1.06
C PHE G 31 -49.39 -68.80 0.53
N HIS G 32 -49.76 -68.12 -0.54
CA HIS G 32 -48.97 -67.07 -1.22
C HIS G 32 -49.88 -66.41 -2.25
N PRO G 33 -50.10 -65.08 -2.18
CA PRO G 33 -49.32 -64.18 -1.33
C PRO G 33 -49.67 -64.25 0.16
N SER G 34 -49.21 -63.27 0.92
CA SER G 34 -49.24 -63.22 2.40
C SER G 34 -50.57 -62.66 2.87
N ASP G 35 -51.25 -61.90 2.01
CA ASP G 35 -52.56 -61.30 2.31
C ASP G 35 -53.57 -62.42 2.50
N ILE G 36 -54.20 -62.46 3.65
CA ILE G 36 -55.09 -63.57 4.11
C ILE G 36 -55.99 -63.00 5.20
N GLU G 37 -57.24 -63.45 5.25
CA GLU G 37 -58.24 -63.06 6.28
C GLU G 37 -58.68 -64.33 7.01
N VAL G 38 -58.58 -64.34 8.33
CA VAL G 38 -58.95 -65.53 9.15
C VAL G 38 -59.87 -65.08 10.30
N ASP G 39 -61.13 -65.51 10.25
CA ASP G 39 -62.13 -65.32 11.32
C ASP G 39 -62.33 -66.64 12.07
N LEU G 40 -62.41 -66.58 13.39
CA LEU G 40 -62.83 -67.71 14.23
C LEU G 40 -64.31 -67.55 14.58
N LEU G 41 -65.10 -68.60 14.37
CA LEU G 41 -66.58 -68.57 14.41
C LEU G 41 -67.08 -69.45 15.56
N LYS G 42 -68.09 -68.97 16.29
CA LYS G 42 -68.94 -69.76 17.23
C LYS G 42 -70.39 -69.74 16.70
N ASN G 43 -70.86 -70.88 16.21
CA ASN G 43 -72.24 -71.05 15.65
C ASN G 43 -72.44 -70.03 14.53
N GLY G 44 -71.40 -69.81 13.73
CA GLY G 44 -71.50 -69.10 12.44
C GLY G 44 -71.39 -67.59 12.58
N GLU G 45 -71.46 -67.08 13.82
CA GLU G 45 -71.13 -65.66 14.15
C GLU G 45 -69.61 -65.55 14.36
N ARG G 46 -69.10 -64.32 14.43
CA ARG G 46 -67.66 -64.02 14.56
C ARG G 46 -67.30 -63.92 16.05
N ILE G 47 -66.26 -64.65 16.48
CA ILE G 47 -65.58 -64.50 17.81
C ILE G 47 -64.71 -63.25 17.75
N GLU G 48 -64.88 -62.33 18.71
CA GLU G 48 -64.35 -60.94 18.65
C GLU G 48 -62.85 -60.94 19.04
N LYS G 49 -62.51 -61.45 20.23
CA LYS G 49 -61.12 -61.46 20.77
C LYS G 49 -60.37 -62.67 20.20
N VAL G 50 -59.58 -62.46 19.15
CA VAL G 50 -58.77 -63.51 18.46
C VAL G 50 -57.35 -62.98 18.22
N GLU G 51 -56.34 -63.78 18.53
CA GLU G 51 -54.91 -63.40 18.45
C GLU G 51 -54.19 -64.30 17.44
N HIS G 52 -53.19 -63.78 16.75
CA HIS G 52 -52.44 -64.48 15.68
C HIS G 52 -50.94 -64.28 15.88
N SER G 53 -50.17 -65.34 15.65
CA SER G 53 -48.69 -65.30 15.50
C SER G 53 -48.33 -64.27 14.45
N ASP G 54 -47.12 -63.71 14.52
CA ASP G 54 -46.52 -62.84 13.46
C ASP G 54 -46.23 -63.71 12.25
N LEU G 55 -46.47 -63.20 11.05
CA LEU G 55 -46.26 -63.93 9.78
C LEU G 55 -44.83 -64.47 9.76
N SER G 56 -44.66 -65.76 9.48
CA SER G 56 -43.37 -66.39 9.09
C SER G 56 -43.58 -67.24 7.85
N PHE G 57 -42.52 -67.93 7.40
CA PHE G 57 -42.57 -68.91 6.30
C PHE G 57 -41.69 -70.11 6.65
N SER G 58 -41.71 -71.14 5.78
CA SER G 58 -41.08 -72.47 5.98
C SER G 58 -39.64 -72.46 5.44
N LYS G 59 -39.15 -73.60 4.93
CA LYS G 59 -37.89 -73.65 4.11
C LYS G 59 -38.24 -73.27 2.67
N ASP G 60 -39.20 -73.96 2.07
CA ASP G 60 -40.06 -73.41 1.00
C ASP G 60 -40.38 -71.96 1.37
N TRP G 61 -40.78 -71.15 0.40
CA TRP G 61 -41.16 -69.73 0.59
C TRP G 61 -42.69 -69.60 0.63
N SER G 62 -43.33 -70.31 1.57
CA SER G 62 -44.81 -70.29 1.79
C SER G 62 -45.10 -70.02 3.27
N PHE G 63 -46.11 -69.19 3.53
CA PHE G 63 -46.36 -68.53 4.84
C PHE G 63 -47.19 -69.47 5.74
N TYR G 64 -47.19 -69.20 7.05
CA TYR G 64 -48.02 -69.89 8.07
C TYR G 64 -48.34 -68.91 9.20
N LEU G 65 -49.63 -68.73 9.49
CA LEU G 65 -50.15 -68.03 10.68
C LEU G 65 -50.89 -69.03 11.56
N LEU G 66 -50.92 -68.79 12.87
CA LEU G 66 -51.84 -69.48 13.82
C LEU G 66 -52.76 -68.43 14.44
N TYR G 67 -54.01 -68.40 14.02
CA TYR G 67 -55.12 -67.70 14.72
C TYR G 67 -55.64 -68.62 15.84
N TYR G 68 -55.89 -68.05 17.03
CA TYR G 68 -56.30 -68.80 18.24
C TYR G 68 -57.07 -67.88 19.19
N THR G 69 -57.84 -68.49 20.12
CA THR G 69 -58.76 -67.80 21.06
C THR G 69 -59.04 -68.68 22.28
N GLU G 70 -59.21 -68.06 23.45
CA GLU G 70 -59.99 -68.61 24.60
C GLU G 70 -61.33 -69.16 24.07
N PHE G 71 -61.71 -70.35 24.48
CA PHE G 71 -63.06 -70.93 24.28
C PHE G 71 -63.29 -72.09 25.25
N THR G 72 -64.56 -72.38 25.54
CA THR G 72 -64.98 -73.49 26.43
C THR G 72 -65.95 -74.38 25.66
N PRO G 73 -65.45 -75.50 25.10
CA PRO G 73 -66.23 -76.30 24.15
C PRO G 73 -67.40 -77.00 24.83
N THR G 74 -68.52 -77.11 24.12
CA THR G 74 -69.77 -77.77 24.59
C THR G 74 -70.19 -78.84 23.59
N GLU G 75 -71.15 -79.70 23.96
CA GLU G 75 -71.77 -80.70 23.04
C GLU G 75 -72.47 -79.96 21.90
N LYS G 76 -73.15 -78.85 22.23
CA LYS G 76 -74.19 -78.19 21.39
C LYS G 76 -73.55 -77.18 20.44
N ASP G 77 -72.66 -76.33 20.96
CA ASP G 77 -72.02 -75.20 20.22
C ASP G 77 -71.20 -75.75 19.05
N GLU G 78 -71.07 -74.96 17.98
CA GLU G 78 -70.29 -75.31 16.76
C GLU G 78 -69.23 -74.24 16.53
N TYR G 79 -67.96 -74.65 16.35
CA TYR G 79 -66.79 -73.76 16.21
C TYR G 79 -66.11 -74.02 14.86
N ALA G 80 -65.82 -72.94 14.12
CA ALA G 80 -65.30 -73.00 12.73
C ALA G 80 -64.18 -71.98 12.53
N CYS G 81 -63.45 -72.14 11.44
CA CYS G 81 -62.45 -71.19 10.92
C CYS G 81 -62.83 -70.79 9.49
N ARG G 82 -62.98 -69.49 9.24
CA ARG G 82 -63.34 -68.92 7.91
C ARG G 82 -62.14 -68.15 7.34
N VAL G 83 -61.44 -68.76 6.37
CA VAL G 83 -60.23 -68.21 5.70
C VAL G 83 -60.62 -67.65 4.33
N ASN G 84 -60.26 -66.40 4.04
CA ASN G 84 -60.40 -65.77 2.70
C ASN G 84 -59.01 -65.47 2.14
N HIS G 85 -58.81 -65.80 0.86
CA HIS G 85 -57.53 -65.62 0.12
C HIS G 85 -57.84 -65.41 -1.36
N VAL G 86 -56.95 -64.71 -2.07
CA VAL G 86 -57.13 -64.31 -3.49
C VAL G 86 -57.23 -65.57 -4.36
N THR G 87 -56.89 -66.75 -3.80
CA THR G 87 -56.83 -68.05 -4.52
C THR G 87 -58.17 -68.79 -4.40
N LEU G 88 -59.13 -68.21 -3.68
CA LEU G 88 -60.45 -68.84 -3.36
C LEU G 88 -61.58 -68.05 -4.03
N SER G 89 -62.30 -68.67 -4.95
CA SER G 89 -63.58 -68.17 -5.53
C SER G 89 -64.43 -67.57 -4.41
N GLN G 90 -64.51 -68.26 -3.27
CA GLN G 90 -65.35 -67.89 -2.11
C GLN G 90 -64.57 -68.19 -0.84
N PRO G 91 -64.84 -67.47 0.28
CA PRO G 91 -64.20 -67.78 1.56
C PRO G 91 -64.44 -69.23 1.96
N LYS G 92 -63.48 -69.83 2.64
CA LYS G 92 -63.44 -71.28 2.95
C LYS G 92 -63.67 -71.47 4.44
N ILE G 93 -64.75 -72.16 4.81
CA ILE G 93 -65.15 -72.39 6.22
C ILE G 93 -64.85 -73.84 6.61
N VAL G 94 -63.90 -74.05 7.51
CA VAL G 94 -63.50 -75.39 8.03
C VAL G 94 -64.01 -75.54 9.47
N LYS G 95 -64.80 -76.59 9.72
CA LYS G 95 -65.44 -76.88 11.03
C LYS G 95 -64.40 -77.52 11.97
N TRP G 96 -64.50 -77.26 13.26
CA TRP G 96 -63.76 -78.04 14.31
C TRP G 96 -64.42 -79.41 14.48
N ASP G 97 -63.63 -80.47 14.52
CA ASP G 97 -64.08 -81.87 14.71
C ASP G 97 -63.18 -82.52 15.76
N ARG G 98 -63.50 -82.30 17.04
CA ARG G 98 -62.71 -82.79 18.19
C ARG G 98 -62.44 -84.29 18.03
N ASP G 99 -63.48 -85.06 17.68
CA ASP G 99 -63.55 -86.55 17.86
C ASP G 99 -62.37 -87.20 17.12
N MET G 100 -61.88 -86.55 16.07
CA MET G 100 -60.74 -87.01 15.22
C MET G 100 -59.69 -87.70 16.10
N TYR H 1 -29.75 -61.47 17.44
CA TYR H 1 -28.83 -60.34 17.06
C TYR H 1 -28.78 -60.21 15.55
N LEU H 2 -29.56 -59.28 15.00
CA LEU H 2 -29.62 -59.00 13.53
C LEU H 2 -28.20 -58.74 13.00
N GLN H 3 -27.89 -59.22 11.80
CA GLN H 3 -26.65 -58.89 11.05
C GLN H 3 -26.49 -57.37 11.03
N PRO H 4 -25.33 -56.83 11.47
CA PRO H 4 -25.14 -55.38 11.49
C PRO H 4 -25.19 -54.75 10.08
N ARG H 5 -24.78 -55.49 9.05
CA ARG H 5 -24.61 -54.96 7.67
C ARG H 5 -25.72 -55.49 6.76
N THR H 6 -26.39 -54.58 6.06
CA THR H 6 -27.40 -54.84 5.00
C THR H 6 -26.72 -54.73 3.63
N PHE H 7 -27.27 -55.41 2.64
CA PHE H 7 -26.78 -55.44 1.25
C PHE H 7 -27.98 -55.29 0.30
N LEU H 8 -27.76 -54.67 -0.86
CA LEU H 8 -28.81 -54.45 -1.89
C LEU H 8 -28.67 -55.52 -2.98
N LEU H 9 -29.80 -56.02 -3.48
CA LEU H 9 -29.92 -56.92 -4.65
C LEU H 9 -29.49 -56.15 -5.90
N GLU I 3 -14.76 -46.51 19.36
CA GLU I 3 -13.31 -46.79 19.41
C GLU I 3 -12.92 -47.66 18.20
N VAL I 4 -12.18 -47.08 17.27
CA VAL I 4 -11.12 -47.76 16.46
C VAL I 4 -9.78 -47.20 16.92
N GLU I 5 -8.92 -48.05 17.48
CA GLU I 5 -7.61 -47.67 18.07
C GLU I 5 -6.49 -48.06 17.08
N GLN I 6 -5.50 -47.18 16.88
CA GLN I 6 -4.30 -47.44 16.04
C GLN I 6 -3.10 -46.61 16.55
N ASP I 7 -1.92 -47.24 16.60
CA ASP I 7 -0.63 -46.60 16.98
C ASP I 7 -0.84 -45.09 17.04
N PRO I 8 -0.75 -44.47 18.23
CA PRO I 8 -0.81 -43.02 18.35
C PRO I 8 0.49 -42.38 17.83
N GLY I 9 1.64 -42.78 18.40
CA GLY I 9 2.96 -42.19 18.13
C GLY I 9 3.22 -42.08 16.62
N PRO I 10 3.71 -40.90 16.14
CA PRO I 10 4.08 -40.74 14.74
C PRO I 10 5.25 -41.66 14.33
N PHE I 11 5.19 -42.23 13.13
CA PHE I 11 6.29 -43.03 12.51
C PHE I 11 7.13 -42.14 11.59
N ASN I 12 8.25 -41.59 12.09
CA ASN I 12 9.33 -41.02 11.26
C ASN I 12 10.37 -42.10 10.99
N VAL I 13 10.53 -42.51 9.73
CA VAL I 13 11.53 -43.55 9.31
C VAL I 13 12.24 -43.06 8.05
N PRO I 14 13.47 -43.55 7.78
CA PRO I 14 14.13 -43.31 6.51
C PRO I 14 13.59 -44.21 5.41
N GLU I 15 13.88 -43.89 4.15
CA GLU I 15 13.54 -44.72 2.96
C GLU I 15 14.17 -46.11 3.13
N GLY I 16 13.69 -47.10 2.37
CA GLY I 16 14.11 -48.51 2.48
C GLY I 16 13.42 -49.22 3.64
N ALA I 17 13.04 -48.45 4.68
CA ALA I 17 12.52 -48.98 5.97
C ALA I 17 11.25 -49.78 5.76
N THR I 18 10.83 -50.52 6.78
CA THR I 18 9.57 -51.31 6.82
C THR I 18 8.69 -50.79 7.96
N VAL I 19 7.48 -50.32 7.64
CA VAL I 19 6.48 -49.78 8.62
C VAL I 19 5.35 -50.81 8.76
N ALA I 20 4.98 -51.15 10.00
CA ALA I 20 3.82 -51.99 10.33
C ALA I 20 2.85 -51.18 11.19
N PHE I 21 1.63 -50.93 10.69
CA PHE I 21 0.53 -50.25 11.42
C PHE I 21 -0.38 -51.31 12.05
N ASN I 22 -0.74 -51.12 13.32
CA ASN I 22 -1.68 -51.98 14.09
C ASN I 22 -2.97 -51.22 14.27
N CYS I 23 -4.10 -51.89 14.10
CA CYS I 23 -5.46 -51.37 14.39
C CYS I 23 -6.31 -52.47 15.02
N THR I 24 -7.17 -52.09 15.96
CA THR I 24 -8.11 -53.01 16.66
C THR I 24 -9.46 -52.34 16.81
N TYR I 25 -10.54 -53.13 16.69
CA TYR I 25 -11.95 -52.69 16.82
C TYR I 25 -12.60 -53.41 18.02
N SER I 26 -13.51 -52.72 18.71
CA SER I 26 -14.02 -53.10 20.05
C SER I 26 -15.09 -54.22 19.93
N ASN I 27 -16.14 -53.97 19.14
CA ASN I 27 -17.25 -54.94 18.91
C ASN I 27 -16.76 -56.06 18.01
N SER I 28 -17.11 -57.30 18.33
CA SER I 28 -16.93 -58.48 17.45
C SER I 28 -17.84 -58.38 16.23
N ALA I 29 -18.88 -57.53 16.31
CA ALA I 29 -19.98 -57.40 15.33
C ALA I 29 -19.42 -57.04 13.96
N SER I 30 -18.61 -55.96 13.91
CA SER I 30 -17.93 -55.46 12.69
C SER I 30 -17.62 -56.64 11.74
N GLN I 31 -17.86 -56.45 10.42
CA GLN I 31 -17.70 -57.50 9.37
C GLN I 31 -17.01 -56.89 8.13
N SER I 32 -16.76 -55.59 8.14
CA SER I 32 -16.17 -54.80 7.02
C SER I 32 -14.98 -54.00 7.55
N PHE I 33 -13.81 -54.15 6.91
CA PHE I 33 -12.51 -53.62 7.40
C PHE I 33 -11.71 -53.00 6.25
N PHE I 34 -11.11 -51.83 6.47
CA PHE I 34 -10.52 -50.97 5.42
C PHE I 34 -9.24 -50.31 5.91
N TRP I 35 -8.30 -50.10 5.00
CA TRP I 35 -7.18 -49.13 5.12
C TRP I 35 -7.41 -47.96 4.16
N TYR I 36 -7.45 -46.74 4.71
CA TYR I 36 -7.46 -45.46 3.96
C TYR I 36 -6.15 -44.74 4.20
N ARG I 37 -5.74 -43.92 3.24
CA ARG I 37 -4.50 -43.13 3.27
C ARG I 37 -4.85 -41.68 2.94
N GLN I 38 -4.25 -40.73 3.67
CA GLN I 38 -4.65 -39.30 3.61
C GLN I 38 -3.39 -38.41 3.62
N ASP I 39 -3.16 -37.71 2.52
CA ASP I 39 -2.20 -36.58 2.41
C ASP I 39 -2.71 -35.41 3.26
N CYS I 40 -1.81 -34.50 3.66
CA CYS I 40 -1.96 -33.63 4.86
C CYS I 40 -3.26 -32.81 4.76
N ARG I 41 -3.43 -32.03 3.69
CA ARG I 41 -4.53 -31.04 3.56
C ARG I 41 -5.71 -31.64 2.77
N LEU I 42 -5.54 -32.86 2.23
CA LEU I 42 -6.44 -33.47 1.21
C LEU I 42 -7.41 -34.46 1.90
N GLU I 43 -8.19 -35.19 1.10
CA GLU I 43 -9.25 -36.12 1.54
C GLU I 43 -8.67 -37.52 1.73
N PRO I 44 -9.39 -38.44 2.42
CA PRO I 44 -8.96 -39.82 2.55
C PRO I 44 -9.26 -40.66 1.30
N LYS I 45 -8.32 -41.48 0.86
CA LYS I 45 -8.46 -42.41 -0.27
C LYS I 45 -8.34 -43.85 0.22
N LEU I 46 -9.12 -44.76 -0.37
CA LEU I 46 -9.09 -46.22 -0.13
C LEU I 46 -7.73 -46.75 -0.58
N ILE I 47 -6.94 -47.31 0.35
CA ILE I 47 -5.77 -48.18 0.02
C ILE I 47 -6.31 -49.55 -0.37
N MET I 48 -7.12 -50.14 0.49
CA MET I 48 -7.22 -51.60 0.64
C MET I 48 -8.45 -51.94 1.49
N SER I 49 -9.35 -52.75 0.93
CA SER I 49 -10.28 -53.60 1.69
C SER I 49 -9.51 -54.76 2.31
N VAL I 50 -9.79 -55.10 3.56
CA VAL I 50 -9.04 -56.10 4.35
C VAL I 50 -9.91 -57.36 4.51
N TYR I 51 -9.55 -58.43 3.82
CA TYR I 51 -10.13 -59.79 3.98
C TYR I 51 -9.05 -60.75 4.54
N SER I 52 -9.47 -61.96 4.93
CA SER I 52 -8.60 -63.02 5.48
C SER I 52 -7.58 -63.47 4.43
N SER I 53 -8.02 -63.67 3.19
CA SER I 53 -7.15 -63.97 2.01
C SER I 53 -6.05 -62.92 1.91
N GLY I 54 -4.79 -63.37 1.85
CA GLY I 54 -3.58 -62.50 1.91
C GLY I 54 -3.66 -61.38 0.90
N ASN I 55 -4.07 -60.17 1.35
CA ASN I 55 -4.12 -58.94 0.52
C ASN I 55 -2.69 -58.48 0.23
N GLU I 56 -2.19 -58.75 -0.99
CA GLU I 56 -0.80 -58.45 -1.44
C GLU I 56 -0.85 -57.42 -2.57
N ASP I 57 -0.81 -56.12 -2.23
CA ASP I 57 -0.58 -55.01 -3.20
C ASP I 57 0.91 -54.97 -3.53
N GLY I 58 1.40 -53.87 -4.10
CA GLY I 58 2.83 -53.66 -4.43
C GLY I 58 3.72 -53.98 -3.24
N ARG I 59 4.10 -52.96 -2.48
CA ARG I 59 4.91 -53.10 -1.24
C ARG I 59 3.97 -53.12 -0.02
N PHE I 60 2.65 -53.16 -0.25
CA PHE I 60 1.59 -53.18 0.81
C PHE I 60 1.06 -54.60 0.99
N THR I 61 0.94 -55.06 2.25
CA THR I 61 0.17 -56.27 2.67
C THR I 61 -0.54 -56.00 4.00
N ALA I 62 -1.81 -56.39 4.10
CA ALA I 62 -2.65 -56.29 5.32
C ALA I 62 -3.26 -57.67 5.63
N GLN I 63 -3.38 -58.00 6.92
CA GLN I 63 -4.07 -59.22 7.42
C GLN I 63 -5.16 -58.81 8.43
N LEU I 64 -6.11 -59.70 8.68
CA LEU I 64 -7.23 -59.48 9.61
C LEU I 64 -7.29 -60.65 10.60
N ASN I 65 -7.26 -60.36 11.89
CA ASN I 65 -7.33 -61.37 12.98
C ASN I 65 -8.64 -61.16 13.75
N ARG I 66 -9.76 -61.54 13.13
CA ARG I 66 -11.12 -61.58 13.72
C ARG I 66 -11.05 -62.07 15.17
N ALA I 67 -10.33 -63.17 15.43
CA ALA I 67 -10.20 -63.79 16.76
C ALA I 67 -9.86 -62.70 17.78
N SER I 68 -8.75 -62.00 17.58
CA SER I 68 -8.21 -60.94 18.49
C SER I 68 -8.66 -59.56 18.00
N GLN I 69 -9.61 -59.53 17.05
CA GLN I 69 -10.29 -58.31 16.53
C GLN I 69 -9.25 -57.25 16.24
N TYR I 70 -8.34 -57.55 15.32
CA TYR I 70 -7.09 -56.81 15.05
C TYR I 70 -6.81 -56.88 13.55
N ILE I 71 -6.52 -55.75 12.93
CA ILE I 71 -6.06 -55.68 11.51
C ILE I 71 -4.76 -54.88 11.45
N SER I 72 -3.88 -55.23 10.52
CA SER I 72 -2.51 -54.70 10.41
C SER I 72 -2.24 -54.21 8.98
N LEU I 73 -1.13 -53.53 8.79
CA LEU I 73 -0.64 -53.06 7.47
C LEU I 73 0.89 -53.06 7.48
N LEU I 74 1.50 -53.56 6.40
CA LEU I 74 2.97 -53.72 6.27
C LEU I 74 3.42 -53.11 4.94
N ILE I 75 3.99 -51.91 5.00
CA ILE I 75 4.68 -51.23 3.86
C ILE I 75 6.15 -51.69 3.82
N ARG I 76 6.55 -52.35 2.73
CA ARG I 76 7.73 -53.24 2.67
C ARG I 76 8.99 -52.40 2.48
N ASP I 77 9.17 -51.82 1.28
CA ASP I 77 10.22 -50.80 1.01
C ASP I 77 9.58 -49.43 1.08
N SER I 78 9.78 -48.70 2.18
CA SER I 78 9.23 -47.35 2.42
C SER I 78 9.78 -46.38 1.36
N LYS I 79 8.89 -45.60 0.73
CA LYS I 79 9.23 -44.60 -0.32
C LYS I 79 8.79 -43.21 0.17
N LEU I 80 9.52 -42.16 -0.22
CA LEU I 80 9.25 -40.75 0.20
C LEU I 80 7.75 -40.44 0.06
N SER I 81 7.10 -41.03 -0.95
CA SER I 81 5.71 -40.71 -1.42
C SER I 81 4.66 -41.40 -0.53
N ASP I 82 5.08 -42.37 0.30
CA ASP I 82 4.20 -43.10 1.26
C ASP I 82 3.89 -42.20 2.45
N SER I 83 4.34 -40.94 2.41
CA SER I 83 4.21 -39.95 3.51
C SER I 83 2.76 -39.42 3.56
N ALA I 84 2.01 -39.81 4.58
CA ALA I 84 0.56 -39.56 4.75
C ALA I 84 0.07 -40.26 6.02
N THR I 85 -1.11 -39.88 6.52
CA THR I 85 -1.77 -40.53 7.69
C THR I 85 -2.58 -41.74 7.20
N TYR I 86 -2.29 -42.92 7.73
CA TYR I 86 -2.90 -44.21 7.32
C TYR I 86 -4.04 -44.57 8.28
N LEU I 87 -5.26 -44.65 7.75
CA LEU I 87 -6.53 -44.63 8.53
C LEU I 87 -7.21 -46.00 8.48
N CYS I 88 -7.50 -46.55 9.65
CA CYS I 88 -8.21 -47.83 9.85
C CYS I 88 -9.72 -47.54 9.97
N VAL I 89 -10.54 -48.29 9.23
CA VAL I 89 -12.03 -48.09 9.18
C VAL I 89 -12.74 -49.45 9.25
N VAL I 90 -13.73 -49.56 10.15
CA VAL I 90 -14.68 -50.71 10.26
C VAL I 90 -16.10 -50.17 10.48
N ASN I 91 -17.11 -50.95 10.08
CA ASN I 91 -18.53 -50.73 10.47
C ASN I 91 -18.67 -50.93 11.99
N ILE I 92 -19.65 -50.27 12.61
CA ILE I 92 -19.87 -50.25 14.09
C ILE I 92 -21.36 -50.46 14.40
N ASN I 93 -21.74 -51.71 14.70
CA ASN I 93 -23.09 -52.12 15.25
C ASN I 93 -24.14 -52.14 14.13
N THR I 94 -23.99 -51.25 13.14
CA THR I 94 -24.90 -51.09 11.97
C THR I 94 -24.06 -51.07 10.69
N ASP I 95 -24.65 -50.64 9.57
CA ASP I 95 -23.97 -50.39 8.27
C ASP I 95 -22.88 -49.31 8.45
N LYS I 96 -23.03 -48.48 9.49
CA LYS I 96 -22.30 -47.19 9.67
C LYS I 96 -20.81 -47.46 9.68
N LEU I 97 -20.01 -46.58 9.04
CA LEU I 97 -18.54 -46.78 8.87
C LEU I 97 -17.76 -45.69 9.63
N ILE I 98 -16.77 -46.09 10.41
CA ILE I 98 -16.17 -45.29 11.51
C ILE I 98 -14.66 -45.32 11.38
N PHE I 99 -14.03 -44.15 11.25
CA PHE I 99 -12.57 -43.98 11.12
C PHE I 99 -11.93 -44.03 12.50
N GLY I 100 -10.80 -44.74 12.61
CA GLY I 100 -9.79 -44.52 13.66
C GLY I 100 -9.18 -43.13 13.56
N THR I 101 -8.36 -42.73 14.54
CA THR I 101 -7.82 -41.34 14.66
C THR I 101 -6.71 -41.12 13.63
N GLY I 102 -6.13 -42.21 13.10
CA GLY I 102 -5.10 -42.18 12.04
C GLY I 102 -3.71 -42.34 12.61
N THR I 103 -2.79 -42.91 11.82
CA THR I 103 -1.35 -43.08 12.17
C THR I 103 -0.50 -42.36 11.13
N ARG I 104 0.14 -41.24 11.53
CA ARG I 104 0.90 -40.34 10.64
C ARG I 104 2.25 -40.98 10.31
N LEU I 105 2.64 -40.97 9.03
CA LEU I 105 3.92 -41.50 8.52
C LEU I 105 4.68 -40.40 7.76
N GLN I 106 5.89 -40.10 8.20
CA GLN I 106 6.90 -39.30 7.45
C GLN I 106 8.05 -40.21 7.06
N VAL I 107 8.35 -40.31 5.77
CA VAL I 107 9.53 -41.05 5.24
C VAL I 107 10.64 -40.05 4.90
N PHE I 108 11.65 -39.94 5.79
CA PHE I 108 12.90 -39.16 5.59
C PHE I 108 13.62 -39.65 4.33
N PRO I 109 14.46 -38.78 3.70
CA PRO I 109 15.43 -39.23 2.70
C PRO I 109 16.79 -39.57 3.32
N ASN I 110 17.60 -40.35 2.60
CA ASN I 110 18.97 -40.77 3.01
C ASN I 110 19.99 -39.82 2.38
N ILE I 111 20.46 -38.83 3.15
CA ILE I 111 21.49 -37.84 2.73
C ILE I 111 22.86 -38.51 2.82
N GLN I 112 23.37 -39.05 1.71
CA GLN I 112 24.61 -39.89 1.65
C GLN I 112 25.84 -38.99 1.69
N ASN I 113 25.76 -37.80 1.08
CA ASN I 113 26.86 -36.81 0.99
C ASN I 113 26.40 -35.48 1.57
N PRO I 114 26.00 -35.45 2.86
CA PRO I 114 25.58 -34.19 3.48
C PRO I 114 26.62 -33.08 3.27
N ASP I 115 26.14 -31.86 3.00
CA ASP I 115 26.96 -30.66 2.67
C ASP I 115 26.33 -29.45 3.34
N PRO I 116 26.20 -29.46 4.69
CA PRO I 116 25.45 -28.43 5.40
C PRO I 116 25.98 -27.02 5.10
N ALA I 117 25.07 -26.08 4.83
CA ALA I 117 25.39 -24.71 4.34
C ALA I 117 24.30 -23.74 4.78
N VAL I 118 24.60 -22.43 4.70
CA VAL I 118 23.64 -21.31 4.99
C VAL I 118 23.90 -20.17 3.99
N TYR I 119 23.30 -20.23 2.80
CA TYR I 119 23.47 -19.21 1.72
C TYR I 119 22.44 -18.08 1.91
N GLN I 120 22.78 -16.88 1.43
CA GLN I 120 21.89 -15.68 1.44
C GLN I 120 21.38 -15.41 0.02
N LEU I 121 20.09 -15.08 -0.11
CA LEU I 121 19.42 -14.73 -1.40
C LEU I 121 18.76 -13.35 -1.25
N ARG I 122 18.28 -12.75 -2.36
CA ARG I 122 17.34 -11.58 -2.34
C ARG I 122 16.79 -11.30 -3.74
N ASP I 123 15.82 -10.37 -3.84
CA ASP I 123 15.10 -10.02 -5.10
C ASP I 123 14.13 -8.85 -4.83
N SER I 124 14.06 -7.89 -5.76
CA SER I 124 12.98 -6.85 -5.88
C SER I 124 12.93 -6.00 -4.61
N LYS I 125 14.10 -5.65 -4.06
CA LYS I 125 14.27 -4.90 -2.77
C LYS I 125 14.23 -5.89 -1.60
N SER I 126 14.35 -7.20 -1.90
CA SER I 126 14.13 -8.34 -0.98
C SER I 126 12.77 -8.22 -0.29
N SER I 127 11.85 -7.39 -0.83
CA SER I 127 10.51 -7.07 -0.27
C SER I 127 10.62 -6.73 1.23
N ASP I 128 11.41 -5.71 1.58
CA ASP I 128 11.58 -5.16 2.95
C ASP I 128 12.04 -6.27 3.91
N LYS I 129 12.80 -7.26 3.39
CA LYS I 129 13.28 -8.44 4.16
C LYS I 129 14.66 -8.87 3.61
N SER I 130 15.18 -10.00 4.11
CA SER I 130 16.37 -10.73 3.58
C SER I 130 16.32 -12.17 4.07
N VAL I 131 16.57 -13.15 3.20
CA VAL I 131 16.28 -14.58 3.49
C VAL I 131 17.57 -15.40 3.36
N CYS I 132 17.70 -16.41 4.23
CA CYS I 132 18.82 -17.40 4.26
C CYS I 132 18.26 -18.81 4.16
N LEU I 133 18.94 -19.68 3.40
CA LEU I 133 18.55 -21.10 3.12
C LEU I 133 19.60 -22.05 3.73
N PHE I 134 19.19 -22.81 4.76
CA PHE I 134 20.00 -23.86 5.43
C PHE I 134 19.63 -25.21 4.82
N THR I 135 20.56 -25.83 4.08
CA THR I 135 20.28 -26.88 3.08
C THR I 135 21.32 -27.99 3.18
N ASP I 136 21.05 -29.12 2.53
CA ASP I 136 22.02 -30.21 2.26
C ASP I 136 22.53 -30.79 3.59
N PHE I 137 21.68 -30.84 4.62
CA PHE I 137 22.03 -31.33 5.98
C PHE I 137 21.38 -32.71 6.21
N ASP I 138 21.69 -33.31 7.36
CA ASP I 138 21.52 -34.76 7.67
C ASP I 138 20.16 -34.97 8.34
N SER I 139 19.62 -36.19 8.26
CA SER I 139 18.44 -36.67 9.01
C SER I 139 18.55 -36.27 10.49
N GLN I 140 19.76 -36.38 11.06
CA GLN I 140 20.04 -36.15 12.49
C GLN I 140 19.45 -34.81 12.93
N THR I 141 19.61 -33.78 12.10
CA THR I 141 19.44 -32.36 12.49
C THR I 141 17.95 -32.03 12.55
N ASN I 142 17.44 -31.75 13.75
CA ASN I 142 16.15 -31.04 13.97
C ASN I 142 16.42 -29.52 14.00
N VAL I 143 15.46 -28.73 13.52
CA VAL I 143 15.55 -27.24 13.41
C VAL I 143 14.47 -26.63 14.33
N SER I 144 14.89 -25.76 15.26
CA SER I 144 14.02 -25.00 16.19
C SER I 144 14.07 -23.51 15.84
N GLN I 145 13.11 -22.74 16.36
CA GLN I 145 12.75 -21.38 15.87
C GLN I 145 13.16 -20.32 16.90
N SER I 146 13.54 -19.13 16.43
CA SER I 146 13.97 -17.98 17.27
C SER I 146 12.77 -17.08 17.57
N LYS I 147 12.45 -16.92 18.86
CA LYS I 147 11.32 -16.08 19.35
C LYS I 147 11.86 -14.76 19.91
N ASP I 148 13.16 -14.72 20.26
CA ASP I 148 13.84 -13.58 20.93
C ASP I 148 14.37 -12.60 19.85
N SER I 149 14.25 -12.96 18.57
CA SER I 149 14.80 -12.20 17.41
C SER I 149 13.67 -11.48 16.67
N ASP I 150 12.47 -12.08 16.61
CA ASP I 150 11.39 -11.74 15.67
C ASP I 150 11.72 -12.33 14.29
N VAL I 151 12.39 -13.48 14.27
CA VAL I 151 12.91 -14.16 13.04
C VAL I 151 12.09 -15.43 12.81
N TYR I 152 11.23 -15.42 11.78
CA TYR I 152 10.38 -16.56 11.37
C TYR I 152 11.26 -17.64 10.74
N ILE I 153 11.08 -18.89 11.16
CA ILE I 153 11.87 -20.07 10.69
C ILE I 153 10.92 -21.22 10.41
N THR I 154 11.21 -21.99 9.34
CA THR I 154 10.40 -23.15 8.88
C THR I 154 11.21 -24.43 9.10
N ASP I 155 10.54 -25.49 9.56
CA ASP I 155 11.17 -26.79 9.89
C ASP I 155 11.72 -27.43 8.62
N LYS I 156 12.34 -28.61 8.76
CA LYS I 156 12.81 -29.46 7.64
C LYS I 156 11.76 -29.47 6.51
N CYS I 157 12.20 -29.68 5.27
CA CYS I 157 11.35 -29.85 4.08
C CYS I 157 12.15 -30.55 2.98
N VAL I 158 11.71 -31.75 2.56
CA VAL I 158 12.46 -32.66 1.64
C VAL I 158 12.12 -32.29 0.19
N LEU I 159 13.09 -32.45 -0.71
CA LEU I 159 13.08 -31.88 -2.09
C LEU I 159 13.79 -32.87 -3.02
N ASP I 160 13.05 -33.51 -3.93
CA ASP I 160 13.53 -34.64 -4.77
C ASP I 160 13.67 -34.18 -6.22
N MET I 161 14.91 -33.89 -6.66
CA MET I 161 15.25 -33.64 -8.09
C MET I 161 15.19 -34.97 -8.86
N ARG I 162 13.97 -35.44 -9.17
CA ARG I 162 13.71 -36.83 -9.66
C ARG I 162 14.59 -37.12 -10.88
N SER I 163 14.76 -36.14 -11.78
CA SER I 163 15.51 -36.29 -13.05
C SER I 163 16.93 -36.82 -12.77
N MET I 164 17.58 -36.31 -11.72
CA MET I 164 19.03 -36.54 -11.45
C MET I 164 19.22 -37.29 -10.10
N ASP I 165 18.12 -37.68 -9.44
CA ASP I 165 18.08 -38.68 -8.34
C ASP I 165 18.56 -38.07 -7.02
N PHE I 166 18.78 -36.75 -6.99
CA PHE I 166 19.23 -35.99 -5.78
C PHE I 166 18.00 -35.61 -4.94
N LYS I 167 17.99 -36.00 -3.66
CA LYS I 167 17.02 -35.53 -2.62
C LYS I 167 17.79 -34.74 -1.54
N SER I 168 17.17 -33.68 -1.01
CA SER I 168 17.84 -32.71 -0.09
C SER I 168 16.82 -32.11 0.87
N ASN I 169 17.08 -32.22 2.16
CA ASN I 169 16.44 -31.39 3.22
C ASN I 169 16.75 -29.92 2.94
N SER I 170 16.10 -29.02 3.68
CA SER I 170 16.27 -27.56 3.57
C SER I 170 15.36 -26.87 4.58
N ALA I 171 15.78 -25.72 5.10
CA ALA I 171 15.01 -24.87 6.04
C ALA I 171 15.25 -23.40 5.72
N VAL I 172 14.22 -22.57 5.88
CA VAL I 172 14.21 -21.14 5.53
C VAL I 172 14.09 -20.32 6.81
N ALA I 173 14.76 -19.16 6.86
CA ALA I 173 14.60 -18.13 7.91
C ALA I 173 14.64 -16.75 7.26
N TRP I 174 13.93 -15.77 7.85
CA TRP I 174 13.90 -14.36 7.36
C TRP I 174 13.46 -13.41 8.47
N SER I 175 13.68 -12.11 8.27
CA SER I 175 13.25 -11.00 9.17
C SER I 175 13.22 -9.68 8.40
N ASN I 176 12.69 -8.63 9.02
CA ASN I 176 12.38 -7.31 8.39
C ASN I 176 13.69 -6.63 7.96
N LYS I 177 13.58 -5.55 7.15
CA LYS I 177 14.73 -4.78 6.60
C LYS I 177 15.41 -3.99 7.73
N SER I 178 14.71 -3.81 8.87
CA SER I 178 15.18 -3.03 10.06
C SER I 178 16.47 -3.64 10.64
N ASP I 179 16.63 -4.97 10.54
CA ASP I 179 17.86 -5.71 10.94
C ASP I 179 17.72 -7.19 10.57
N PHE I 180 18.84 -7.85 10.25
CA PHE I 180 18.96 -9.33 10.11
C PHE I 180 20.43 -9.74 10.27
N ALA I 181 20.69 -11.05 10.33
CA ALA I 181 22.05 -11.66 10.34
C ALA I 181 21.95 -13.14 9.94
N CYS I 182 22.73 -13.56 8.94
CA CYS I 182 22.57 -14.83 8.20
C CYS I 182 23.25 -15.98 8.95
N ALA I 183 24.28 -15.68 9.75
CA ALA I 183 24.95 -16.62 10.67
C ALA I 183 24.42 -16.41 12.10
N ASN I 184 23.19 -15.93 12.23
CA ASN I 184 22.53 -15.63 13.54
C ASN I 184 21.09 -16.18 13.53
N ALA I 185 20.66 -16.77 12.41
CA ALA I 185 19.24 -17.12 12.11
C ALA I 185 18.83 -18.37 12.90
N PHE I 186 19.65 -19.42 12.84
CA PHE I 186 19.40 -20.76 13.46
C PHE I 186 20.22 -20.89 14.75
N ASN I 187 20.53 -19.75 15.41
CA ASN I 187 21.38 -19.66 16.62
C ASN I 187 20.68 -20.38 17.79
N ASN I 188 19.36 -20.53 17.71
CA ASN I 188 18.49 -21.09 18.80
C ASN I 188 18.45 -22.62 18.68
N SER I 189 18.85 -23.16 17.53
CA SER I 189 18.89 -24.61 17.21
C SER I 189 20.34 -25.13 17.26
N ILE I 190 20.52 -26.45 17.27
CA ILE I 190 21.86 -27.10 17.27
C ILE I 190 22.22 -27.47 15.82
N ILE I 191 22.71 -26.49 15.06
CA ILE I 191 23.30 -26.65 13.69
C ILE I 191 24.57 -27.49 13.79
N PRO I 192 24.86 -28.39 12.82
CA PRO I 192 26.12 -29.12 12.78
C PRO I 192 27.33 -28.17 12.65
N GLU I 193 28.45 -28.50 13.31
CA GLU I 193 29.72 -27.72 13.30
C GLU I 193 30.45 -27.91 11.97
N ASP I 194 29.88 -28.72 11.06
CA ASP I 194 30.42 -29.03 9.71
C ASP I 194 29.71 -28.16 8.65
N THR I 195 29.12 -27.02 9.08
CA THR I 195 28.25 -26.15 8.25
C THR I 195 29.11 -25.08 7.57
N PHE I 196 28.84 -24.80 6.29
CA PHE I 196 29.52 -23.78 5.46
C PHE I 196 28.76 -22.45 5.52
N PHE I 197 29.28 -21.48 6.28
CA PHE I 197 28.82 -20.06 6.30
C PHE I 197 29.76 -19.22 5.42
N PRO I 198 29.45 -19.05 4.11
CA PRO I 198 30.41 -18.48 3.16
C PRO I 198 30.72 -17.00 3.42
N SER I 199 31.95 -16.57 3.13
CA SER I 199 32.40 -15.15 3.20
C SER I 199 31.45 -14.28 2.39
N PRO I 200 30.71 -13.34 3.04
CA PRO I 200 29.54 -12.71 2.41
C PRO I 200 29.86 -12.07 1.04
N GLU I 201 28.91 -12.18 0.09
CA GLU I 201 29.10 -11.82 -1.34
C GLU I 201 28.30 -10.54 -1.65
N THR J 2 -15.16 -37.54 -12.49
CA THR J 2 -16.45 -38.32 -12.43
C THR J 2 -16.50 -39.08 -11.08
N GLY J 3 -16.07 -38.43 -10.00
CA GLY J 3 -16.28 -38.88 -8.59
C GLY J 3 -17.17 -37.91 -7.83
N VAL J 4 -17.08 -37.92 -6.50
CA VAL J 4 -17.85 -36.99 -5.60
C VAL J 4 -17.30 -35.58 -5.76
N SER J 5 -18.16 -34.58 -5.73
CA SER J 5 -17.85 -33.16 -6.02
C SER J 5 -18.57 -32.25 -5.02
N GLN J 6 -17.80 -31.44 -4.27
CA GLN J 6 -18.32 -30.56 -3.18
C GLN J 6 -18.10 -29.08 -3.55
N ASP J 7 -19.04 -28.23 -3.15
CA ASP J 7 -19.06 -26.76 -3.40
C ASP J 7 -19.62 -26.07 -2.16
N PRO J 8 -18.96 -25.01 -1.62
CA PRO J 8 -17.63 -24.59 -2.06
C PRO J 8 -16.52 -25.37 -1.34
N ARG J 9 -15.29 -25.22 -1.81
CA ARG J 9 -14.10 -25.97 -1.33
C ARG J 9 -13.58 -25.31 -0.05
N HIS J 10 -13.62 -23.98 0.01
CA HIS J 10 -13.39 -23.15 1.21
C HIS J 10 -14.55 -22.15 1.36
N LYS J 11 -14.97 -21.87 2.60
CA LYS J 11 -15.96 -20.80 2.92
C LYS J 11 -15.53 -20.13 4.22
N ILE J 12 -15.28 -18.83 4.16
CA ILE J 12 -15.10 -17.93 5.34
C ILE J 12 -16.47 -17.40 5.74
N THR J 13 -16.83 -17.48 7.01
CA THR J 13 -18.16 -17.07 7.56
C THR J 13 -17.96 -16.30 8.86
N LYS J 14 -18.84 -15.33 9.14
CA LYS J 14 -18.87 -14.53 10.39
C LYS J 14 -19.62 -15.31 11.48
N ARG J 15 -19.08 -15.31 12.71
CA ARG J 15 -19.65 -16.04 13.87
C ARG J 15 -21.14 -15.69 14.00
N GLY J 16 -22.02 -16.69 13.86
CA GLY J 16 -23.48 -16.56 14.07
C GLY J 16 -24.24 -16.51 12.75
N GLN J 17 -23.52 -16.57 11.63
CA GLN J 17 -24.11 -16.73 10.27
C GLN J 17 -24.24 -18.22 9.94
N ASN J 18 -25.23 -18.59 9.15
CA ASN J 18 -25.45 -19.98 8.68
C ASN J 18 -24.64 -20.20 7.39
N VAL J 19 -24.13 -21.42 7.19
CA VAL J 19 -23.48 -21.86 5.91
C VAL J 19 -24.17 -23.13 5.42
N THR J 20 -23.98 -23.44 4.13
CA THR J 20 -24.66 -24.53 3.40
C THR J 20 -23.69 -25.17 2.41
N PHE J 21 -23.23 -26.38 2.70
CA PHE J 21 -22.30 -27.15 1.85
C PHE J 21 -23.10 -28.09 0.95
N ARG J 22 -22.81 -28.07 -0.34
CA ARG J 22 -23.46 -28.92 -1.38
C ARG J 22 -22.50 -30.05 -1.76
N CYS J 23 -23.05 -31.21 -2.10
CA CYS J 23 -22.30 -32.43 -2.50
C CYS J 23 -23.05 -33.16 -3.62
N ASP J 24 -22.37 -33.46 -4.74
CA ASP J 24 -22.94 -34.20 -5.89
C ASP J 24 -22.15 -35.47 -6.11
N PRO J 25 -22.65 -36.62 -5.62
CA PRO J 25 -21.85 -37.84 -5.54
C PRO J 25 -21.80 -38.61 -6.87
N ILE J 26 -21.24 -39.82 -6.81
CA ILE J 26 -21.30 -40.84 -7.90
C ILE J 26 -22.71 -41.45 -7.90
N SER J 27 -23.39 -41.41 -9.05
CA SER J 27 -24.80 -41.84 -9.24
C SER J 27 -25.00 -43.20 -8.59
N GLU J 28 -24.20 -44.20 -9.01
CA GLU J 28 -24.51 -45.65 -8.87
C GLU J 28 -24.53 -46.04 -7.38
N HIS J 29 -23.69 -45.41 -6.57
CA HIS J 29 -23.60 -45.65 -5.11
C HIS J 29 -24.86 -45.10 -4.41
N ASN J 30 -25.51 -45.94 -3.60
CA ASN J 30 -26.83 -45.65 -2.96
C ASN J 30 -26.61 -44.80 -1.71
N ARG J 31 -25.61 -45.16 -0.90
CA ARG J 31 -25.33 -44.50 0.40
C ARG J 31 -24.51 -43.23 0.16
N LEU J 32 -24.70 -42.23 1.01
CA LEU J 32 -23.89 -41.00 1.02
C LEU J 32 -23.61 -40.61 2.48
N TYR J 33 -22.34 -40.34 2.80
CA TYR J 33 -21.84 -40.11 4.17
C TYR J 33 -21.39 -38.66 4.29
N TRP J 34 -21.75 -38.01 5.40
CA TRP J 34 -21.15 -36.74 5.87
C TRP J 34 -20.24 -37.03 7.07
N TYR J 35 -18.93 -36.79 6.90
CA TYR J 35 -17.93 -36.76 7.98
C TYR J 35 -17.45 -35.33 8.20
N ARG J 36 -16.74 -35.11 9.29
CA ARG J 36 -16.12 -33.82 9.64
C ARG J 36 -14.77 -34.08 10.29
N GLN J 37 -13.73 -33.37 9.83
CA GLN J 37 -12.34 -33.49 10.34
C GLN J 37 -11.90 -32.14 10.92
N THR J 38 -11.47 -32.11 12.17
CA THR J 38 -10.66 -31.01 12.76
C THR J 38 -9.19 -31.41 12.72
N LEU J 39 -8.31 -30.46 12.44
CA LEU J 39 -6.86 -30.70 12.21
C LEU J 39 -6.30 -31.55 13.35
N GLY J 40 -5.79 -32.75 13.02
CA GLY J 40 -5.02 -33.61 13.95
C GLY J 40 -5.79 -34.88 14.30
N GLN J 41 -7.13 -34.81 14.33
CA GLN J 41 -8.03 -35.94 14.65
C GLN J 41 -8.47 -36.61 13.34
N GLY J 42 -9.02 -37.82 13.43
CA GLY J 42 -9.59 -38.58 12.28
C GLY J 42 -11.03 -38.15 11.98
N PRO J 43 -11.59 -38.58 10.83
CA PRO J 43 -12.91 -38.14 10.40
C PRO J 43 -14.01 -38.59 11.38
N GLU J 44 -14.79 -37.64 11.91
CA GLU J 44 -15.97 -37.89 12.81
C GLU J 44 -17.21 -38.06 11.95
N PHE J 45 -17.96 -39.15 12.15
CA PHE J 45 -19.24 -39.45 11.46
C PHE J 45 -20.29 -38.42 11.88
N LEU J 46 -21.07 -37.91 10.90
CA LEU J 46 -22.17 -36.93 11.12
C LEU J 46 -23.54 -37.59 10.85
N THR J 47 -23.67 -38.26 9.70
CA THR J 47 -24.93 -38.88 9.21
C THR J 47 -24.65 -39.60 7.90
N TYR J 48 -25.35 -40.72 7.65
CA TYR J 48 -25.32 -41.44 6.35
C TYR J 48 -26.76 -41.61 5.85
N PHE J 49 -26.93 -41.51 4.54
CA PHE J 49 -28.20 -41.81 3.83
C PHE J 49 -28.05 -43.12 3.07
N GLN J 50 -29.17 -43.78 2.81
CA GLN J 50 -29.36 -44.72 1.67
C GLN J 50 -30.53 -44.21 0.84
N ASN J 51 -30.28 -43.88 -0.42
CA ASN J 51 -31.21 -43.11 -1.28
C ASN J 51 -31.72 -41.91 -0.47
N GLU J 52 -33.01 -41.63 -0.49
CA GLU J 52 -33.56 -40.38 0.09
C GLU J 52 -33.56 -40.50 1.61
N ALA J 53 -33.41 -41.72 2.13
CA ALA J 53 -33.59 -42.08 3.57
C ALA J 53 -32.32 -41.75 4.35
N GLN J 54 -32.49 -41.22 5.57
CA GLN J 54 -31.40 -40.71 6.44
C GLN J 54 -31.34 -41.57 7.71
N LEU J 55 -30.61 -42.67 7.65
CA LEU J 55 -30.80 -43.82 8.55
C LEU J 55 -30.25 -43.48 9.94
N GLU J 56 -29.13 -42.76 10.02
CA GLU J 56 -28.38 -42.56 11.28
C GLU J 56 -27.74 -41.17 11.29
N LYS J 57 -27.64 -40.55 12.46
CA LYS J 57 -26.90 -39.29 12.71
C LYS J 57 -26.33 -39.32 14.13
N SER J 58 -25.21 -38.66 14.36
CA SER J 58 -24.40 -38.76 15.61
C SER J 58 -24.89 -37.73 16.63
N ARG J 59 -24.34 -37.79 17.85
CA ARG J 59 -24.60 -36.81 18.95
C ARG J 59 -24.34 -35.39 18.43
N LEU J 60 -23.25 -35.21 17.67
CA LEU J 60 -22.64 -33.88 17.34
C LEU J 60 -23.61 -33.04 16.51
N LEU J 61 -24.46 -33.68 15.70
CA LEU J 61 -25.26 -32.99 14.64
C LEU J 61 -26.44 -32.20 15.27
N SER J 62 -26.46 -32.05 16.60
CA SER J 62 -27.13 -30.94 17.36
C SER J 62 -28.51 -30.62 16.76
N ASP J 63 -29.05 -29.45 17.13
CA ASP J 63 -30.16 -28.77 16.41
C ASP J 63 -29.59 -28.04 15.20
N ARG J 64 -28.44 -27.37 15.36
CA ARG J 64 -27.91 -26.35 14.42
C ARG J 64 -27.55 -27.02 13.09
N PHE J 65 -26.92 -28.19 13.15
CA PHE J 65 -26.48 -28.98 11.97
C PHE J 65 -27.66 -29.80 11.46
N SER J 66 -27.94 -29.72 10.16
CA SER J 66 -28.98 -30.54 9.47
C SER J 66 -28.55 -30.78 8.02
N ALA J 67 -28.82 -31.97 7.49
CA ALA J 67 -28.46 -32.38 6.12
C ALA J 67 -29.63 -33.12 5.46
N GLU J 68 -30.06 -32.64 4.29
CA GLU J 68 -31.10 -33.27 3.45
C GLU J 68 -30.43 -33.99 2.28
N ARG J 69 -31.10 -34.99 1.72
CA ARG J 69 -30.80 -35.57 0.40
C ARG J 69 -32.12 -35.91 -0.28
N PRO J 70 -32.83 -34.89 -0.85
CA PRO J 70 -34.07 -35.15 -1.57
C PRO J 70 -33.74 -35.86 -2.89
N LYS J 71 -34.60 -36.77 -3.31
CA LYS J 71 -34.47 -37.51 -4.59
C LYS J 71 -33.27 -38.45 -4.52
N GLY J 72 -32.59 -38.52 -3.36
CA GLY J 72 -31.58 -39.57 -3.07
C GLY J 72 -30.35 -39.46 -3.95
N SER J 73 -30.16 -38.31 -4.60
CA SER J 73 -28.97 -37.96 -5.42
C SER J 73 -28.07 -37.00 -4.63
N PHE J 74 -28.06 -35.72 -4.99
CA PHE J 74 -27.26 -34.64 -4.33
C PHE J 74 -27.77 -34.44 -2.90
N SER J 75 -26.85 -34.18 -1.97
CA SER J 75 -27.12 -33.83 -0.56
C SER J 75 -26.59 -32.43 -0.25
N THR J 76 -27.20 -31.75 0.72
CA THR J 76 -26.67 -30.53 1.36
C THR J 76 -26.51 -30.78 2.85
N LEU J 77 -25.40 -30.32 3.42
CA LEU J 77 -25.24 -30.03 4.87
C LEU J 77 -25.57 -28.57 5.11
N GLU J 78 -26.17 -28.25 6.26
CA GLU J 78 -26.54 -26.87 6.65
C GLU J 78 -26.20 -26.67 8.13
N ILE J 79 -25.18 -25.85 8.41
CA ILE J 79 -24.82 -25.40 9.78
C ILE J 79 -25.48 -24.04 10.04
N GLN J 80 -26.14 -23.90 11.19
CA GLN J 80 -26.89 -22.70 11.60
C GLN J 80 -26.09 -21.97 12.68
N ARG J 81 -26.36 -20.67 12.88
CA ARG J 81 -25.72 -19.81 13.90
C ARG J 81 -24.30 -20.33 14.18
N THR J 82 -23.37 -20.11 13.25
CA THR J 82 -22.00 -20.72 13.24
C THR J 82 -21.20 -20.17 14.43
N GLU J 83 -20.40 -21.05 15.05
CA GLU J 83 -19.45 -20.71 16.13
C GLU J 83 -18.04 -21.09 15.65
N GLN J 84 -17.00 -20.57 16.31
CA GLN J 84 -15.57 -20.81 15.96
C GLN J 84 -15.29 -22.33 16.00
N GLY J 85 -15.92 -23.04 16.93
CA GLY J 85 -15.70 -24.49 17.16
C GLY J 85 -16.12 -25.33 15.95
N ASP J 86 -17.04 -24.81 15.12
CA ASP J 86 -17.59 -25.51 13.94
C ASP J 86 -16.52 -25.59 12.84
N SER J 87 -15.51 -24.71 12.91
CA SER J 87 -14.40 -24.60 11.92
C SER J 87 -13.74 -25.97 11.74
N ALA J 88 -13.81 -26.53 10.53
CA ALA J 88 -13.35 -27.91 10.20
C ALA J 88 -13.51 -28.18 8.71
N MET J 89 -12.85 -29.23 8.23
CA MET J 89 -13.09 -29.83 6.91
C MET J 89 -14.36 -30.67 7.00
N TYR J 90 -15.33 -30.38 6.15
CA TYR J 90 -16.63 -31.12 6.08
C TYR J 90 -16.60 -32.01 4.85
N LEU J 91 -16.40 -33.31 5.06
CA LEU J 91 -16.11 -34.33 4.01
C LEU J 91 -17.42 -34.98 3.57
N CYS J 92 -17.67 -35.04 2.25
CA CYS J 92 -18.78 -35.81 1.63
C CYS J 92 -18.22 -37.06 0.93
N ALA J 93 -18.83 -38.22 1.18
CA ALA J 93 -18.43 -39.52 0.59
C ALA J 93 -19.67 -40.26 0.12
N SER J 94 -19.67 -40.72 -1.13
CA SER J 94 -20.60 -41.75 -1.64
C SER J 94 -19.99 -43.13 -1.39
N SER J 95 -20.83 -44.14 -1.21
CA SER J 95 -20.45 -45.46 -0.67
C SER J 95 -21.32 -46.57 -1.28
N SER J 96 -20.67 -47.63 -1.75
CA SER J 96 -21.28 -48.95 -2.02
C SER J 96 -21.95 -49.49 -0.75
N ALA J 97 -23.12 -50.09 -0.90
CA ALA J 97 -23.85 -50.80 0.17
C ALA J 97 -23.33 -52.24 0.26
N ASN J 98 -22.87 -52.81 -0.85
CA ASN J 98 -22.47 -54.25 -0.95
C ASN J 98 -21.03 -54.43 -0.43
N SER J 99 -20.06 -53.64 -0.92
CA SER J 99 -18.82 -53.29 -0.17
C SER J 99 -19.11 -52.11 0.75
N GLY J 100 -18.14 -51.69 1.54
CA GLY J 100 -18.31 -50.54 2.47
C GLY J 100 -17.47 -49.36 2.05
N GLU J 101 -17.16 -49.27 0.78
CA GLU J 101 -16.09 -48.39 0.26
C GLU J 101 -16.61 -46.96 0.24
N LEU J 102 -15.88 -46.05 0.89
CA LEU J 102 -16.13 -44.59 0.85
C LEU J 102 -15.30 -43.99 -0.28
N PHE J 103 -15.92 -43.10 -1.07
CA PHE J 103 -15.26 -42.35 -2.18
C PHE J 103 -15.47 -40.86 -1.95
N PHE J 104 -14.45 -40.21 -1.39
CA PHE J 104 -14.53 -38.84 -0.81
C PHE J 104 -14.39 -37.81 -1.92
N GLY J 105 -15.10 -36.69 -1.78
CA GLY J 105 -14.80 -35.42 -2.45
C GLY J 105 -13.59 -34.75 -1.82
N GLU J 106 -13.25 -33.56 -2.30
CA GLU J 106 -12.06 -32.78 -1.83
C GLU J 106 -12.47 -31.92 -0.63
N GLY J 107 -13.67 -32.14 -0.09
CA GLY J 107 -14.10 -31.56 1.19
C GLY J 107 -14.43 -30.07 1.07
N SER J 108 -15.11 -29.52 2.08
CA SER J 108 -15.36 -28.07 2.25
C SER J 108 -14.73 -27.59 3.56
N ARG J 109 -13.67 -26.76 3.47
CA ARG J 109 -13.02 -26.09 4.63
C ARG J 109 -13.88 -24.90 5.05
N LEU J 110 -14.50 -24.98 6.23
CA LEU J 110 -15.19 -23.85 6.88
C LEU J 110 -14.31 -23.28 7.98
N THR J 111 -13.86 -22.04 7.81
CA THR J 111 -13.21 -21.23 8.86
C THR J 111 -14.21 -20.15 9.33
N VAL J 112 -14.53 -20.15 10.63
CA VAL J 112 -15.51 -19.23 11.27
C VAL J 112 -14.75 -18.23 12.14
N LEU J 113 -14.94 -16.92 11.89
CA LEU J 113 -14.21 -15.80 12.57
C LEU J 113 -15.24 -14.80 13.11
N GLU J 114 -14.86 -14.00 14.12
CA GLU J 114 -15.79 -13.09 14.85
C GLU J 114 -16.05 -11.85 13.99
N ASP J 115 -15.13 -11.51 13.06
CA ASP J 115 -15.40 -10.58 11.92
C ASP J 115 -14.28 -10.72 10.87
N LEU J 116 -14.43 -10.04 9.71
CA LEU J 116 -13.71 -10.32 8.46
C LEU J 116 -12.52 -9.35 8.29
N LYS J 117 -12.48 -8.27 9.07
CA LYS J 117 -11.41 -7.23 9.02
C LYS J 117 -10.03 -7.92 8.97
N ASN J 118 -9.90 -9.06 9.65
CA ASN J 118 -8.61 -9.75 9.89
C ASN J 118 -8.14 -10.47 8.60
N VAL J 119 -9.04 -10.66 7.63
CA VAL J 119 -8.79 -11.46 6.38
C VAL J 119 -7.94 -10.62 5.42
N PHE J 120 -6.70 -11.06 5.16
CA PHE J 120 -5.75 -10.44 4.21
C PHE J 120 -5.28 -11.50 3.20
N PRO J 121 -5.05 -11.12 1.92
CA PRO J 121 -4.45 -12.02 0.95
C PRO J 121 -2.94 -12.13 1.19
N PRO J 122 -2.23 -13.02 0.46
CA PRO J 122 -0.78 -13.13 0.58
C PRO J 122 -0.01 -12.08 -0.25
N GLU J 123 1.12 -11.61 0.28
CA GLU J 123 2.23 -11.04 -0.51
C GLU J 123 3.21 -12.18 -0.86
N VAL J 124 3.53 -12.32 -2.14
CA VAL J 124 4.37 -13.44 -2.68
C VAL J 124 5.67 -12.86 -3.21
N ALA J 125 6.79 -13.35 -2.71
CA ALA J 125 8.15 -12.98 -3.14
C ALA J 125 8.93 -14.23 -3.56
N VAL J 126 9.56 -14.20 -4.73
CA VAL J 126 10.59 -15.18 -5.16
C VAL J 126 11.97 -14.60 -4.80
N PHE J 127 12.90 -15.45 -4.37
CA PHE J 127 14.30 -15.08 -4.02
C PHE J 127 15.26 -15.94 -4.83
N GLU J 128 16.04 -15.31 -5.72
CA GLU J 128 16.88 -16.00 -6.75
C GLU J 128 17.98 -16.79 -6.03
N PRO J 129 18.58 -17.81 -6.68
CA PRO J 129 19.65 -18.60 -6.06
C PRO J 129 20.87 -17.74 -5.69
N SER J 130 21.71 -18.26 -4.79
CA SER J 130 23.01 -17.66 -4.38
C SER J 130 24.12 -18.19 -5.30
N GLU J 131 25.07 -17.32 -5.67
CA GLU J 131 26.27 -17.71 -6.46
C GLU J 131 27.14 -18.62 -5.60
N ALA J 132 27.25 -18.31 -4.31
CA ALA J 132 27.82 -19.20 -3.26
C ALA J 132 27.29 -20.63 -3.44
N GLU J 133 25.96 -20.80 -3.49
CA GLU J 133 25.28 -22.12 -3.64
C GLU J 133 25.73 -22.78 -4.95
N ILE J 134 25.95 -21.99 -6.00
CA ILE J 134 26.22 -22.49 -7.38
C ILE J 134 27.72 -22.85 -7.51
N SER J 135 28.60 -22.11 -6.82
CA SER J 135 30.08 -22.29 -6.88
C SER J 135 30.52 -23.45 -5.96
N HIS J 136 29.58 -23.98 -5.16
CA HIS J 136 29.78 -25.13 -4.23
C HIS J 136 29.16 -26.40 -4.83
N THR J 137 27.93 -26.28 -5.33
CA THR J 137 26.99 -27.42 -5.55
C THR J 137 26.76 -27.64 -7.06
N GLN J 138 26.95 -26.59 -7.87
CA GLN J 138 26.39 -26.47 -9.24
C GLN J 138 24.91 -26.92 -9.20
N LYS J 139 24.18 -26.48 -8.17
CA LYS J 139 22.70 -26.50 -8.11
C LYS J 139 22.21 -25.15 -7.58
N ALA J 140 21.01 -24.72 -7.99
CA ALA J 140 20.42 -23.39 -7.72
C ALA J 140 19.02 -23.56 -7.11
N THR J 141 18.83 -23.12 -5.86
CA THR J 141 17.54 -23.15 -5.12
C THR J 141 16.92 -21.75 -5.17
N LEU J 142 15.85 -21.60 -5.94
CA LEU J 142 14.86 -20.51 -5.78
C LEU J 142 14.08 -20.74 -4.49
N VAL J 143 13.75 -19.66 -3.79
CA VAL J 143 12.89 -19.67 -2.57
C VAL J 143 11.67 -18.76 -2.82
N CYS J 144 10.50 -19.17 -2.35
CA CYS J 144 9.23 -18.39 -2.45
C CYS J 144 8.61 -18.20 -1.07
N LEU J 145 8.03 -17.02 -0.82
CA LEU J 145 7.69 -16.50 0.52
C LEU J 145 6.36 -15.74 0.44
N ALA J 146 5.26 -16.45 0.68
CA ALA J 146 3.91 -15.88 0.89
C ALA J 146 3.76 -15.47 2.36
N THR J 147 3.59 -14.16 2.60
CA THR J 147 3.66 -13.53 3.95
C THR J 147 2.36 -12.79 4.24
N GLY J 148 1.94 -12.80 5.51
CA GLY J 148 0.84 -11.97 6.05
C GLY J 148 -0.46 -12.21 5.29
N PHE J 149 -1.04 -13.41 5.43
CA PHE J 149 -2.38 -13.78 4.92
C PHE J 149 -3.19 -14.43 6.04
N TYR J 150 -4.51 -14.28 5.98
CA TYR J 150 -5.51 -14.81 6.95
C TYR J 150 -6.79 -15.14 6.21
N PRO J 151 -7.35 -16.37 6.34
CA PRO J 151 -6.81 -17.40 7.23
C PRO J 151 -5.81 -18.31 6.51
N ASP J 152 -5.40 -19.40 7.17
CA ASP J 152 -4.08 -20.06 6.96
C ASP J 152 -4.08 -20.90 5.68
N HIS J 153 -5.26 -21.13 5.05
CA HIS J 153 -5.41 -22.06 3.89
C HIS J 153 -5.18 -21.30 2.58
N VAL J 154 -3.98 -21.46 2.01
CA VAL J 154 -3.60 -21.06 0.62
C VAL J 154 -3.03 -22.30 -0.09
N GLU J 155 -2.83 -22.21 -1.41
CA GLU J 155 -2.23 -23.28 -2.25
C GLU J 155 -1.15 -22.68 -3.13
N LEU J 156 0.10 -23.10 -2.92
CA LEU J 156 1.31 -22.54 -3.57
C LEU J 156 1.85 -23.55 -4.57
N SER J 157 2.16 -23.11 -5.78
CA SER J 157 2.64 -23.96 -6.89
C SER J 157 3.82 -23.28 -7.61
N TRP J 158 4.70 -24.07 -8.23
CA TRP J 158 5.84 -23.62 -9.05
C TRP J 158 5.52 -23.82 -10.52
N TRP J 159 5.67 -22.77 -11.32
CA TRP J 159 5.41 -22.78 -12.78
C TRP J 159 6.70 -22.43 -13.53
N VAL J 160 7.34 -23.45 -14.12
CA VAL J 160 8.56 -23.33 -14.97
C VAL J 160 8.13 -23.29 -16.44
N ASN J 161 8.37 -22.17 -17.12
CA ASN J 161 8.02 -21.96 -18.55
C ASN J 161 6.53 -22.21 -18.71
N GLY J 162 5.71 -21.63 -17.83
CA GLY J 162 4.23 -21.69 -17.89
C GLY J 162 3.71 -23.13 -17.83
N LYS J 163 4.45 -24.02 -17.16
CA LYS J 163 4.04 -25.43 -16.87
C LYS J 163 4.35 -25.76 -15.41
N GLU J 164 3.32 -25.97 -14.58
CA GLU J 164 3.47 -26.45 -13.19
C GLU J 164 4.32 -27.73 -13.20
N VAL J 165 5.32 -27.82 -12.32
CA VAL J 165 6.08 -29.06 -12.02
C VAL J 165 6.28 -29.18 -10.51
N HIS J 166 6.49 -30.41 -10.03
CA HIS J 166 6.67 -30.77 -8.60
C HIS J 166 8.09 -31.30 -8.36
N SER J 167 8.68 -31.94 -9.36
CA SER J 167 10.08 -32.42 -9.34
C SER J 167 10.99 -31.29 -8.85
N GLY J 168 11.68 -31.49 -7.73
CA GLY J 168 12.65 -30.54 -7.16
C GLY J 168 11.97 -29.39 -6.43
N VAL J 169 10.71 -29.56 -6.01
CA VAL J 169 9.97 -28.59 -5.15
C VAL J 169 9.86 -29.15 -3.75
N CYS J 170 9.91 -28.27 -2.74
CA CYS J 170 9.37 -28.51 -1.37
C CYS J 170 8.59 -27.28 -0.91
N THR J 171 7.37 -27.51 -0.42
CA THR J 171 6.55 -26.51 0.33
C THR J 171 6.38 -26.99 1.77
N ASP J 172 6.36 -26.07 2.73
CA ASP J 172 6.11 -26.34 4.18
C ASP J 172 4.79 -27.10 4.30
N PRO J 173 4.80 -28.35 4.83
CA PRO J 173 3.58 -29.14 4.93
C PRO J 173 2.39 -28.32 5.46
N GLN J 174 2.64 -27.44 6.43
CA GLN J 174 1.60 -26.58 7.07
C GLN J 174 2.16 -25.16 7.24
N PRO J 175 1.35 -24.11 6.99
CA PRO J 175 1.81 -22.72 7.12
C PRO J 175 2.27 -22.34 8.52
N LEU J 176 2.70 -21.08 8.70
CA LEU J 176 3.53 -20.61 9.85
C LEU J 176 2.94 -19.31 10.43
N LYS J 177 2.53 -19.36 11.71
CA LYS J 177 2.13 -18.16 12.50
C LYS J 177 3.31 -17.19 12.55
N GLU J 178 3.07 -15.91 12.23
CA GLU J 178 4.10 -14.85 12.22
C GLU J 178 4.39 -14.41 13.66
N GLN J 179 3.33 -14.14 14.45
CA GLN J 179 3.42 -13.85 15.90
C GLN J 179 2.78 -14.98 16.70
N PRO J 180 3.53 -16.08 16.98
CA PRO J 180 2.96 -17.26 17.64
C PRO J 180 2.16 -16.92 18.90
N ALA J 181 2.53 -15.82 19.57
CA ALA J 181 1.92 -15.34 20.84
C ALA J 181 0.55 -14.71 20.56
N LEU J 182 0.37 -14.09 19.39
CA LEU J 182 -0.85 -13.32 19.02
C LEU J 182 -1.94 -14.29 18.54
N ASN J 183 -3.20 -14.05 18.97
CA ASN J 183 -4.41 -14.80 18.53
C ASN J 183 -4.72 -14.45 17.08
N ASP J 184 -4.66 -13.15 16.73
CA ASP J 184 -5.05 -12.60 15.41
C ASP J 184 -3.96 -12.91 14.38
N SER J 185 -2.80 -13.40 14.84
CA SER J 185 -1.59 -13.65 14.02
C SER J 185 -1.97 -14.17 12.64
N ARG J 186 -1.57 -13.45 11.58
CA ARG J 186 -1.57 -13.92 10.17
C ARG J 186 -0.54 -15.04 10.02
N TYR J 187 -0.59 -15.78 8.91
CA TYR J 187 0.25 -16.98 8.65
C TYR J 187 1.13 -16.73 7.43
N ALA J 188 2.26 -17.45 7.35
CA ALA J 188 3.29 -17.30 6.31
C ALA J 188 3.74 -18.69 5.83
N LEU J 189 4.18 -18.79 4.57
CA LEU J 189 4.49 -20.08 3.90
C LEU J 189 5.69 -19.89 2.98
N SER J 190 6.66 -20.81 3.08
CA SER J 190 7.91 -20.84 2.28
C SER J 190 7.89 -22.08 1.37
N SER J 191 8.46 -21.95 0.17
CA SER J 191 8.63 -23.07 -0.80
C SER J 191 10.01 -22.97 -1.45
N ARG J 192 10.44 -24.06 -2.09
CA ARG J 192 11.79 -24.22 -2.69
C ARG J 192 11.66 -24.98 -4.00
N LEU J 193 12.15 -24.40 -5.11
CA LEU J 193 12.45 -25.12 -6.38
C LEU J 193 13.97 -25.15 -6.58
N ARG J 194 14.54 -26.36 -6.65
CA ARG J 194 15.99 -26.59 -6.90
C ARG J 194 16.15 -27.17 -8.31
N VAL J 195 17.06 -26.60 -9.10
CA VAL J 195 17.40 -27.02 -10.49
C VAL J 195 18.92 -26.91 -10.68
N SER J 196 19.46 -27.61 -11.69
CA SER J 196 20.89 -27.55 -12.09
C SER J 196 21.28 -26.10 -12.40
N ALA J 197 22.44 -25.67 -11.95
CA ALA J 197 22.97 -24.30 -12.11
C ALA J 197 22.94 -23.92 -13.60
N THR J 198 23.20 -24.89 -14.49
CA THR J 198 23.12 -24.75 -15.97
C THR J 198 21.72 -24.24 -16.35
N PHE J 199 20.68 -24.75 -15.68
CA PHE J 199 19.24 -24.47 -15.99
C PHE J 199 18.87 -23.05 -15.52
N TRP J 200 19.34 -22.64 -14.34
CA TRP J 200 19.19 -21.26 -13.82
C TRP J 200 19.97 -20.29 -14.71
N GLN J 201 21.06 -20.77 -15.32
CA GLN J 201 21.98 -19.97 -16.17
C GLN J 201 21.56 -20.09 -17.64
N ASP J 202 20.25 -20.25 -17.88
CA ASP J 202 19.58 -19.98 -19.17
C ASP J 202 18.64 -18.80 -19.01
N PRO J 203 18.90 -17.66 -19.69
CA PRO J 203 18.00 -16.51 -19.60
C PRO J 203 16.68 -16.79 -20.32
N ARG J 204 16.62 -17.90 -21.06
CA ARG J 204 15.43 -18.40 -21.82
C ARG J 204 14.53 -19.26 -20.88
N ASN J 205 14.67 -19.10 -19.57
CA ASN J 205 13.96 -19.92 -18.55
C ASN J 205 13.16 -19.00 -17.63
N HIS J 206 11.86 -19.26 -17.50
CA HIS J 206 10.89 -18.48 -16.70
C HIS J 206 10.46 -19.30 -15.48
N PHE J 207 10.59 -18.72 -14.28
CA PHE J 207 10.11 -19.31 -13.01
C PHE J 207 9.07 -18.38 -12.40
N ARG J 208 7.86 -18.88 -12.16
CA ARG J 208 6.79 -18.17 -11.39
C ARG J 208 6.37 -19.03 -10.21
N CYS J 209 6.40 -18.44 -9.01
CA CYS J 209 5.75 -18.97 -7.79
C CYS J 209 4.37 -18.31 -7.62
N GLN J 210 3.34 -19.14 -7.44
CA GLN J 210 1.91 -18.77 -7.61
C GLN J 210 1.10 -19.32 -6.43
N VAL J 211 0.43 -18.43 -5.67
CA VAL J 211 -0.29 -18.77 -4.41
C VAL J 211 -1.78 -18.45 -4.58
N GLN J 212 -2.60 -19.49 -4.74
CA GLN J 212 -4.07 -19.41 -4.68
C GLN J 212 -4.51 -19.17 -3.23
N PHE J 213 -4.95 -17.96 -2.93
CA PHE J 213 -5.64 -17.57 -1.66
C PHE J 213 -7.10 -17.98 -1.74
N TYR J 214 -7.66 -18.39 -0.60
CA TYR J 214 -9.11 -18.69 -0.45
C TYR J 214 -9.70 -17.75 0.61
N GLY J 215 -10.36 -16.68 0.14
CA GLY J 215 -10.75 -15.52 0.95
C GLY J 215 -12.26 -15.34 1.00
N LEU J 216 -12.75 -14.15 0.61
CA LEU J 216 -14.20 -13.80 0.61
C LEU J 216 -14.76 -13.94 -0.82
N SER J 217 -16.08 -13.94 -0.94
CA SER J 217 -16.83 -14.18 -2.20
C SER J 217 -17.24 -12.84 -2.83
N GLU J 218 -17.94 -12.90 -3.97
CA GLU J 218 -18.59 -11.73 -4.61
C GLU J 218 -19.62 -11.13 -3.66
N ASN J 219 -20.52 -11.97 -3.12
CA ASN J 219 -21.72 -11.54 -2.34
C ASN J 219 -21.34 -11.33 -0.87
N ASP J 220 -20.04 -11.14 -0.58
CA ASP J 220 -19.52 -10.82 0.79
C ASP J 220 -19.54 -9.30 0.98
N GLU J 221 -19.92 -8.86 2.18
CA GLU J 221 -20.05 -7.43 2.56
C GLU J 221 -18.68 -6.89 3.00
N TRP J 222 -18.30 -5.71 2.52
CA TRP J 222 -16.98 -5.06 2.75
C TRP J 222 -17.10 -3.55 2.54
N THR J 223 -16.84 -2.76 3.60
CA THR J 223 -16.82 -1.27 3.56
C THR J 223 -15.55 -0.76 4.28
N GLN J 224 -14.38 -1.25 3.86
CA GLN J 224 -13.06 -0.83 4.38
C GLN J 224 -12.23 -0.23 3.23
N ASP J 225 -11.36 0.73 3.56
CA ASP J 225 -10.62 1.60 2.60
C ASP J 225 -9.87 0.74 1.58
N ARG J 226 -9.21 -0.34 2.04
CA ARG J 226 -8.37 -1.22 1.19
C ARG J 226 -9.26 -2.11 0.31
N ALA J 227 -8.66 -2.81 -0.66
CA ALA J 227 -9.35 -3.71 -1.63
C ALA J 227 -9.98 -4.89 -0.87
N LYS J 228 -11.07 -5.44 -1.41
CA LYS J 228 -11.79 -6.62 -0.84
C LYS J 228 -10.86 -7.83 -0.90
N PRO J 229 -10.57 -8.50 0.26
CA PRO J 229 -9.71 -9.67 0.28
C PRO J 229 -10.43 -10.93 -0.25
N VAL J 230 -10.67 -10.96 -1.56
CA VAL J 230 -11.42 -12.06 -2.25
C VAL J 230 -10.43 -13.16 -2.63
N THR J 231 -10.94 -14.38 -2.82
CA THR J 231 -10.21 -15.53 -3.41
C THR J 231 -9.46 -15.05 -4.66
N GLN J 232 -8.13 -15.10 -4.65
CA GLN J 232 -7.25 -14.54 -5.71
C GLN J 232 -6.01 -15.44 -5.86
N ILE J 233 -5.37 -15.39 -7.03
CA ILE J 233 -4.00 -15.92 -7.29
C ILE J 233 -3.00 -14.77 -7.15
N VAL J 234 -2.10 -14.85 -6.18
CA VAL J 234 -0.93 -13.92 -6.02
C VAL J 234 0.33 -14.63 -6.49
N SER J 235 1.02 -14.06 -7.49
CA SER J 235 2.23 -14.63 -8.13
C SER J 235 3.46 -13.78 -7.82
N ALA J 236 4.65 -14.35 -8.05
CA ALA J 236 5.96 -13.66 -8.04
C ALA J 236 6.87 -14.32 -9.07
N GLU J 237 7.69 -13.54 -9.77
CA GLU J 237 8.38 -14.01 -10.98
C GLU J 237 9.89 -13.85 -10.84
N ALA J 238 10.62 -14.62 -11.66
CA ALA J 238 12.10 -14.69 -11.69
C ALA J 238 12.53 -15.32 -13.02
N TRP J 239 13.59 -14.80 -13.61
CA TRP J 239 14.13 -15.22 -14.93
C TRP J 239 15.56 -15.73 -14.75
N GLY J 240 15.98 -16.67 -15.60
CA GLY J 240 17.36 -17.20 -15.63
C GLY J 240 18.39 -16.10 -15.89
N ARG J 241 19.64 -16.33 -15.49
CA ARG J 241 20.77 -15.40 -15.71
C ARG J 241 22.09 -16.15 -15.50
N ALA J 242 23.08 -15.89 -16.36
CA ALA J 242 24.42 -16.52 -16.33
C ALA J 242 25.35 -15.71 -15.43
N ASP J 243 24.87 -14.57 -14.89
CA ASP J 243 25.61 -13.69 -13.95
C ASP J 243 25.13 -13.97 -12.51
C1 PEG K . 48.41 67.54 -4.35
O1 PEG K . 49.73 67.61 -3.82
C2 PEG K . 47.35 67.89 -3.34
O2 PEG K . 46.08 68.00 -3.97
C3 PEG K . 45.66 69.35 -4.14
C4 PEG K . 46.48 70.02 -5.20
O4 PEG K . 45.85 71.16 -5.72
S SO4 L . 33.95 30.07 -12.83
O1 SO4 L . 34.39 29.82 -11.49
O2 SO4 L . 33.85 28.82 -13.54
O3 SO4 L . 32.65 30.70 -12.81
O4 SO4 L . 34.89 30.92 -13.50
S SO4 M . 38.63 49.86 -29.76
O1 SO4 M . 38.28 49.43 -28.44
O2 SO4 M . 39.82 49.19 -30.19
O3 SO4 M . 38.87 51.29 -29.74
O4 SO4 M . 37.56 49.58 -30.67
S SO4 N . 27.02 39.77 -6.71
O1 SO4 N . 28.32 39.16 -6.65
O2 SO4 N . 26.01 38.75 -6.77
O3 SO4 N . 26.83 40.58 -5.53
O4 SO4 N . 26.93 40.59 -7.88
C1 PEG O . -42.29 -48.15 -2.30
O1 PEG O . -41.61 -49.35 -2.00
C2 PEG O . -41.61 -47.37 -3.38
O2 PEG O . -42.10 -47.78 -4.66
C3 PEG O . -41.16 -47.54 -5.71
C4 PEG O . -41.64 -48.20 -6.97
O4 PEG O . -41.18 -49.53 -7.08
S SO4 P . -49.88 -54.52 -15.47
O1 SO4 P . -48.51 -54.97 -15.56
O2 SO4 P . -50.61 -55.38 -14.59
O3 SO4 P . -49.89 -53.17 -14.94
O4 SO4 P . -50.48 -54.53 -16.78
S SO4 Q . 4.38 -48.21 -5.21
O1 SO4 Q . 5.68 -47.83 -4.73
O2 SO4 Q . 4.06 -49.54 -4.76
O3 SO4 Q . 3.40 -47.29 -4.70
O4 SO4 Q . 4.37 -48.18 -6.65
#